data_6HMZ
# 
_entry.id   6HMZ 
# 
_audit_conform.dict_name       mmcif_pdbx.dic 
_audit_conform.dict_version    5.383 
_audit_conform.dict_location   http://mmcif.pdb.org/dictionaries/ascii/mmcif_pdbx.dic 
# 
loop_
_database_2.database_id 
_database_2.database_code 
_database_2.pdbx_database_accession 
_database_2.pdbx_DOI 
PDB   6HMZ         pdb_00006hmz 10.2210/pdb6hmz/pdb 
WWPDB D_1200011868 ?            ?                   
# 
loop_
_pdbx_audit_revision_history.ordinal 
_pdbx_audit_revision_history.data_content_type 
_pdbx_audit_revision_history.major_revision 
_pdbx_audit_revision_history.minor_revision 
_pdbx_audit_revision_history.revision_date 
1 'Structure model' 1 0 2018-11-21 
2 'Structure model' 1 1 2019-07-10 
3 'Structure model' 1 2 2024-01-24 
# 
_pdbx_audit_revision_details.ordinal             1 
_pdbx_audit_revision_details.revision_ordinal    1 
_pdbx_audit_revision_details.data_content_type   'Structure model' 
_pdbx_audit_revision_details.provider            repository 
_pdbx_audit_revision_details.type                'Initial release' 
_pdbx_audit_revision_details.description         ? 
_pdbx_audit_revision_details.details             ? 
# 
loop_
_pdbx_audit_revision_group.ordinal 
_pdbx_audit_revision_group.revision_ordinal 
_pdbx_audit_revision_group.data_content_type 
_pdbx_audit_revision_group.group 
1 2 'Structure model' 'Data collection'        
2 2 'Structure model' 'Database references'    
3 3 'Structure model' 'Data collection'        
4 3 'Structure model' 'Database references'    
5 3 'Structure model' 'Derived calculations'   
6 3 'Structure model' 'Refinement description' 
# 
loop_
_pdbx_audit_revision_category.ordinal 
_pdbx_audit_revision_category.revision_ordinal 
_pdbx_audit_revision_category.data_content_type 
_pdbx_audit_revision_category.category 
1 2 'Structure model' citation                      
2 2 'Structure model' citation_author               
3 2 'Structure model' pdbx_database_proc            
4 3 'Structure model' chem_comp_atom                
5 3 'Structure model' chem_comp_bond                
6 3 'Structure model' database_2                    
7 3 'Structure model' pdbx_initial_refinement_model 
8 3 'Structure model' struct_conn                   
9 3 'Structure model' struct_conn_type              
# 
loop_
_pdbx_audit_revision_item.ordinal 
_pdbx_audit_revision_item.revision_ordinal 
_pdbx_audit_revision_item.data_content_type 
_pdbx_audit_revision_item.item 
1  2 'Structure model' '_citation.country'                   
2  2 'Structure model' '_citation.journal_abbrev'            
3  2 'Structure model' '_citation.journal_id_CSD'            
4  2 'Structure model' '_citation.journal_id_ISSN'           
5  2 'Structure model' '_citation.journal_volume'            
6  2 'Structure model' '_citation.page_first'                
7  2 'Structure model' '_citation.page_last'                 
8  2 'Structure model' '_citation.pdbx_database_id_DOI'      
9  2 'Structure model' '_citation.pdbx_database_id_PubMed'   
10 2 'Structure model' '_citation.title'                     
11 2 'Structure model' '_citation.year'                      
12 3 'Structure model' '_database_2.pdbx_DOI'                
13 3 'Structure model' '_database_2.pdbx_database_accession' 
14 3 'Structure model' '_struct_conn.conn_type_id'           
15 3 'Structure model' '_struct_conn.id'                     
16 3 'Structure model' '_struct_conn.pdbx_dist_value'        
17 3 'Structure model' '_struct_conn.pdbx_leaving_atom_flag' 
18 3 'Structure model' '_struct_conn.ptnr1_auth_asym_id'     
19 3 'Structure model' '_struct_conn.ptnr1_auth_comp_id'     
20 3 'Structure model' '_struct_conn.ptnr1_auth_seq_id'      
21 3 'Structure model' '_struct_conn.ptnr1_label_asym_id'    
22 3 'Structure model' '_struct_conn.ptnr1_label_atom_id'    
23 3 'Structure model' '_struct_conn.ptnr1_label_comp_id'    
24 3 'Structure model' '_struct_conn.ptnr1_label_seq_id'     
25 3 'Structure model' '_struct_conn.ptnr2_auth_asym_id'     
26 3 'Structure model' '_struct_conn.ptnr2_auth_comp_id'     
27 3 'Structure model' '_struct_conn.ptnr2_auth_seq_id'      
28 3 'Structure model' '_struct_conn.ptnr2_label_asym_id'    
29 3 'Structure model' '_struct_conn.ptnr2_label_atom_id'    
30 3 'Structure model' '_struct_conn.ptnr2_label_comp_id'    
31 3 'Structure model' '_struct_conn.ptnr2_label_seq_id'     
32 3 'Structure model' '_struct_conn_type.id'                
# 
_pdbx_database_status.status_code                     REL 
_pdbx_database_status.status_code_sf                  REL 
_pdbx_database_status.status_code_mr                  ? 
_pdbx_database_status.entry_id                        6HMZ 
_pdbx_database_status.recvd_initial_deposition_date   2018-09-13 
_pdbx_database_status.SG_entry                        N 
_pdbx_database_status.deposit_site                    PDBE 
_pdbx_database_status.process_site                    PDBE 
_pdbx_database_status.status_code_cs                  ? 
_pdbx_database_status.methods_development_category    ? 
_pdbx_database_status.pdb_format_compatible           Y 
_pdbx_database_status.status_code_nmr_data            ? 
# 
loop_
_audit_author.name 
_audit_author.pdbx_ordinal 
_audit_author.identifier_ORCID 
'Falke, S.'   1 0000-0003-3409-1791 
'Hanhart, P.' 2 ?                   
'Garbe, M.'   3 ?                   
'Thiess, M.'  4 ?                   
'Betzel, C.'  5 ?                   
'Kehr, J.'    6 ?                   
# 
_citation.abstract                  ? 
_citation.abstract_id_CAS           ? 
_citation.book_id_ISBN              ? 
_citation.book_publisher            ? 
_citation.book_publisher_city       ? 
_citation.book_title                ? 
_citation.coordinate_linkage        ? 
_citation.country                   UK 
_citation.database_id_Medline       ? 
_citation.details                   ? 
_citation.id                        primary 
_citation.journal_abbrev            'Sci Rep' 
_citation.journal_id_ASTM           ? 
_citation.journal_id_CSD            ? 
_citation.journal_id_ISSN           2045-2322 
_citation.journal_full              ? 
_citation.journal_issue             ? 
_citation.journal_volume            9 
_citation.language                  ? 
_citation.page_first                9368 
_citation.page_last                 9368 
_citation.title                     
'Enzyme activity and structural features of three single-domain phloem cyclophilins from Brassica napus.' 
_citation.year                      2019 
_citation.database_id_CSD           ? 
_citation.pdbx_database_id_DOI      10.1038/s41598-019-45856-y 
_citation.pdbx_database_id_PubMed   31249367 
_citation.unpublished_flag          ? 
# 
loop_
_citation_author.citation_id 
_citation_author.name 
_citation_author.ordinal 
_citation_author.identifier_ORCID 
primary 'Hanhart, P.' 1 ?                   
primary 'Falke, S.'   2 ?                   
primary 'Garbe, M.'   3 ?                   
primary 'Rose, V.'    4 ?                   
primary 'Thiess, M.'  5 ?                   
primary 'Betzel, C.'  6 ?                   
primary 'Kehr, J.'    7 0000-0003-3617-9981 
# 
loop_
_entity.id 
_entity.type 
_entity.src_method 
_entity.pdbx_description 
_entity.formula_weight 
_entity.pdbx_number_of_molecules 
_entity.pdbx_ec 
_entity.pdbx_mutation 
_entity.pdbx_fragment 
_entity.details 
1 polymer     man 'Peptidyl-prolyl cis-trans isomerase' 19371.025 1  5.2.1.8 ? ? ? 
2 polymer     syn Cyclosporin                           1220.625  1  ?       ? ? ? 
3 non-polymer syn 'MAGNESIUM ION'                       24.305    1  ?       ? ? ? 
4 non-polymer syn 'MALONATE ION'                        102.046   1  ?       ? ? ? 
5 water       nat water                                 18.015    50 ?       ? ? ? 
# 
_entity_name_com.entity_id   1 
_entity_name_com.name        PPIase 
# 
loop_
_entity_poly.entity_id 
_entity_poly.type 
_entity_poly.nstd_linkage 
_entity_poly.nstd_monomer 
_entity_poly.pdbx_seq_one_letter_code 
_entity_poly.pdbx_seq_one_letter_code_can 
_entity_poly.pdbx_strand_id 
_entity_poly.pdbx_target_identifier 
1 'polypeptide(L)' no no  
;MANPKVFFDILIGKMKAGRVVMELFADVTPRTADNFRALCTGEKGIGQAGKALHYKGSAFHRIIPGFMCQGGDFTRGNGT
GGESIYGAKFQDENFKLKHTGPGILSMANSGPNTNGSQFFICTDKTAWLDGKHVVFGKVVDGYNVVKAMEKVGSERGVTS
EPVVIEDCGEIKNETSEVSN
;
;MANPKVFFDILIGKMKAGRVVMELFADVTPRTADNFRALCTGEKGIGQAGKALHYKGSAFHRIIPGFMCQGGDFTRGNGT
GGESIYGAKFQDENFKLKHTGPGILSMANSGPNTNGSQFFICTDKTAWLDGKHVVFGKVVDGYNVVKAMEKVGSERGVTS
EPVVIEDCGEIKNETSEVSN
;
X ? 
2 'polypeptide(L)' no yes '(BMT)(ABA)(SAR)(MLE)V(MLE)A(DAL)(MLE)(MLE)(MVA)' TAGLVLAALLV A ? 
# 
loop_
_pdbx_entity_nonpoly.entity_id 
_pdbx_entity_nonpoly.name 
_pdbx_entity_nonpoly.comp_id 
3 'MAGNESIUM ION' MG  
4 'MALONATE ION'  MLI 
5 water           HOH 
# 
loop_
_entity_poly_seq.entity_id 
_entity_poly_seq.num 
_entity_poly_seq.mon_id 
_entity_poly_seq.hetero 
1 1   MET n 
1 2   ALA n 
1 3   ASN n 
1 4   PRO n 
1 5   LYS n 
1 6   VAL n 
1 7   PHE n 
1 8   PHE n 
1 9   ASP n 
1 10  ILE n 
1 11  LEU n 
1 12  ILE n 
1 13  GLY n 
1 14  LYS n 
1 15  MET n 
1 16  LYS n 
1 17  ALA n 
1 18  GLY n 
1 19  ARG n 
1 20  VAL n 
1 21  VAL n 
1 22  MET n 
1 23  GLU n 
1 24  LEU n 
1 25  PHE n 
1 26  ALA n 
1 27  ASP n 
1 28  VAL n 
1 29  THR n 
1 30  PRO n 
1 31  ARG n 
1 32  THR n 
1 33  ALA n 
1 34  ASP n 
1 35  ASN n 
1 36  PHE n 
1 37  ARG n 
1 38  ALA n 
1 39  LEU n 
1 40  CYS n 
1 41  THR n 
1 42  GLY n 
1 43  GLU n 
1 44  LYS n 
1 45  GLY n 
1 46  ILE n 
1 47  GLY n 
1 48  GLN n 
1 49  ALA n 
1 50  GLY n 
1 51  LYS n 
1 52  ALA n 
1 53  LEU n 
1 54  HIS n 
1 55  TYR n 
1 56  LYS n 
1 57  GLY n 
1 58  SER n 
1 59  ALA n 
1 60  PHE n 
1 61  HIS n 
1 62  ARG n 
1 63  ILE n 
1 64  ILE n 
1 65  PRO n 
1 66  GLY n 
1 67  PHE n 
1 68  MET n 
1 69  CYS n 
1 70  GLN n 
1 71  GLY n 
1 72  GLY n 
1 73  ASP n 
1 74  PHE n 
1 75  THR n 
1 76  ARG n 
1 77  GLY n 
1 78  ASN n 
1 79  GLY n 
1 80  THR n 
1 81  GLY n 
1 82  GLY n 
1 83  GLU n 
1 84  SER n 
1 85  ILE n 
1 86  TYR n 
1 87  GLY n 
1 88  ALA n 
1 89  LYS n 
1 90  PHE n 
1 91  GLN n 
1 92  ASP n 
1 93  GLU n 
1 94  ASN n 
1 95  PHE n 
1 96  LYS n 
1 97  LEU n 
1 98  LYS n 
1 99  HIS n 
1 100 THR n 
1 101 GLY n 
1 102 PRO n 
1 103 GLY n 
1 104 ILE n 
1 105 LEU n 
1 106 SER n 
1 107 MET n 
1 108 ALA n 
1 109 ASN n 
1 110 SER n 
1 111 GLY n 
1 112 PRO n 
1 113 ASN n 
1 114 THR n 
1 115 ASN n 
1 116 GLY n 
1 117 SER n 
1 118 GLN n 
1 119 PHE n 
1 120 PHE n 
1 121 ILE n 
1 122 CYS n 
1 123 THR n 
1 124 ASP n 
1 125 LYS n 
1 126 THR n 
1 127 ALA n 
1 128 TRP n 
1 129 LEU n 
1 130 ASP n 
1 131 GLY n 
1 132 LYS n 
1 133 HIS n 
1 134 VAL n 
1 135 VAL n 
1 136 PHE n 
1 137 GLY n 
1 138 LYS n 
1 139 VAL n 
1 140 VAL n 
1 141 ASP n 
1 142 GLY n 
1 143 TYR n 
1 144 ASN n 
1 145 VAL n 
1 146 VAL n 
1 147 LYS n 
1 148 ALA n 
1 149 MET n 
1 150 GLU n 
1 151 LYS n 
1 152 VAL n 
1 153 GLY n 
1 154 SER n 
1 155 GLU n 
1 156 ARG n 
1 157 GLY n 
1 158 VAL n 
1 159 THR n 
1 160 SER n 
1 161 GLU n 
1 162 PRO n 
1 163 VAL n 
1 164 VAL n 
1 165 ILE n 
1 166 GLU n 
1 167 ASP n 
1 168 CYS n 
1 169 GLY n 
1 170 GLU n 
1 171 ILE n 
1 172 LYS n 
1 173 ASN n 
1 174 GLU n 
1 175 THR n 
1 176 SER n 
1 177 GLU n 
1 178 VAL n 
1 179 SER n 
1 180 ASN n 
2 1   BMT n 
2 2   ABA n 
2 3   SAR n 
2 4   MLE n 
2 5   VAL n 
2 6   MLE n 
2 7   ALA n 
2 8   DAL n 
2 9   MLE n 
2 10  MLE n 
2 11  MVA n 
# 
_entity_src_gen.entity_id                          1 
_entity_src_gen.pdbx_src_id                        1 
_entity_src_gen.pdbx_alt_source_flag               sample 
_entity_src_gen.pdbx_seq_type                      'Biological sequence' 
_entity_src_gen.pdbx_beg_seq_num                   1 
_entity_src_gen.pdbx_end_seq_num                   180 
_entity_src_gen.gene_src_common_name               Rape 
_entity_src_gen.gene_src_genus                     ? 
_entity_src_gen.pdbx_gene_src_gene                 'BnaA09g35540D, GSBRNA2T00037123001' 
_entity_src_gen.gene_src_species                   ? 
_entity_src_gen.gene_src_strain                    ? 
_entity_src_gen.gene_src_tissue                    ? 
_entity_src_gen.gene_src_tissue_fraction           ? 
_entity_src_gen.gene_src_details                   ? 
_entity_src_gen.pdbx_gene_src_fragment             ? 
_entity_src_gen.pdbx_gene_src_scientific_name      'Brassica napus' 
_entity_src_gen.pdbx_gene_src_ncbi_taxonomy_id     3708 
_entity_src_gen.pdbx_gene_src_variant              ? 
_entity_src_gen.pdbx_gene_src_cell_line            ? 
_entity_src_gen.pdbx_gene_src_atcc                 ? 
_entity_src_gen.pdbx_gene_src_organ                ? 
_entity_src_gen.pdbx_gene_src_organelle            ? 
_entity_src_gen.pdbx_gene_src_cell                 ? 
_entity_src_gen.pdbx_gene_src_cellular_location    ? 
_entity_src_gen.host_org_common_name               ? 
_entity_src_gen.pdbx_host_org_scientific_name      'Escherichia coli' 
_entity_src_gen.pdbx_host_org_ncbi_taxonomy_id     562 
_entity_src_gen.host_org_genus                     ? 
_entity_src_gen.pdbx_host_org_gene                 ? 
_entity_src_gen.pdbx_host_org_organ                ? 
_entity_src_gen.host_org_species                   ? 
_entity_src_gen.pdbx_host_org_tissue               ? 
_entity_src_gen.pdbx_host_org_tissue_fraction      ? 
_entity_src_gen.pdbx_host_org_strain               ? 
_entity_src_gen.pdbx_host_org_variant              ? 
_entity_src_gen.pdbx_host_org_cell_line            ? 
_entity_src_gen.pdbx_host_org_atcc                 ? 
_entity_src_gen.pdbx_host_org_culture_collection   ? 
_entity_src_gen.pdbx_host_org_cell                 ? 
_entity_src_gen.pdbx_host_org_organelle            ? 
_entity_src_gen.pdbx_host_org_cellular_location    ? 
_entity_src_gen.pdbx_host_org_vector_type          ? 
_entity_src_gen.pdbx_host_org_vector               ? 
_entity_src_gen.host_org_details                   ? 
_entity_src_gen.expression_system_id               ? 
_entity_src_gen.plasmid_name                       ? 
_entity_src_gen.plasmid_details                    ? 
_entity_src_gen.pdbx_description                   ? 
# 
_pdbx_entity_src_syn.entity_id              2 
_pdbx_entity_src_syn.pdbx_src_id            1 
_pdbx_entity_src_syn.pdbx_alt_source_flag   sample 
_pdbx_entity_src_syn.pdbx_beg_seq_num       1 
_pdbx_entity_src_syn.pdbx_end_seq_num       11 
_pdbx_entity_src_syn.organism_scientific    'Tolypocladium inflatum' 
_pdbx_entity_src_syn.organism_common_name   ? 
_pdbx_entity_src_syn.ncbi_taxonomy_id       29910 
_pdbx_entity_src_syn.details                ? 
# 
loop_
_chem_comp.id 
_chem_comp.type 
_chem_comp.mon_nstd_flag 
_chem_comp.name 
_chem_comp.pdbx_synonyms 
_chem_comp.formula 
_chem_comp.formula_weight 
ABA 'L-peptide linking' n 'ALPHA-AMINOBUTYRIC ACID'                         ? 'C4 H9 N O2'     103.120 
ALA 'L-peptide linking' y ALANINE                                           ? 'C3 H7 N O2'     89.093  
ARG 'L-peptide linking' y ARGININE                                          ? 'C6 H15 N4 O2 1' 175.209 
ASN 'L-peptide linking' y ASPARAGINE                                        ? 'C4 H8 N2 O3'    132.118 
ASP 'L-peptide linking' y 'ASPARTIC ACID'                                   ? 'C4 H7 N O4'     133.103 
BMT 'L-peptide linking' n '4-METHYL-4-[(E)-2-BUTENYL]-4,N-METHYL-THREONINE' ? 'C10 H19 N O3'   201.263 
CYS 'L-peptide linking' y CYSTEINE                                          ? 'C3 H7 N O2 S'   121.158 
DAL 'D-peptide linking' . D-ALANINE                                         ? 'C3 H7 N O2'     89.093  
GLN 'L-peptide linking' y GLUTAMINE                                         ? 'C5 H10 N2 O3'   146.144 
GLU 'L-peptide linking' y 'GLUTAMIC ACID'                                   ? 'C5 H9 N O4'     147.129 
GLY 'peptide linking'   y GLYCINE                                           ? 'C2 H5 N O2'     75.067  
HIS 'L-peptide linking' y HISTIDINE                                         ? 'C6 H10 N3 O2 1' 156.162 
HOH non-polymer         . WATER                                             ? 'H2 O'           18.015  
ILE 'L-peptide linking' y ISOLEUCINE                                        ? 'C6 H13 N O2'    131.173 
LEU 'L-peptide linking' y LEUCINE                                           ? 'C6 H13 N O2'    131.173 
LYS 'L-peptide linking' y LYSINE                                            ? 'C6 H15 N2 O2 1' 147.195 
MET 'L-peptide linking' y METHIONINE                                        ? 'C5 H11 N O2 S'  149.211 
MG  non-polymer         . 'MAGNESIUM ION'                                   ? 'Mg 2'           24.305  
MLE 'L-peptide linking' n N-METHYLLEUCINE                                   ? 'C7 H15 N O2'    145.199 
MLI non-polymer         . 'MALONATE ION'                                    ? 'C3 H2 O4 -2'    102.046 
MVA 'L-peptide linking' n N-METHYLVALINE                                    ? 'C6 H13 N O2'    131.173 
PHE 'L-peptide linking' y PHENYLALANINE                                     ? 'C9 H11 N O2'    165.189 
PRO 'L-peptide linking' y PROLINE                                           ? 'C5 H9 N O2'     115.130 
SAR 'peptide linking'   n SARCOSINE                                         ? 'C3 H7 N O2'     89.093  
SER 'L-peptide linking' y SERINE                                            ? 'C3 H7 N O3'     105.093 
THR 'L-peptide linking' y THREONINE                                         ? 'C4 H9 N O3'     119.119 
TRP 'L-peptide linking' y TRYPTOPHAN                                        ? 'C11 H12 N2 O2'  204.225 
TYR 'L-peptide linking' y TYROSINE                                          ? 'C9 H11 N O3'    181.189 
VAL 'L-peptide linking' y VALINE                                            ? 'C5 H11 N O2'    117.146 
# 
loop_
_pdbx_poly_seq_scheme.asym_id 
_pdbx_poly_seq_scheme.entity_id 
_pdbx_poly_seq_scheme.seq_id 
_pdbx_poly_seq_scheme.mon_id 
_pdbx_poly_seq_scheme.ndb_seq_num 
_pdbx_poly_seq_scheme.pdb_seq_num 
_pdbx_poly_seq_scheme.auth_seq_num 
_pdbx_poly_seq_scheme.pdb_mon_id 
_pdbx_poly_seq_scheme.auth_mon_id 
_pdbx_poly_seq_scheme.pdb_strand_id 
_pdbx_poly_seq_scheme.pdb_ins_code 
_pdbx_poly_seq_scheme.hetero 
A 1 1   MET 1   1   ?   ?   ?   X . n 
A 1 2   ALA 2   2   2   ALA ALA X . n 
A 1 3   ASN 3   3   3   ASN ASN X . n 
A 1 4   PRO 4   4   4   PRO PRO X . n 
A 1 5   LYS 5   5   5   LYS LYS X . n 
A 1 6   VAL 6   6   6   VAL VAL X . n 
A 1 7   PHE 7   7   7   PHE PHE X . n 
A 1 8   PHE 8   8   8   PHE PHE X . n 
A 1 9   ASP 9   9   9   ASP ASP X . n 
A 1 10  ILE 10  10  10  ILE ILE X . n 
A 1 11  LEU 11  11  11  LEU LEU X . n 
A 1 12  ILE 12  12  12  ILE ILE X . n 
A 1 13  GLY 13  13  13  GLY GLY X . n 
A 1 14  LYS 14  14  14  LYS LYS X . n 
A 1 15  MET 15  15  15  MET MET X . n 
A 1 16  LYS 16  16  16  LYS LYS X . n 
A 1 17  ALA 17  17  17  ALA ALA X . n 
A 1 18  GLY 18  18  18  GLY GLY X . n 
A 1 19  ARG 19  19  19  ARG ARG X . n 
A 1 20  VAL 20  20  20  VAL VAL X . n 
A 1 21  VAL 21  21  21  VAL VAL X . n 
A 1 22  MET 22  22  22  MET MET X . n 
A 1 23  GLU 23  23  23  GLU GLU X . n 
A 1 24  LEU 24  24  24  LEU LEU X . n 
A 1 25  PHE 25  25  25  PHE PHE X . n 
A 1 26  ALA 26  26  26  ALA ALA X . n 
A 1 27  ASP 27  27  27  ASP ASP X . n 
A 1 28  VAL 28  28  28  VAL VAL X . n 
A 1 29  THR 29  29  29  THR THR X . n 
A 1 30  PRO 30  30  30  PRO PRO X . n 
A 1 31  ARG 31  31  31  ARG ARG X . n 
A 1 32  THR 32  32  32  THR THR X . n 
A 1 33  ALA 33  33  33  ALA ALA X . n 
A 1 34  ASP 34  34  34  ASP ASP X . n 
A 1 35  ASN 35  35  35  ASN ASN X . n 
A 1 36  PHE 36  36  36  PHE PHE X . n 
A 1 37  ARG 37  37  37  ARG ARG X . n 
A 1 38  ALA 38  38  38  ALA ALA X . n 
A 1 39  LEU 39  39  39  LEU LEU X . n 
A 1 40  CYS 40  40  40  CYS CYS X . n 
A 1 41  THR 41  41  41  THR THR X . n 
A 1 42  GLY 42  42  42  GLY GLY X . n 
A 1 43  GLU 43  43  43  GLU GLU X . n 
A 1 44  LYS 44  44  44  LYS LYS X . n 
A 1 45  GLY 45  45  45  GLY GLY X . n 
A 1 46  ILE 46  46  46  ILE ILE X . n 
A 1 47  GLY 47  47  47  GLY GLY X . n 
A 1 48  GLN 48  48  48  GLN GLN X . n 
A 1 49  ALA 49  49  49  ALA ALA X . n 
A 1 50  GLY 50  50  50  GLY GLY X . n 
A 1 51  LYS 51  51  51  LYS LYS X . n 
A 1 52  ALA 52  52  52  ALA ALA X . n 
A 1 53  LEU 53  53  53  LEU LEU X . n 
A 1 54  HIS 54  54  54  HIS HIS X . n 
A 1 55  TYR 55  55  55  TYR TYR X . n 
A 1 56  LYS 56  56  56  LYS LYS X . n 
A 1 57  GLY 57  57  57  GLY GLY X . n 
A 1 58  SER 58  58  58  SER SER X . n 
A 1 59  ALA 59  59  59  ALA ALA X . n 
A 1 60  PHE 60  60  60  PHE PHE X . n 
A 1 61  HIS 61  61  61  HIS HIS X . n 
A 1 62  ARG 62  62  62  ARG ARG X . n 
A 1 63  ILE 63  63  63  ILE ILE X . n 
A 1 64  ILE 64  64  64  ILE ILE X . n 
A 1 65  PRO 65  65  65  PRO PRO X . n 
A 1 66  GLY 66  66  66  GLY GLY X . n 
A 1 67  PHE 67  67  67  PHE PHE X . n 
A 1 68  MET 68  68  68  MET MET X . n 
A 1 69  CYS 69  69  69  CYS CYS X . n 
A 1 70  GLN 70  70  70  GLN GLN X . n 
A 1 71  GLY 71  71  71  GLY GLY X . n 
A 1 72  GLY 72  72  72  GLY GLY X . n 
A 1 73  ASP 73  73  73  ASP ASP X . n 
A 1 74  PHE 74  74  74  PHE PHE X . n 
A 1 75  THR 75  75  75  THR THR X . n 
A 1 76  ARG 76  76  76  ARG ARG X . n 
A 1 77  GLY 77  77  77  GLY GLY X . n 
A 1 78  ASN 78  78  78  ASN ASN X . n 
A 1 79  GLY 79  79  79  GLY GLY X . n 
A 1 80  THR 80  80  80  THR THR X . n 
A 1 81  GLY 81  81  81  GLY GLY X . n 
A 1 82  GLY 82  82  82  GLY GLY X . n 
A 1 83  GLU 83  83  83  GLU GLU X . n 
A 1 84  SER 84  84  84  SER SER X . n 
A 1 85  ILE 85  85  85  ILE ILE X . n 
A 1 86  TYR 86  86  86  TYR TYR X . n 
A 1 87  GLY 87  87  87  GLY GLY X . n 
A 1 88  ALA 88  88  88  ALA ALA X . n 
A 1 89  LYS 89  89  89  LYS LYS X . n 
A 1 90  PHE 90  90  90  PHE PHE X . n 
A 1 91  GLN 91  91  91  GLN GLN X . n 
A 1 92  ASP 92  92  92  ASP ASP X . n 
A 1 93  GLU 93  93  93  GLU GLU X . n 
A 1 94  ASN 94  94  94  ASN ASN X . n 
A 1 95  PHE 95  95  95  PHE PHE X . n 
A 1 96  LYS 96  96  96  LYS LYS X . n 
A 1 97  LEU 97  97  97  LEU LEU X . n 
A 1 98  LYS 98  98  98  LYS LYS X . n 
A 1 99  HIS 99  99  99  HIS HIS X . n 
A 1 100 THR 100 100 100 THR THR X . n 
A 1 101 GLY 101 101 101 GLY GLY X . n 
A 1 102 PRO 102 102 102 PRO PRO X . n 
A 1 103 GLY 103 103 103 GLY GLY X . n 
A 1 104 ILE 104 104 104 ILE ILE X . n 
A 1 105 LEU 105 105 105 LEU LEU X . n 
A 1 106 SER 106 106 106 SER SER X . n 
A 1 107 MET 107 107 107 MET MET X . n 
A 1 108 ALA 108 108 108 ALA ALA X . n 
A 1 109 ASN 109 109 109 ASN ASN X . n 
A 1 110 SER 110 110 110 SER SER X . n 
A 1 111 GLY 111 111 111 GLY GLY X . n 
A 1 112 PRO 112 112 112 PRO PRO X . n 
A 1 113 ASN 113 113 113 ASN ASN X . n 
A 1 114 THR 114 114 114 THR THR X . n 
A 1 115 ASN 115 115 115 ASN ASN X . n 
A 1 116 GLY 116 116 116 GLY GLY X . n 
A 1 117 SER 117 117 117 SER SER X . n 
A 1 118 GLN 118 118 118 GLN GLN X . n 
A 1 119 PHE 119 119 119 PHE PHE X . n 
A 1 120 PHE 120 120 120 PHE PHE X . n 
A 1 121 ILE 121 121 121 ILE ILE X . n 
A 1 122 CYS 122 122 122 CYS CYS X . n 
A 1 123 THR 123 123 123 THR THR X . n 
A 1 124 ASP 124 124 124 ASP ASP X . n 
A 1 125 LYS 125 125 125 LYS LYS X . n 
A 1 126 THR 126 126 126 THR THR X . n 
A 1 127 ALA 127 127 127 ALA ALA X . n 
A 1 128 TRP 128 128 128 TRP TRP X . n 
A 1 129 LEU 129 129 129 LEU LEU X . n 
A 1 130 ASP 130 130 130 ASP ASP X . n 
A 1 131 GLY 131 131 131 GLY GLY X . n 
A 1 132 LYS 132 132 132 LYS LYS X . n 
A 1 133 HIS 133 133 133 HIS HIS X . n 
A 1 134 VAL 134 134 134 VAL VAL X . n 
A 1 135 VAL 135 135 135 VAL VAL X . n 
A 1 136 PHE 136 136 136 PHE PHE X . n 
A 1 137 GLY 137 137 137 GLY GLY X . n 
A 1 138 LYS 138 138 138 LYS LYS X . n 
A 1 139 VAL 139 139 139 VAL VAL X . n 
A 1 140 VAL 140 140 140 VAL VAL X . n 
A 1 141 ASP 141 141 141 ASP ASP X . n 
A 1 142 GLY 142 142 142 GLY GLY X . n 
A 1 143 TYR 143 143 143 TYR TYR X . n 
A 1 144 ASN 144 144 144 ASN ASN X . n 
A 1 145 VAL 145 145 145 VAL VAL X . n 
A 1 146 VAL 146 146 146 VAL VAL X . n 
A 1 147 LYS 147 147 147 LYS LYS X . n 
A 1 148 ALA 148 148 148 ALA ALA X . n 
A 1 149 MET 149 149 149 MET MET X . n 
A 1 150 GLU 150 150 150 GLU GLU X . n 
A 1 151 LYS 151 151 151 LYS LYS X . n 
A 1 152 VAL 152 152 152 VAL VAL X . n 
A 1 153 GLY 153 153 153 GLY GLY X . n 
A 1 154 SER 154 154 154 SER SER X . n 
A 1 155 GLU 155 155 155 GLU GLU X . n 
A 1 156 ARG 156 156 156 ARG ARG X . n 
A 1 157 GLY 157 157 157 GLY GLY X . n 
A 1 158 VAL 158 158 158 VAL VAL X . n 
A 1 159 THR 159 159 159 THR THR X . n 
A 1 160 SER 160 160 160 SER SER X . n 
A 1 161 GLU 161 161 161 GLU GLU X . n 
A 1 162 PRO 162 162 162 PRO PRO X . n 
A 1 163 VAL 163 163 163 VAL VAL X . n 
A 1 164 VAL 164 164 164 VAL VAL X . n 
A 1 165 ILE 165 165 165 ILE ILE X . n 
A 1 166 GLU 166 166 166 GLU GLU X . n 
A 1 167 ASP 167 167 167 ASP ASP X . n 
A 1 168 CYS 168 168 168 CYS CYS X . n 
A 1 169 GLY 169 169 169 GLY GLY X . n 
A 1 170 GLU 170 170 170 GLU GLU X . n 
A 1 171 ILE 171 171 171 ILE ILE X . n 
A 1 172 LYS 172 172 ?   ?   ?   X . n 
A 1 173 ASN 173 173 ?   ?   ?   X . n 
A 1 174 GLU 174 174 ?   ?   ?   X . n 
A 1 175 THR 175 175 ?   ?   ?   X . n 
A 1 176 SER 176 176 ?   ?   ?   X . n 
A 1 177 GLU 177 177 ?   ?   ?   X . n 
A 1 178 VAL 178 178 ?   ?   ?   X . n 
A 1 179 SER 179 179 ?   ?   ?   X . n 
A 1 180 ASN 180 180 ?   ?   ?   X . n 
B 2 1   BMT 1   1   1   BMT EOV A . n 
B 2 2   ABA 2   2   1   ABA EOV A . n 
B 2 3   SAR 3   3   1   SAR EOV A . n 
B 2 4   MLE 4   4   1   MLE EOV A . n 
B 2 5   VAL 5   5   1   VAL EOV A . n 
B 2 6   MLE 6   6   1   MLE EOV A . n 
B 2 7   ALA 7   7   1   ALA EOV A . n 
B 2 8   DAL 8   8   1   DAL EOV A . n 
B 2 9   MLE 9   9   1   MLE EOV A . n 
B 2 10  MLE 10  10  1   MLE EOV A . n 
B 2 11  MVA 11  11  1   MVA EOV A . n 
# 
loop_
_pdbx_nonpoly_scheme.asym_id 
_pdbx_nonpoly_scheme.entity_id 
_pdbx_nonpoly_scheme.mon_id 
_pdbx_nonpoly_scheme.ndb_seq_num 
_pdbx_nonpoly_scheme.pdb_seq_num 
_pdbx_nonpoly_scheme.auth_seq_num 
_pdbx_nonpoly_scheme.pdb_mon_id 
_pdbx_nonpoly_scheme.auth_mon_id 
_pdbx_nonpoly_scheme.pdb_strand_id 
_pdbx_nonpoly_scheme.pdb_ins_code 
C 3 MG  1  201 1  MG  MG  X . 
D 4 MLI 1  202 1  MLI MLI X . 
E 5 HOH 1  301 54 HOH HOH X . 
E 5 HOH 2  302 49 HOH HOH X . 
E 5 HOH 3  303 12 HOH HOH X . 
E 5 HOH 4  304 35 HOH HOH X . 
E 5 HOH 5  305 65 HOH HOH X . 
E 5 HOH 6  306 18 HOH HOH X . 
E 5 HOH 7  307 60 HOH HOH X . 
E 5 HOH 8  308 34 HOH HOH X . 
E 5 HOH 9  309 24 HOH HOH X . 
E 5 HOH 10 310 47 HOH HOH X . 
E 5 HOH 11 311 26 HOH HOH X . 
E 5 HOH 12 312 9  HOH HOH X . 
E 5 HOH 13 313 68 HOH HOH X . 
E 5 HOH 14 314 43 HOH HOH X . 
E 5 HOH 15 315 45 HOH HOH X . 
E 5 HOH 16 316 27 HOH HOH X . 
E 5 HOH 17 317 50 HOH HOH X . 
E 5 HOH 18 318 37 HOH HOH X . 
E 5 HOH 19 319 4  HOH HOH X . 
E 5 HOH 20 320 15 HOH HOH X . 
E 5 HOH 21 321 6  HOH HOH X . 
E 5 HOH 22 322 14 HOH HOH X . 
E 5 HOH 23 323 8  HOH HOH X . 
E 5 HOH 24 324 25 HOH HOH X . 
E 5 HOH 25 325 1  HOH HOH X . 
E 5 HOH 26 326 20 HOH HOH X . 
E 5 HOH 27 327 70 HOH HOH X . 
E 5 HOH 28 328 13 HOH HOH X . 
E 5 HOH 29 329 46 HOH HOH X . 
E 5 HOH 30 330 10 HOH HOH X . 
E 5 HOH 31 331 7  HOH HOH X . 
E 5 HOH 32 332 3  HOH HOH X . 
E 5 HOH 33 333 17 HOH HOH X . 
E 5 HOH 34 334 41 HOH HOH X . 
E 5 HOH 35 335 22 HOH HOH X . 
E 5 HOH 36 336 38 HOH HOH X . 
E 5 HOH 37 337 59 HOH HOH X . 
E 5 HOH 38 338 66 HOH HOH X . 
E 5 HOH 39 339 5  HOH HOH X . 
E 5 HOH 40 340 58 HOH HOH X . 
E 5 HOH 41 341 39 HOH HOH X . 
E 5 HOH 42 342 36 HOH HOH X . 
E 5 HOH 43 343 2  HOH HOH X . 
E 5 HOH 44 344 19 HOH HOH X . 
E 5 HOH 45 345 16 HOH HOH X . 
E 5 HOH 46 346 21 HOH HOH X . 
E 5 HOH 47 347 30 HOH HOH X . 
E 5 HOH 48 348 63 HOH HOH X . 
E 5 HOH 49 349 69 HOH HOH X . 
E 5 HOH 50 350 23 HOH HOH X . 
# 
loop_
_software.citation_id 
_software.classification 
_software.compiler_name 
_software.compiler_version 
_software.contact_author 
_software.contact_author_email 
_software.date 
_software.description 
_software.dependencies 
_software.hardware 
_software.language 
_software.location 
_software.mods 
_software.name 
_software.os 
_software.os_version 
_software.type 
_software.version 
_software.pdbx_ordinal 
? 'data scaling'    ? ? ? ? ? ? ? ? ? ? ? SCALA       ? ? ? 3.3.22   1 
? phasing           ? ? ? ? ? ? ? ? ? ? ? MOLREP      ? ? ? 11.1.00  2 
? refinement        ? ? ? ? ? ? ? ? ? ? ? REFMAC      ? ? ? 5.8.0103 3 
? 'data extraction' ? ? ? ? ? ? ? ? ? ? ? PDB_EXTRACT ? ? ? 3.24     4 
? 'data reduction'  ? ? ? ? ? ? ? ? ? ? ? iMOSFLM     ? ? ? 7.1.1    5 
# 
_cell.angle_alpha                  90.000 
_cell.angle_alpha_esd              ? 
_cell.angle_beta                   90.000 
_cell.angle_beta_esd               ? 
_cell.angle_gamma                  90.000 
_cell.angle_gamma_esd              ? 
_cell.entry_id                     6HMZ 
_cell.details                      ? 
_cell.formula_units_Z              ? 
_cell.length_a                     86.580 
_cell.length_a_esd                 ? 
_cell.length_b                     86.580 
_cell.length_b_esd                 ? 
_cell.length_c                     119.520 
_cell.length_c_esd                 ? 
_cell.volume                       ? 
_cell.volume_esd                   ? 
_cell.Z_PDB                        16 
_cell.reciprocal_angle_alpha       ? 
_cell.reciprocal_angle_beta        ? 
_cell.reciprocal_angle_gamma       ? 
_cell.reciprocal_angle_alpha_esd   ? 
_cell.reciprocal_angle_beta_esd    ? 
_cell.reciprocal_angle_gamma_esd   ? 
_cell.reciprocal_length_a          ? 
_cell.reciprocal_length_b          ? 
_cell.reciprocal_length_c          ? 
_cell.reciprocal_length_a_esd      ? 
_cell.reciprocal_length_b_esd      ? 
_cell.reciprocal_length_c_esd      ? 
_cell.pdbx_unique_axis             ? 
# 
_symmetry.entry_id                         6HMZ 
_symmetry.cell_setting                     ? 
_symmetry.Int_Tables_number                98 
_symmetry.space_group_name_Hall            ? 
_symmetry.space_group_name_H-M             'I 41 2 2' 
_symmetry.pdbx_full_space_group_name_H-M   ? 
# 
_exptl.absorpt_coefficient_mu     ? 
_exptl.absorpt_correction_T_max   ? 
_exptl.absorpt_correction_T_min   ? 
_exptl.absorpt_correction_type    ? 
_exptl.absorpt_process_details    ? 
_exptl.entry_id                   6HMZ 
_exptl.crystals_number            1 
_exptl.details                    ? 
_exptl.method                     'X-RAY DIFFRACTION' 
_exptl.method_details             ? 
# 
_exptl_crystal.colour                      ? 
_exptl_crystal.density_diffrn              ? 
_exptl_crystal.density_Matthews            3.07 
_exptl_crystal.density_method              ? 
_exptl_crystal.density_percent_sol         59.91 
_exptl_crystal.description                 
'Bipyramidal crystals grew to a maximum size of approximately 0.2 mm in all three dimensions within three weeks.' 
_exptl_crystal.F_000                       ? 
_exptl_crystal.id                          1 
_exptl_crystal.preparation                 ? 
_exptl_crystal.size_max                    ? 
_exptl_crystal.size_mid                    ? 
_exptl_crystal.size_min                    ? 
_exptl_crystal.size_rad                    ? 
_exptl_crystal.colour_lustre               ? 
_exptl_crystal.colour_modifier             ? 
_exptl_crystal.colour_primary              ? 
_exptl_crystal.density_meas                ? 
_exptl_crystal.density_meas_esd            ? 
_exptl_crystal.density_meas_gt             ? 
_exptl_crystal.density_meas_lt             ? 
_exptl_crystal.density_meas_temp           ? 
_exptl_crystal.density_meas_temp_esd       ? 
_exptl_crystal.density_meas_temp_gt        ? 
_exptl_crystal.density_meas_temp_lt        ? 
_exptl_crystal.pdbx_crystal_image_url      ? 
_exptl_crystal.pdbx_crystal_image_format   ? 
_exptl_crystal.pdbx_mosaicity              ? 
_exptl_crystal.pdbx_mosaicity_esd          ? 
# 
_exptl_crystal_grow.apparatus       ? 
_exptl_crystal_grow.atmosphere      ? 
_exptl_crystal_grow.crystal_id      1 
_exptl_crystal_grow.details         ? 
_exptl_crystal_grow.method          'VAPOR DIFFUSION, SITTING DROP' 
_exptl_crystal_grow.method_ref      ? 
_exptl_crystal_grow.pH              7.0 
_exptl_crystal_grow.pressure        ? 
_exptl_crystal_grow.pressure_esd    ? 
_exptl_crystal_grow.seeding         ? 
_exptl_crystal_grow.seeding_ref     ? 
_exptl_crystal_grow.temp            293 
_exptl_crystal_grow.temp_details    ? 
_exptl_crystal_grow.temp_esd        ? 
_exptl_crystal_grow.time            ? 
_exptl_crystal_grow.pdbx_details    
;The protein concentration was adjusted to 10 mg/ml. The protein solution was supplemented with cyclosporin A at a molar ratio of 2:1 and mixed with the reservoir solution containing 2.4 M sodium malonate, pH 7.0.
;
_exptl_crystal_grow.pdbx_pH_range   ? 
# 
_diffrn.ambient_environment              ? 
_diffrn.ambient_temp                     100 
_diffrn.ambient_temp_details             ? 
_diffrn.ambient_temp_esd                 ? 
_diffrn.crystal_id                       1 
_diffrn.crystal_support                  ? 
_diffrn.crystal_treatment                ? 
_diffrn.details                          ? 
_diffrn.id                               1 
_diffrn.ambient_pressure                 ? 
_diffrn.ambient_pressure_esd             ? 
_diffrn.ambient_pressure_gt              ? 
_diffrn.ambient_pressure_lt              ? 
_diffrn.ambient_temp_gt                  ? 
_diffrn.ambient_temp_lt                  ? 
_diffrn.pdbx_serial_crystal_experiment   ? 
# 
_diffrn_detector.details                      ? 
_diffrn_detector.detector                     PIXEL 
_diffrn_detector.diffrn_id                    1 
_diffrn_detector.type                         'DECTRIS EIGER X 16M' 
_diffrn_detector.area_resol_mean              ? 
_diffrn_detector.dtime                        ? 
_diffrn_detector.pdbx_frames_total            ? 
_diffrn_detector.pdbx_collection_time_total   ? 
_diffrn_detector.pdbx_collection_date         2017-06-08 
_diffrn_detector.pdbx_frequency               ? 
# 
_diffrn_radiation.collimation                      ? 
_diffrn_radiation.diffrn_id                        1 
_diffrn_radiation.filter_edge                      ? 
_diffrn_radiation.inhomogeneity                    ? 
_diffrn_radiation.monochromator                    ? 
_diffrn_radiation.polarisn_norm                    ? 
_diffrn_radiation.polarisn_ratio                   ? 
_diffrn_radiation.probe                            ? 
_diffrn_radiation.type                             ? 
_diffrn_radiation.xray_symbol                      ? 
_diffrn_radiation.wavelength_id                    1 
_diffrn_radiation.pdbx_monochromatic_or_laue_m_l   M 
_diffrn_radiation.pdbx_wavelength_list             ? 
_diffrn_radiation.pdbx_wavelength                  ? 
_diffrn_radiation.pdbx_diffrn_protocol             'SINGLE WAVELENGTH' 
_diffrn_radiation.pdbx_analyzer                    ? 
_diffrn_radiation.pdbx_scattering_type             x-ray 
# 
_diffrn_radiation_wavelength.id           1 
_diffrn_radiation_wavelength.wavelength   1.0332 
_diffrn_radiation_wavelength.wt           1.0 
# 
_diffrn_source.current                     ? 
_diffrn_source.details                     ? 
_diffrn_source.diffrn_id                   1 
_diffrn_source.power                       ? 
_diffrn_source.size                        ? 
_diffrn_source.source                      SYNCHROTRON 
_diffrn_source.target                      ? 
_diffrn_source.type                        'PETRA III, EMBL c/o DESY BEAMLINE P14 (MX2)' 
_diffrn_source.voltage                     ? 
_diffrn_source.take-off_angle              ? 
_diffrn_source.pdbx_wavelength_list        1.0332 
_diffrn_source.pdbx_wavelength             ? 
_diffrn_source.pdbx_synchrotron_beamline   'P14 (MX2)' 
_diffrn_source.pdbx_synchrotron_site       'PETRA III, EMBL c/o DESY' 
# 
_reflns.B_iso_Wilson_estimate            ? 
_reflns.entry_id                         6HMZ 
_reflns.data_reduction_details           ? 
_reflns.data_reduction_method            ? 
_reflns.d_resolution_high                1.977 
_reflns.d_resolution_low                 70.1200 
_reflns.details                          ? 
_reflns.limit_h_max                      ? 
_reflns.limit_h_min                      ? 
_reflns.limit_k_max                      ? 
_reflns.limit_k_min                      ? 
_reflns.limit_l_max                      ? 
_reflns.limit_l_min                      ? 
_reflns.number_all                       ? 
_reflns.number_obs                       16197 
_reflns.observed_criterion               ? 
_reflns.observed_criterion_F_max         ? 
_reflns.observed_criterion_F_min         ? 
_reflns.observed_criterion_I_max         ? 
_reflns.observed_criterion_I_min         ? 
_reflns.observed_criterion_sigma_F       ? 
_reflns.observed_criterion_sigma_I       ? 
_reflns.percent_possible_obs             99.800 
_reflns.R_free_details                   ? 
_reflns.Rmerge_F_all                     ? 
_reflns.Rmerge_F_obs                     ? 
_reflns.Friedel_coverage                 ? 
_reflns.number_gt                        ? 
_reflns.threshold_expression             ? 
_reflns.pdbx_redundancy                  5.600 
_reflns.pdbx_Rmerge_I_obs                ? 
_reflns.pdbx_Rmerge_I_all                ? 
_reflns.pdbx_Rsym_value                  0.101 
_reflns.pdbx_netI_over_av_sigmaI         6.100 
_reflns.pdbx_netI_over_sigmaI            9.200 
_reflns.pdbx_res_netI_over_av_sigmaI_2   ? 
_reflns.pdbx_res_netI_over_sigmaI_2      ? 
_reflns.pdbx_chi_squared                 ? 
_reflns.pdbx_scaling_rejects             ? 
_reflns.pdbx_d_res_high_opt              ? 
_reflns.pdbx_d_res_low_opt               ? 
_reflns.pdbx_d_res_opt_method            ? 
_reflns.phase_calculation_details        ? 
_reflns.pdbx_Rrim_I_all                  0.112 
_reflns.pdbx_Rpim_I_all                  0.046 
_reflns.pdbx_d_opt                       ? 
_reflns.pdbx_number_measured_all         ? 
_reflns.pdbx_diffrn_id                   1 
_reflns.pdbx_ordinal                     1 
_reflns.pdbx_CC_half                     ? 
_reflns.pdbx_R_split                     ? 
# 
loop_
_reflns_shell.d_res_high 
_reflns_shell.d_res_low 
_reflns_shell.meanI_over_sigI_all 
_reflns_shell.meanI_over_sigI_obs 
_reflns_shell.number_measured_all 
_reflns_shell.number_measured_obs 
_reflns_shell.number_possible 
_reflns_shell.number_unique_all 
_reflns_shell.number_unique_obs 
_reflns_shell.percent_possible_all 
_reflns_shell.percent_possible_obs 
_reflns_shell.Rmerge_F_all 
_reflns_shell.Rmerge_F_obs 
_reflns_shell.Rmerge_I_all 
_reflns_shell.Rmerge_I_obs 
_reflns_shell.meanI_over_sigI_gt 
_reflns_shell.meanI_over_uI_all 
_reflns_shell.meanI_over_uI_gt 
_reflns_shell.number_measured_gt 
_reflns_shell.number_unique_gt 
_reflns_shell.percent_possible_gt 
_reflns_shell.Rmerge_F_gt 
_reflns_shell.Rmerge_I_gt 
_reflns_shell.pdbx_redundancy 
_reflns_shell.pdbx_Rsym_value 
_reflns_shell.pdbx_chi_squared 
_reflns_shell.pdbx_netI_over_sigmaI_all 
_reflns_shell.pdbx_netI_over_sigmaI_obs 
_reflns_shell.pdbx_Rrim_I_all 
_reflns_shell.pdbx_Rpim_I_all 
_reflns_shell.pdbx_rejects 
_reflns_shell.pdbx_ordinal 
_reflns_shell.pdbx_diffrn_id 
_reflns_shell.pdbx_CC_half 
_reflns_shell.pdbx_R_split 
1.980 2.080   ? 1.600  ? ? ? ? 2330 100.000 ? ? ? ? 0.466 ? ? ? ? ? ? ? ? 5.900 0.466 ? ? ? 0.513 0.210 ? 1  1 ? ? 
2.080 2.210   ? 2.000  ? ? ? ? 2203 100.000 ? ? ? ? 0.372 ? ? ? ? ? ? ? ? 5.600 0.372 ? ? ? 0.412 0.172 ? 2  1 ? ? 
2.210 2.360   ? 2.400  ? ? ? ? 2074 99.800  ? ? ? ? 0.297 ? ? ? ? ? ? ? ? 5.500 0.297 ? ? ? 0.328 0.136 ? 3  1 ? ? 
2.360 2.550   ? 3.100  ? ? ? ? 1937 99.900  ? ? ? ? 0.230 ? ? ? ? ? ? ? ? 5.800 0.230 ? ? ? 0.252 0.102 ? 4  1 ? ? 
2.550 2.800   ? 4.000  ? ? ? ? 1788 99.900  ? ? ? ? 0.180 ? ? ? ? ? ? ? ? 5.300 0.180 ? ? ? 0.200 0.085 ? 5  1 ? ? 
2.800 3.130   ? 5.800  ? ? ? ? 1633 100.000 ? ? ? ? 0.121 ? ? ? ? ? ? ? ? 5.900 0.121 ? ? ? 0.133 0.054 ? 6  1 ? ? 
3.130 3.610   ? 8.600  ? ? ? ? 1447 99.700  ? ? ? ? 0.076 ? ? ? ? ? ? ? ? 5.300 0.076 ? ? ? 0.084 0.035 ? 7  1 ? ? 
3.610 4.420   ? 12.500 ? ? ? ? 1233 99.800  ? ? ? ? 0.050 ? ? ? ? ? ? ? ? 5.900 0.050 ? ? ? 0.055 0.022 ? 8  1 ? ? 
4.420 6.250   ? 12.300 ? ? ? ? 978  99.300  ? ? ? ? 0.048 ? ? ? ? ? ? ? ? 5.300 0.048 ? ? ? 0.053 0.023 ? 9  1 ? ? 
6.250 70.1200 ? 11.300 ? ? ? ? 574  98.300  ? ? ? ? 0.034 ? ? ? ? ? ? ? ? 5.200 0.034 ? ? ? 0.038 0.017 ? 10 1 ? ? 
# 
_refine.aniso_B[1][1]                            1.6800 
_refine.aniso_B[1][2]                            -0.0000 
_refine.aniso_B[1][3]                            0.0000 
_refine.aniso_B[2][2]                            1.6800 
_refine.aniso_B[2][3]                            -0.0000 
_refine.aniso_B[3][3]                            -3.3600 
_refine.B_iso_max                                97.800 
_refine.B_iso_mean                               33.2620 
_refine.B_iso_min                                16.430 
_refine.correlation_coeff_Fo_to_Fc               0.9630 
_refine.correlation_coeff_Fo_to_Fc_free          0.9510 
_refine.details                                  
'HYDROGENS HAVE BEEN ADDED IN THE RIDING POSITIONS U VALUES      : REFINED INDIVIDUALLY' 
_refine.diff_density_max                         ? 
_refine.diff_density_max_esd                     ? 
_refine.diff_density_min                         ? 
_refine.diff_density_min_esd                     ? 
_refine.diff_density_rms                         ? 
_refine.diff_density_rms_esd                     ? 
_refine.entry_id                                 6HMZ 
_refine.pdbx_refine_id                           'X-RAY DIFFRACTION' 
_refine.ls_abs_structure_details                 ? 
_refine.ls_abs_structure_Flack                   ? 
_refine.ls_abs_structure_Flack_esd               ? 
_refine.ls_abs_structure_Rogers                  ? 
_refine.ls_abs_structure_Rogers_esd              ? 
_refine.ls_d_res_high                            1.9800 
_refine.ls_d_res_low                             70.1200 
_refine.ls_extinction_coef                       ? 
_refine.ls_extinction_coef_esd                   ? 
_refine.ls_extinction_expression                 ? 
_refine.ls_extinction_method                     ? 
_refine.ls_goodness_of_fit_all                   ? 
_refine.ls_goodness_of_fit_all_esd               ? 
_refine.ls_goodness_of_fit_obs                   ? 
_refine.ls_goodness_of_fit_obs_esd               ? 
_refine.ls_hydrogen_treatment                    ? 
_refine.ls_matrix_type                           ? 
_refine.ls_number_constraints                    ? 
_refine.ls_number_parameters                     ? 
_refine.ls_number_reflns_all                     ? 
_refine.ls_number_reflns_obs                     15368 
_refine.ls_number_reflns_R_free                  813 
_refine.ls_number_reflns_R_work                  ? 
_refine.ls_number_restraints                     ? 
_refine.ls_percent_reflns_obs                    99.9200 
_refine.ls_percent_reflns_R_free                 5.0000 
_refine.ls_R_factor_all                          ? 
_refine.ls_R_factor_obs                          0.1856 
_refine.ls_R_factor_R_free                       0.2231 
_refine.ls_R_factor_R_free_error                 ? 
_refine.ls_R_factor_R_free_error_details         ? 
_refine.ls_R_factor_R_work                       0.1838 
_refine.ls_R_Fsqd_factor_obs                     ? 
_refine.ls_R_I_factor_obs                        ? 
_refine.ls_redundancy_reflns_all                 ? 
_refine.ls_redundancy_reflns_obs                 ? 
_refine.ls_restrained_S_all                      ? 
_refine.ls_restrained_S_obs                      ? 
_refine.ls_shift_over_esd_max                    ? 
_refine.ls_shift_over_esd_mean                   ? 
_refine.ls_structure_factor_coef                 ? 
_refine.ls_weighting_details                     ? 
_refine.ls_weighting_scheme                      ? 
_refine.ls_wR_factor_all                         ? 
_refine.ls_wR_factor_obs                         ? 
_refine.ls_wR_factor_R_free                      ? 
_refine.ls_wR_factor_R_work                      ? 
_refine.occupancy_max                            ? 
_refine.occupancy_min                            ? 
_refine.solvent_model_details                    ? 
_refine.solvent_model_param_bsol                 ? 
_refine.solvent_model_param_ksol                 ? 
_refine.ls_R_factor_gt                           ? 
_refine.ls_goodness_of_fit_gt                    ? 
_refine.ls_goodness_of_fit_ref                   ? 
_refine.ls_shift_over_su_max                     ? 
_refine.ls_shift_over_su_max_lt                  ? 
_refine.ls_shift_over_su_mean                    ? 
_refine.ls_shift_over_su_mean_lt                 ? 
_refine.pdbx_ls_sigma_I                          ? 
_refine.pdbx_ls_sigma_F                          0.000 
_refine.pdbx_ls_sigma_Fsqd                       ? 
_refine.pdbx_data_cutoff_high_absF               ? 
_refine.pdbx_data_cutoff_high_rms_absF           ? 
_refine.pdbx_data_cutoff_low_absF                ? 
_refine.pdbx_isotropic_thermal_model             ? 
_refine.pdbx_ls_cross_valid_method               THROUGHOUT 
_refine.pdbx_method_to_determine_struct          'MOLECULAR REPLACEMENT' 
_refine.pdbx_starting_model                      4jjm 
_refine.pdbx_stereochemistry_target_values       ? 
_refine.pdbx_R_Free_selection_details            RANDOM 
_refine.pdbx_stereochem_target_val_spec_case     ? 
_refine.pdbx_overall_ESU_R                       0.1420 
_refine.pdbx_overall_ESU_R_Free                  0.1370 
_refine.pdbx_solvent_vdw_probe_radii             1.2000 
_refine.pdbx_solvent_ion_probe_radii             0.8000 
_refine.pdbx_solvent_shrinkage_radii             0.8000 
_refine.pdbx_real_space_R                        ? 
_refine.pdbx_density_correlation                 ? 
_refine.pdbx_pd_number_of_powder_patterns        ? 
_refine.pdbx_pd_number_of_points                 ? 
_refine.pdbx_pd_meas_number_of_points            ? 
_refine.pdbx_pd_proc_ls_prof_R_factor            ? 
_refine.pdbx_pd_proc_ls_prof_wR_factor           ? 
_refine.pdbx_pd_Marquardt_correlation_coeff      ? 
_refine.pdbx_pd_Fsqrd_R_factor                   ? 
_refine.pdbx_pd_ls_matrix_band_width             ? 
_refine.pdbx_overall_phase_error                 ? 
_refine.pdbx_overall_SU_R_free_Cruickshank_DPI   ? 
_refine.pdbx_overall_SU_R_free_Blow_DPI          ? 
_refine.pdbx_overall_SU_R_Blow_DPI               ? 
_refine.pdbx_TLS_residual_ADP_flag               ? 
_refine.pdbx_diffrn_id                           1 
_refine.overall_SU_B                             4.7470 
_refine.overall_SU_ML                            0.1210 
_refine.overall_SU_R_Cruickshank_DPI             0.1419 
_refine.overall_SU_R_free                        ? 
_refine.overall_FOM_free_R_set                   ? 
_refine.overall_FOM_work_R_set                   ? 
_refine.pdbx_average_fsc_overall                 ? 
_refine.pdbx_average_fsc_work                    ? 
_refine.pdbx_average_fsc_free                    ? 
# 
_refine_hist.cycle_id                         final 
_refine_hist.pdbx_refine_id                   'X-RAY DIFFRACTION' 
_refine_hist.d_res_high                       1.9800 
_refine_hist.d_res_low                        70.1200 
_refine_hist.pdbx_number_atoms_ligand         93 
_refine_hist.number_atoms_solvent             50 
_refine_hist.number_atoms_total               1422 
_refine_hist.pdbx_number_residues_total       170 
_refine_hist.pdbx_B_iso_mean_ligand           33.81 
_refine_hist.pdbx_B_iso_mean_solvent          31.21 
_refine_hist.pdbx_number_atoms_protein        1279 
_refine_hist.pdbx_number_atoms_nucleic_acid   0 
# 
loop_
_refine_ls_restr.pdbx_refine_id 
_refine_ls_restr.criterion 
_refine_ls_restr.dev_ideal 
_refine_ls_restr.dev_ideal_target 
_refine_ls_restr.number 
_refine_ls_restr.rejects 
_refine_ls_restr.type 
_refine_ls_restr.weight 
_refine_ls_restr.pdbx_restraint_function 
'X-RAY DIFFRACTION' ? 0.018  0.019  1396 ? r_bond_refined_d       ? ? 
'X-RAY DIFFRACTION' ? 0.002  0.020  1357 ? r_bond_other_d         ? ? 
'X-RAY DIFFRACTION' ? 2.011  2.016  1881 ? r_angle_refined_deg    ? ? 
'X-RAY DIFFRACTION' ? 1.157  3.000  3120 ? r_angle_other_deg      ? ? 
'X-RAY DIFFRACTION' ? 6.389  5.000  169  ? r_dihedral_angle_1_deg ? ? 
'X-RAY DIFFRACTION' ? 38.626 24.286 56   ? r_dihedral_angle_2_deg ? ? 
'X-RAY DIFFRACTION' ? 15.968 15.000 221  ? r_dihedral_angle_3_deg ? ? 
'X-RAY DIFFRACTION' ? 13.449 15.000 6    ? r_dihedral_angle_4_deg ? ? 
'X-RAY DIFFRACTION' ? 0.154  0.200  204  ? r_chiral_restr         ? ? 
'X-RAY DIFFRACTION' ? 0.009  0.020  1601 ? r_gen_planes_refined   ? ? 
'X-RAY DIFFRACTION' ? 0.002  0.020  315  ? r_gen_planes_other     ? ? 
# 
_refine_ls_shell.pdbx_refine_id                   'X-RAY DIFFRACTION' 
_refine_ls_shell.d_res_high                       1.9800 
_refine_ls_shell.d_res_low                        2.0310 
_refine_ls_shell.number_reflns_all                1169 
_refine_ls_shell.number_reflns_obs                ? 
_refine_ls_shell.number_reflns_R_free             77 
_refine_ls_shell.number_reflns_R_work             1092 
_refine_ls_shell.percent_reflns_obs               100.0000 
_refine_ls_shell.percent_reflns_R_free            ? 
_refine_ls_shell.R_factor_all                     ? 
_refine_ls_shell.R_factor_obs                     ? 
_refine_ls_shell.R_factor_R_free                  0.3680 
_refine_ls_shell.R_factor_R_free_error            0.0000 
_refine_ls_shell.R_factor_R_work                  0.3380 
_refine_ls_shell.redundancy_reflns_all            ? 
_refine_ls_shell.redundancy_reflns_obs            ? 
_refine_ls_shell.wR_factor_all                    ? 
_refine_ls_shell.wR_factor_obs                    ? 
_refine_ls_shell.wR_factor_R_free                 ? 
_refine_ls_shell.wR_factor_R_work                 ? 
_refine_ls_shell.pdbx_total_number_of_bins_used   20 
_refine_ls_shell.pdbx_phase_error                 ? 
_refine_ls_shell.pdbx_fsc_work                    ? 
_refine_ls_shell.pdbx_fsc_free                    ? 
# 
_struct.entry_id                     6HMZ 
_struct.title                        'Crystal Structure of a Single-Domain Cyclophilin from Brassica napus Phloem Sap' 
_struct.pdbx_model_details           ? 
_struct.pdbx_formula_weight          ? 
_struct.pdbx_formula_weight_method   ? 
_struct.pdbx_model_type_details      ? 
_struct.pdbx_CASP_flag               N 
# 
_struct_keywords.entry_id        6HMZ 
_struct_keywords.text            
'Peptidyl-Prolyl cis/trans Isomerase, Phloem Sap, CYP-like Domain, Cyclophilin Diversity, Cyclosporin A, ISOMERASE' 
_struct_keywords.pdbx_keywords   ISOMERASE 
# 
loop_
_struct_asym.id 
_struct_asym.pdbx_blank_PDB_chainid_flag 
_struct_asym.pdbx_modified 
_struct_asym.entity_id 
_struct_asym.details 
A N N 1 ? 
B N N 2 ? 
C N N 3 ? 
D N N 4 ? 
E N N 5 ? 
# 
loop_
_struct_ref.id 
_struct_ref.db_name 
_struct_ref.db_code 
_struct_ref.pdbx_db_accession 
_struct_ref.pdbx_db_isoform 
_struct_ref.entity_id 
_struct_ref.pdbx_seq_one_letter_code 
_struct_ref.pdbx_align_begin 
1 UNP A0A078GRH6_BRANA A0A078GRH6 ? 1 
;MANPKVFFDILIGKMKAGRVVMELFADVTPRTADNFRALCTGEKGIGQAGKALHYKGSAFHRIIPGFMCQGGDFTRGNGT
GGESIYGAKFQDENFKLKHTGPGILSMANSGPNTNGSQFFICTDKTAWLDGKHVVFGKVVDGYNVVKAMEKVGSERGVTS
EPVVIEDCGEIKNETSEVSN
;
1 
2 PDB 6HMZ             6HMZ       ? 2 ? 1 
# 
loop_
_struct_ref_seq.align_id 
_struct_ref_seq.ref_id 
_struct_ref_seq.pdbx_PDB_id_code 
_struct_ref_seq.pdbx_strand_id 
_struct_ref_seq.seq_align_beg 
_struct_ref_seq.pdbx_seq_align_beg_ins_code 
_struct_ref_seq.seq_align_end 
_struct_ref_seq.pdbx_seq_align_end_ins_code 
_struct_ref_seq.pdbx_db_accession 
_struct_ref_seq.db_align_beg 
_struct_ref_seq.pdbx_db_align_beg_ins_code 
_struct_ref_seq.db_align_end 
_struct_ref_seq.pdbx_db_align_end_ins_code 
_struct_ref_seq.pdbx_auth_seq_align_beg 
_struct_ref_seq.pdbx_auth_seq_align_end 
1 1 6HMZ X 1 ? 180 ? A0A078GRH6 1 ? 180 ? 1 180 
2 2 6HMZ A 1 ? 11  ? 6HMZ       1 ? 11  ? 1 11  
# 
_pdbx_struct_assembly.id                   1 
_pdbx_struct_assembly.details              author_and_software_defined_assembly 
_pdbx_struct_assembly.method_details       PISA 
_pdbx_struct_assembly.oligomeric_details   dimeric 
_pdbx_struct_assembly.oligomeric_count     2 
# 
loop_
_pdbx_struct_assembly_prop.biol_id 
_pdbx_struct_assembly_prop.type 
_pdbx_struct_assembly_prop.value 
_pdbx_struct_assembly_prop.details 
1 'ABSA (A^2)' 1230 ? 
1 MORE         -15  ? 
1 'SSA (A^2)'  7870 ? 
# 
_pdbx_struct_assembly_gen.assembly_id       1 
_pdbx_struct_assembly_gen.oper_expression   1 
_pdbx_struct_assembly_gen.asym_id_list      A,B,C,D,E 
# 
loop_
_pdbx_struct_assembly_auth_evidence.id 
_pdbx_struct_assembly_auth_evidence.assembly_id 
_pdbx_struct_assembly_auth_evidence.experimental_support 
_pdbx_struct_assembly_auth_evidence.details 
1 1 'gel filtration'   ? 
2 1 'light scattering' ? 
3 1 SAXS               ? 
# 
_pdbx_struct_oper_list.id                   1 
_pdbx_struct_oper_list.type                 'identity operation' 
_pdbx_struct_oper_list.name                 1_555 
_pdbx_struct_oper_list.symmetry_operation   x,y,z 
_pdbx_struct_oper_list.matrix[1][1]         1.0000000000 
_pdbx_struct_oper_list.matrix[1][2]         0.0000000000 
_pdbx_struct_oper_list.matrix[1][3]         0.0000000000 
_pdbx_struct_oper_list.vector[1]            0.0000000000 
_pdbx_struct_oper_list.matrix[2][1]         0.0000000000 
_pdbx_struct_oper_list.matrix[2][2]         1.0000000000 
_pdbx_struct_oper_list.matrix[2][3]         0.0000000000 
_pdbx_struct_oper_list.vector[2]            0.0000000000 
_pdbx_struct_oper_list.matrix[3][1]         0.0000000000 
_pdbx_struct_oper_list.matrix[3][2]         0.0000000000 
_pdbx_struct_oper_list.matrix[3][3]         1.0000000000 
_pdbx_struct_oper_list.vector[3]            0.0000000000 
# 
loop_
_struct_conf.conf_type_id 
_struct_conf.id 
_struct_conf.pdbx_PDB_helix_id 
_struct_conf.beg_label_comp_id 
_struct_conf.beg_label_asym_id 
_struct_conf.beg_label_seq_id 
_struct_conf.pdbx_beg_PDB_ins_code 
_struct_conf.end_label_comp_id 
_struct_conf.end_label_asym_id 
_struct_conf.end_label_seq_id 
_struct_conf.pdbx_end_PDB_ins_code 
_struct_conf.beg_auth_comp_id 
_struct_conf.beg_auth_asym_id 
_struct_conf.beg_auth_seq_id 
_struct_conf.end_auth_comp_id 
_struct_conf.end_auth_asym_id 
_struct_conf.end_auth_seq_id 
_struct_conf.pdbx_PDB_helix_class 
_struct_conf.details 
_struct_conf.pdbx_PDB_helix_length 
HELX_P HELX_P1 AA1 THR A 29  ? GLY A 42  ? THR X 29  GLY X 42  1 ? 14 
HELX_P HELX_P2 AA2 THR A 126 ? ASP A 130 ? THR X 126 ASP X 130 5 ? 5  
HELX_P HELX_P3 AA3 GLY A 142 ? VAL A 152 ? GLY X 142 VAL X 152 1 ? 11 
# 
_struct_conf_type.id          HELX_P 
_struct_conf_type.criteria    ? 
_struct_conf_type.reference   ? 
# 
loop_
_struct_conn.id 
_struct_conn.conn_type_id 
_struct_conn.pdbx_leaving_atom_flag 
_struct_conn.pdbx_PDB_id 
_struct_conn.ptnr1_label_asym_id 
_struct_conn.ptnr1_label_comp_id 
_struct_conn.ptnr1_label_seq_id 
_struct_conn.ptnr1_label_atom_id 
_struct_conn.pdbx_ptnr1_label_alt_id 
_struct_conn.pdbx_ptnr1_PDB_ins_code 
_struct_conn.pdbx_ptnr1_standard_comp_id 
_struct_conn.ptnr1_symmetry 
_struct_conn.ptnr2_label_asym_id 
_struct_conn.ptnr2_label_comp_id 
_struct_conn.ptnr2_label_seq_id 
_struct_conn.ptnr2_label_atom_id 
_struct_conn.pdbx_ptnr2_label_alt_id 
_struct_conn.pdbx_ptnr2_PDB_ins_code 
_struct_conn.ptnr1_auth_asym_id 
_struct_conn.ptnr1_auth_comp_id 
_struct_conn.ptnr1_auth_seq_id 
_struct_conn.ptnr2_auth_asym_id 
_struct_conn.ptnr2_auth_comp_id 
_struct_conn.ptnr2_auth_seq_id 
_struct_conn.ptnr2_symmetry 
_struct_conn.pdbx_ptnr3_label_atom_id 
_struct_conn.pdbx_ptnr3_label_seq_id 
_struct_conn.pdbx_ptnr3_label_comp_id 
_struct_conn.pdbx_ptnr3_label_asym_id 
_struct_conn.pdbx_ptnr3_label_alt_id 
_struct_conn.pdbx_ptnr3_PDB_ins_code 
_struct_conn.details 
_struct_conn.pdbx_dist_value 
_struct_conn.pdbx_value_order 
_struct_conn.pdbx_role 
covale1  covale both ? B BMT 1  C ? ? ? 1_555 B ABA 2  N  ? ? A BMT 1  A ABA 2   1_555 ? ? ? ? ? ? ? 1.352 ? ? 
covale2  covale both ? B BMT 1  N ? ? ? 1_555 B MVA 11 C  ? ? A BMT 1  A MVA 11  1_555 ? ? ? ? ? ? ? 1.378 ? ? 
covale3  covale both ? B ABA 2  C ? ? ? 1_555 B SAR 3  N  ? ? A ABA 2  A SAR 3   1_555 ? ? ? ? ? ? ? 1.340 ? ? 
covale4  covale both ? B SAR 3  C ? ? ? 1_555 B MLE 4  N  ? ? A SAR 3  A MLE 4   1_555 ? ? ? ? ? ? ? 1.314 ? ? 
covale5  covale both ? B MLE 4  C ? ? ? 1_555 B VAL 5  N  ? ? A MLE 4  A VAL 5   1_555 ? ? ? ? ? ? ? 1.313 ? ? 
covale6  covale both ? B VAL 5  C ? ? ? 1_555 B MLE 6  N  ? ? A VAL 5  A MLE 6   1_555 ? ? ? ? ? ? ? 1.349 ? ? 
covale7  covale both ? B MLE 6  C ? ? ? 1_555 B ALA 7  N  ? ? A MLE 6  A ALA 7   1_555 ? ? ? ? ? ? ? 1.323 ? ? 
covale8  covale both ? B ALA 7  C ? ? ? 1_555 B DAL 8  N  ? ? A ALA 7  A DAL 8   1_555 ? ? ? ? ? ? ? 1.348 ? ? 
covale9  covale both ? B DAL 8  C ? ? ? 1_555 B MLE 9  N  ? ? A DAL 8  A MLE 9   1_555 ? ? ? ? ? ? ? 1.333 ? ? 
covale10 covale both ? B MLE 9  C ? ? ? 1_555 B MLE 10 N  ? ? A MLE 9  A MLE 10  1_555 ? ? ? ? ? ? ? 1.351 ? ? 
covale11 covale both ? B MLE 10 C ? ? ? 1_555 B MVA 11 N  ? ? A MLE 10 A MVA 11  1_555 ? ? ? ? ? ? ? 1.364 ? ? 
metalc1  metalc ?    ? A ALA 38 O ? ? ? 1_555 C MG  .  MG ? ? X ALA 38 X MG  201 1_555 ? ? ? ? ? ? ? 2.860 ? ? 
metalc2  metalc ?    ? A LEU 53 O ? ? ? 1_555 C MG  .  MG ? ? X LEU 53 X MG  201 1_555 ? ? ? ? ? ? ? 2.640 ? ? 
# 
loop_
_struct_conn_type.id 
_struct_conn_type.criteria 
_struct_conn_type.reference 
covale ? ? 
metalc ? ? 
# 
_pdbx_struct_conn_angle.id                    1 
_pdbx_struct_conn_angle.ptnr1_label_atom_id   O 
_pdbx_struct_conn_angle.ptnr1_label_alt_id    ? 
_pdbx_struct_conn_angle.ptnr1_label_asym_id   A 
_pdbx_struct_conn_angle.ptnr1_label_comp_id   ALA 
_pdbx_struct_conn_angle.ptnr1_label_seq_id    38 
_pdbx_struct_conn_angle.ptnr1_auth_atom_id    ? 
_pdbx_struct_conn_angle.ptnr1_auth_asym_id    X 
_pdbx_struct_conn_angle.ptnr1_auth_comp_id    ALA 
_pdbx_struct_conn_angle.ptnr1_auth_seq_id     38 
_pdbx_struct_conn_angle.ptnr1_PDB_ins_code    ? 
_pdbx_struct_conn_angle.ptnr1_symmetry        1_555 
_pdbx_struct_conn_angle.ptnr2_label_atom_id   MG 
_pdbx_struct_conn_angle.ptnr2_label_alt_id    ? 
_pdbx_struct_conn_angle.ptnr2_label_asym_id   C 
_pdbx_struct_conn_angle.ptnr2_label_comp_id   MG 
_pdbx_struct_conn_angle.ptnr2_label_seq_id    . 
_pdbx_struct_conn_angle.ptnr2_auth_atom_id    ? 
_pdbx_struct_conn_angle.ptnr2_auth_asym_id    X 
_pdbx_struct_conn_angle.ptnr2_auth_comp_id    MG 
_pdbx_struct_conn_angle.ptnr2_auth_seq_id     201 
_pdbx_struct_conn_angle.ptnr2_PDB_ins_code    ? 
_pdbx_struct_conn_angle.ptnr2_symmetry        1_555 
_pdbx_struct_conn_angle.ptnr3_label_atom_id   O 
_pdbx_struct_conn_angle.ptnr3_label_alt_id    ? 
_pdbx_struct_conn_angle.ptnr3_label_asym_id   A 
_pdbx_struct_conn_angle.ptnr3_label_comp_id   LEU 
_pdbx_struct_conn_angle.ptnr3_label_seq_id    53 
_pdbx_struct_conn_angle.ptnr3_auth_atom_id    ? 
_pdbx_struct_conn_angle.ptnr3_auth_asym_id    X 
_pdbx_struct_conn_angle.ptnr3_auth_comp_id    LEU 
_pdbx_struct_conn_angle.ptnr3_auth_seq_id     53 
_pdbx_struct_conn_angle.ptnr3_PDB_ins_code    ? 
_pdbx_struct_conn_angle.ptnr3_symmetry        1_555 
_pdbx_struct_conn_angle.value                 93.3 
_pdbx_struct_conn_angle.value_esd             ? 
# 
_struct_sheet.id               AA1 
_struct_sheet.type             ? 
_struct_sheet.number_strands   8 
_struct_sheet.details          ? 
# 
loop_
_struct_sheet_order.sheet_id 
_struct_sheet_order.range_id_1 
_struct_sheet_order.range_id_2 
_struct_sheet_order.offset 
_struct_sheet_order.sense 
AA1 1 2 ? anti-parallel 
AA1 2 3 ? anti-parallel 
AA1 3 4 ? anti-parallel 
AA1 4 5 ? anti-parallel 
AA1 5 6 ? anti-parallel 
AA1 6 7 ? anti-parallel 
AA1 7 8 ? anti-parallel 
# 
loop_
_struct_sheet_range.sheet_id 
_struct_sheet_range.id 
_struct_sheet_range.beg_label_comp_id 
_struct_sheet_range.beg_label_asym_id 
_struct_sheet_range.beg_label_seq_id 
_struct_sheet_range.pdbx_beg_PDB_ins_code 
_struct_sheet_range.end_label_comp_id 
_struct_sheet_range.end_label_asym_id 
_struct_sheet_range.end_label_seq_id 
_struct_sheet_range.pdbx_end_PDB_ins_code 
_struct_sheet_range.beg_auth_comp_id 
_struct_sheet_range.beg_auth_asym_id 
_struct_sheet_range.beg_auth_seq_id 
_struct_sheet_range.end_auth_comp_id 
_struct_sheet_range.end_auth_asym_id 
_struct_sheet_range.end_auth_seq_id 
AA1 1 ARG A 62  ? ILE A 64  ? ARG X 62  ILE X 64  
AA1 2 MET A 68  ? GLY A 71  ? MET X 68  GLY X 71  
AA1 3 PHE A 119 ? CYS A 122 ? PHE X 119 CYS X 122 
AA1 4 ILE A 104 ? MET A 107 ? ILE X 104 MET X 107 
AA1 5 VAL A 135 ? ASP A 141 ? VAL X 135 ASP X 141 
AA1 6 MET A 15  ? LEU A 24  ? MET X 15  LEU X 24  
AA1 7 LYS A 5   ? ILE A 12  ? LYS X 5   ILE X 12  
AA1 8 VAL A 163 ? GLU A 170 ? VAL X 163 GLU X 170 
# 
loop_
_pdbx_struct_sheet_hbond.sheet_id 
_pdbx_struct_sheet_hbond.range_id_1 
_pdbx_struct_sheet_hbond.range_id_2 
_pdbx_struct_sheet_hbond.range_1_label_atom_id 
_pdbx_struct_sheet_hbond.range_1_label_comp_id 
_pdbx_struct_sheet_hbond.range_1_label_asym_id 
_pdbx_struct_sheet_hbond.range_1_label_seq_id 
_pdbx_struct_sheet_hbond.range_1_PDB_ins_code 
_pdbx_struct_sheet_hbond.range_1_auth_atom_id 
_pdbx_struct_sheet_hbond.range_1_auth_comp_id 
_pdbx_struct_sheet_hbond.range_1_auth_asym_id 
_pdbx_struct_sheet_hbond.range_1_auth_seq_id 
_pdbx_struct_sheet_hbond.range_2_label_atom_id 
_pdbx_struct_sheet_hbond.range_2_label_comp_id 
_pdbx_struct_sheet_hbond.range_2_label_asym_id 
_pdbx_struct_sheet_hbond.range_2_label_seq_id 
_pdbx_struct_sheet_hbond.range_2_PDB_ins_code 
_pdbx_struct_sheet_hbond.range_2_auth_atom_id 
_pdbx_struct_sheet_hbond.range_2_auth_comp_id 
_pdbx_struct_sheet_hbond.range_2_auth_asym_id 
_pdbx_struct_sheet_hbond.range_2_auth_seq_id 
AA1 1 2 N ARG A 62  ? N ARG X 62  O GLN A 70  ? O GLN X 70  
AA1 2 3 N CYS A 69  ? N CYS X 69  O ILE A 121 ? O ILE X 121 
AA1 3 4 O PHE A 120 ? O PHE X 120 N SER A 106 ? N SER X 106 
AA1 4 5 N LEU A 105 ? N LEU X 105 O GLY A 137 ? O GLY X 137 
AA1 5 6 O ASP A 141 ? O ASP X 141 N VAL A 21  ? N VAL X 21  
AA1 6 7 O MET A 22  ? O MET X 22  N VAL A 6   ? N VAL X 6   
AA1 7 8 N LEU A 11  ? N LEU X 11  O VAL A 164 ? O VAL X 164 
# 
loop_
_struct_site.id 
_struct_site.pdbx_evidence_code 
_struct_site.pdbx_auth_asym_id 
_struct_site.pdbx_auth_comp_id 
_struct_site.pdbx_auth_seq_id 
_struct_site.pdbx_auth_ins_code 
_struct_site.pdbx_num_residues 
_struct_site.details 
AC1 Software X MG  201 ? 5  'binding site for residue MG X 201'               
AC2 Software X MLI 202 ? 6  'binding site for residue MLI X 202'              
AC3 Software A BMT 1   ? 12 'binding site for residues BMT A 1 and MVA A 11'  
AC4 Software A BMT 1   ? 12 'binding site for residues BMT A 1 and ABA A 2'   
AC5 Software A ABA 2   ? 7  'binding site for residues ABA A 2 and SAR A 3'   
AC6 Software A SAR 3   ? 7  'binding site for residues SAR A 3 and MLE A 4'   
AC7 Software A MLE 9   ? 8  'binding site for residues MLE A 9 and MLE A 10'  
AC8 Software A MLE 10  ? 12 'binding site for residues MLE A 10 and MVA A 11' 
# 
loop_
_struct_site_gen.id 
_struct_site_gen.site_id 
_struct_site_gen.pdbx_num_res 
_struct_site_gen.label_comp_id 
_struct_site_gen.label_asym_id 
_struct_site_gen.label_seq_id 
_struct_site_gen.pdbx_auth_ins_code 
_struct_site_gen.auth_comp_id 
_struct_site_gen.auth_asym_id 
_struct_site_gen.auth_seq_id 
_struct_site_gen.label_atom_id 
_struct_site_gen.label_alt_id 
_struct_site_gen.symmetry 
_struct_site_gen.details 
1  AC1 5  ALA A 38  ? ALA X 38  . ? 1_555  ? 
2  AC1 5  GLY A 42  ? GLY X 42  . ? 1_555  ? 
3  AC1 5  GLU A 43  ? GLU X 43  . ? 1_555  ? 
4  AC1 5  LYS A 44  ? LYS X 44  . ? 1_555  ? 
5  AC1 5  LEU A 53  ? LEU X 53  . ? 1_555  ? 
6  AC2 6  PHE A 25  ? PHE X 25  . ? 3_545  ? 
7  AC2 6  ASP A 27  ? ASP X 27  . ? 3_545  ? 
8  AC2 6  VAL A 28  ? VAL X 28  . ? 3_545  ? 
9  AC2 6  ILE A 46  ? ILE X 46  . ? 1_555  ? 
10 AC2 6  GLY A 47  ? GLY X 47  . ? 1_555  ? 
11 AC2 6  LEU A 97  ? LEU X 97  . ? 3_545  ? 
12 AC3 12 ABA B 2   ? ABA A 2   . ? 1_555  ? 
13 AC3 12 SAR B 3   ? SAR A 3   . ? 1_555  ? 
14 AC3 12 MLE B 4   ? MLE A 4   . ? 1_555  ? 
15 AC3 12 VAL B 5   ? VAL A 5   . ? 1_555  ? 
16 AC3 12 MLE B 10  ? MLE A 10  . ? 1_555  ? 
17 AC3 12 ARG A 62  ? ARG X 62  . ? 1_555  ? 
18 AC3 12 GLN A 70  ? GLN X 70  . ? 1_555  ? 
19 AC3 12 ALA A 108 ? ALA X 108 . ? 1_555  ? 
20 AC3 12 ASN A 109 ? ASN X 109 . ? 1_555  ? 
21 AC3 12 SER A 110 ? SER X 110 . ? 1_555  ? 
22 AC3 12 PHE A 120 ? PHE X 120 . ? 1_555  ? 
23 AC3 12 HIS A 133 ? HIS X 133 . ? 1_555  ? 
24 AC4 12 SAR B 3   ? SAR A 3   . ? 1_555  ? 
25 AC4 12 MLE B 4   ? MLE A 4   . ? 1_555  ? 
26 AC4 12 VAL B 5   ? VAL A 5   . ? 1_555  ? 
27 AC4 12 MLE B 10  ? MLE A 10  . ? 1_555  ? 
28 AC4 12 MVA B 11  ? MVA A 11  . ? 1_555  ? 
29 AC4 12 ARG A 62  ? ARG X 62  . ? 1_555  ? 
30 AC4 12 GLN A 70  ? GLN X 70  . ? 1_555  ? 
31 AC4 12 GLY A 79  ? GLY X 79  . ? 1_555  ? 
32 AC4 12 ALA A 108 ? ALA X 108 . ? 1_555  ? 
33 AC4 12 ASN A 109 ? ASN X 109 . ? 1_555  ? 
34 AC4 12 SER A 110 ? SER X 110 . ? 1_555  ? 
35 AC4 12 GLN A 118 ? GLN X 118 . ? 1_555  ? 
36 AC5 7  BMT B 1   ? BMT A 1   . ? 1_555  ? 
37 AC5 7  MLE B 4   ? MLE A 4   . ? 1_555  ? 
38 AC5 7  GLY A 79  ? GLY X 79  . ? 1_555  ? 
39 AC5 7  ALA A 108 ? ALA X 108 . ? 1_555  ? 
40 AC5 7  ASN A 109 ? ASN X 109 . ? 1_555  ? 
41 AC5 7  SER A 110 ? SER X 110 . ? 1_555  ? 
42 AC5 7  GLN A 118 ? GLN X 118 . ? 1_555  ? 
43 AC6 7  BMT B 1   ? BMT A 1   . ? 1_555  ? 
44 AC6 7  ABA B 2   ? ABA A 2   . ? 1_555  ? 
45 AC6 7  VAL B 5   ? VAL A 5   . ? 1_555  ? 
46 AC6 7  MLE B 6   ? MLE A 6   . ? 7_545  ? 
47 AC6 7  MLE B 6   ? MLE A 6   . ? 1_555  ? 
48 AC6 7  ALA B 7   ? ALA A 7   . ? 16_555 ? 
49 AC6 7  GLY A 79  ? GLY X 79  . ? 1_555  ? 
50 AC7 8  BMT B 1   ? BMT A 1   . ? 1_555  ? 
51 AC7 8  ALA B 7   ? ALA A 7   . ? 1_555  ? 
52 AC7 8  ALA B 7   ? ALA A 7   . ? 10_655 ? 
53 AC7 8  DAL B 8   ? DAL A 8   . ? 1_555  ? 
54 AC7 8  MVA B 11  ? MVA A 11  . ? 1_555  ? 
55 AC7 8  ARG A 62  ? ARG X 62  . ? 1_555  ? 
56 AC7 8  PHE A 67  ? PHE X 67  . ? 1_555  ? 
57 AC7 8  TRP A 128 ? TRP X 128 . ? 1_555  ? 
58 AC8 12 BMT B 1   ? BMT A 1   . ? 1_555  ? 
59 AC8 12 ALA B 7   ? ALA A 7   . ? 1_555  ? 
60 AC8 12 ALA B 7   ? ALA A 7   . ? 10_655 ? 
61 AC8 12 DAL B 8   ? DAL A 8   . ? 1_555  ? 
62 AC8 12 MLE B 9   ? MLE A 9   . ? 1_555  ? 
63 AC8 12 ARG A 62  ? ARG X 62  . ? 1_555  ? 
64 AC8 12 PHE A 67  ? PHE X 67  . ? 1_555  ? 
65 AC8 12 GLN A 70  ? GLN X 70  . ? 1_555  ? 
66 AC8 12 ALA A 108 ? ALA X 108 . ? 1_555  ? 
67 AC8 12 ASN A 109 ? ASN X 109 . ? 1_555  ? 
68 AC8 12 PHE A 120 ? PHE X 120 . ? 1_555  ? 
69 AC8 12 HIS A 133 ? HIS X 133 . ? 1_555  ? 
# 
loop_
_pdbx_validate_torsion.id 
_pdbx_validate_torsion.PDB_model_num 
_pdbx_validate_torsion.auth_comp_id 
_pdbx_validate_torsion.auth_asym_id 
_pdbx_validate_torsion.auth_seq_id 
_pdbx_validate_torsion.PDB_ins_code 
_pdbx_validate_torsion.label_alt_id 
_pdbx_validate_torsion.phi 
_pdbx_validate_torsion.psi 
1 1 PHE X 67  ? ? -118.47 -71.40  
2 1 ALA X 88  ? ? 46.06   -114.11 
3 1 THR X 126 ? ? -118.04 54.93   
4 1 MLE A 6   ? ? -121.55 -157.16 
# 
loop_
_pdbx_struct_special_symmetry.id 
_pdbx_struct_special_symmetry.PDB_model_num 
_pdbx_struct_special_symmetry.auth_asym_id 
_pdbx_struct_special_symmetry.auth_comp_id 
_pdbx_struct_special_symmetry.auth_seq_id 
_pdbx_struct_special_symmetry.PDB_ins_code 
_pdbx_struct_special_symmetry.label_asym_id 
_pdbx_struct_special_symmetry.label_comp_id 
_pdbx_struct_special_symmetry.label_seq_id 
1 1 X HOH 301 ? E HOH . 
2 1 X HOH 316 ? E HOH . 
3 1 X HOH 346 ? E HOH . 
# 
_pdbx_phasing_MR.entry_id                     6HMZ 
_pdbx_phasing_MR.method_rotation              ? 
_pdbx_phasing_MR.method_translation           ? 
_pdbx_phasing_MR.model_details                ? 
_pdbx_phasing_MR.R_factor                     ? 
_pdbx_phasing_MR.R_rigid_body                 ? 
_pdbx_phasing_MR.correlation_coeff_Fo_to_Fc   ? 
_pdbx_phasing_MR.correlation_coeff_Io_to_Ic   ? 
_pdbx_phasing_MR.d_res_high_rotation          36.820 
_pdbx_phasing_MR.d_res_low_rotation           2.120 
_pdbx_phasing_MR.d_res_high_translation       ? 
_pdbx_phasing_MR.d_res_low_translation        ? 
_pdbx_phasing_MR.packing                      ? 
_pdbx_phasing_MR.reflns_percent_rotation      ? 
_pdbx_phasing_MR.reflns_percent_translation   ? 
_pdbx_phasing_MR.sigma_F_rotation             ? 
_pdbx_phasing_MR.sigma_F_translation          ? 
_pdbx_phasing_MR.sigma_I_rotation             ? 
_pdbx_phasing_MR.sigma_I_translation          ? 
# 
_phasing.method   MR 
# 
loop_
_pdbx_unobs_or_zero_occ_residues.id 
_pdbx_unobs_or_zero_occ_residues.PDB_model_num 
_pdbx_unobs_or_zero_occ_residues.polymer_flag 
_pdbx_unobs_or_zero_occ_residues.occupancy_flag 
_pdbx_unobs_or_zero_occ_residues.auth_asym_id 
_pdbx_unobs_or_zero_occ_residues.auth_comp_id 
_pdbx_unobs_or_zero_occ_residues.auth_seq_id 
_pdbx_unobs_or_zero_occ_residues.PDB_ins_code 
_pdbx_unobs_or_zero_occ_residues.label_asym_id 
_pdbx_unobs_or_zero_occ_residues.label_comp_id 
_pdbx_unobs_or_zero_occ_residues.label_seq_id 
1  1 Y 1 X MET 1   ? A MET 1   
2  1 Y 1 X LYS 172 ? A LYS 172 
3  1 Y 1 X ASN 173 ? A ASN 173 
4  1 Y 1 X GLU 174 ? A GLU 174 
5  1 Y 1 X THR 175 ? A THR 175 
6  1 Y 1 X SER 176 ? A SER 176 
7  1 Y 1 X GLU 177 ? A GLU 177 
8  1 Y 1 X VAL 178 ? A VAL 178 
9  1 Y 1 X SER 179 ? A SER 179 
10 1 Y 1 X ASN 180 ? A ASN 180 
# 
loop_
_chem_comp_atom.comp_id 
_chem_comp_atom.atom_id 
_chem_comp_atom.type_symbol 
_chem_comp_atom.pdbx_aromatic_flag 
_chem_comp_atom.pdbx_stereo_config 
_chem_comp_atom.pdbx_ordinal 
ABA N    N  N N 1   
ABA CA   C  N S 2   
ABA C    C  N N 3   
ABA O    O  N N 4   
ABA CB   C  N N 5   
ABA CG   C  N N 6   
ABA OXT  O  N N 7   
ABA H    H  N N 8   
ABA H2   H  N N 9   
ABA HA   H  N N 10  
ABA HB3  H  N N 11  
ABA HB2  H  N N 12  
ABA HG1  H  N N 13  
ABA HG3  H  N N 14  
ABA HG2  H  N N 15  
ABA HXT  H  N N 16  
ALA N    N  N N 17  
ALA CA   C  N S 18  
ALA C    C  N N 19  
ALA O    O  N N 20  
ALA CB   C  N N 21  
ALA OXT  O  N N 22  
ALA H    H  N N 23  
ALA H2   H  N N 24  
ALA HA   H  N N 25  
ALA HB1  H  N N 26  
ALA HB2  H  N N 27  
ALA HB3  H  N N 28  
ALA HXT  H  N N 29  
ARG N    N  N N 30  
ARG CA   C  N S 31  
ARG C    C  N N 32  
ARG O    O  N N 33  
ARG CB   C  N N 34  
ARG CG   C  N N 35  
ARG CD   C  N N 36  
ARG NE   N  N N 37  
ARG CZ   C  N N 38  
ARG NH1  N  N N 39  
ARG NH2  N  N N 40  
ARG OXT  O  N N 41  
ARG H    H  N N 42  
ARG H2   H  N N 43  
ARG HA   H  N N 44  
ARG HB2  H  N N 45  
ARG HB3  H  N N 46  
ARG HG2  H  N N 47  
ARG HG3  H  N N 48  
ARG HD2  H  N N 49  
ARG HD3  H  N N 50  
ARG HE   H  N N 51  
ARG HH11 H  N N 52  
ARG HH12 H  N N 53  
ARG HH21 H  N N 54  
ARG HH22 H  N N 55  
ARG HXT  H  N N 56  
ASN N    N  N N 57  
ASN CA   C  N S 58  
ASN C    C  N N 59  
ASN O    O  N N 60  
ASN CB   C  N N 61  
ASN CG   C  N N 62  
ASN OD1  O  N N 63  
ASN ND2  N  N N 64  
ASN OXT  O  N N 65  
ASN H    H  N N 66  
ASN H2   H  N N 67  
ASN HA   H  N N 68  
ASN HB2  H  N N 69  
ASN HB3  H  N N 70  
ASN HD21 H  N N 71  
ASN HD22 H  N N 72  
ASN HXT  H  N N 73  
ASP N    N  N N 74  
ASP CA   C  N S 75  
ASP C    C  N N 76  
ASP O    O  N N 77  
ASP CB   C  N N 78  
ASP CG   C  N N 79  
ASP OD1  O  N N 80  
ASP OD2  O  N N 81  
ASP OXT  O  N N 82  
ASP H    H  N N 83  
ASP H2   H  N N 84  
ASP HA   H  N N 85  
ASP HB2  H  N N 86  
ASP HB3  H  N N 87  
ASP HD2  H  N N 88  
ASP HXT  H  N N 89  
BMT N    N  N N 90  
BMT CN   C  N N 91  
BMT CA   C  N S 92  
BMT C    C  N N 93  
BMT O    O  N N 94  
BMT OXT  O  N N 95  
BMT CB   C  N R 96  
BMT OG1  O  N N 97  
BMT CG2  C  N R 98  
BMT CD1  C  N N 99  
BMT CD2  C  N N 100 
BMT CE   C  N N 101 
BMT CZ   C  N N 102 
BMT CH   C  N N 103 
BMT H    H  N N 104 
BMT HN1  H  N N 105 
BMT HN2  H  N N 106 
BMT HN3  H  N N 107 
BMT HA   H  N N 108 
BMT HXT  H  N N 109 
BMT HB   H  N N 110 
BMT HG1  H  N N 111 
BMT HG2  H  N N 112 
BMT HD11 H  N N 113 
BMT HD12 H  N N 114 
BMT HD13 H  N N 115 
BMT HD22 H  N N 116 
BMT HD23 H  N N 117 
BMT HE   H  N N 118 
BMT HZ   H  N N 119 
BMT HH1  H  N N 120 
BMT HH2  H  N N 121 
BMT HH3  H  N N 122 
CYS N    N  N N 123 
CYS CA   C  N R 124 
CYS C    C  N N 125 
CYS O    O  N N 126 
CYS CB   C  N N 127 
CYS SG   S  N N 128 
CYS OXT  O  N N 129 
CYS H    H  N N 130 
CYS H2   H  N N 131 
CYS HA   H  N N 132 
CYS HB2  H  N N 133 
CYS HB3  H  N N 134 
CYS HG   H  N N 135 
CYS HXT  H  N N 136 
DAL N    N  N N 137 
DAL CA   C  N R 138 
DAL CB   C  N N 139 
DAL C    C  N N 140 
DAL O    O  N N 141 
DAL OXT  O  N N 142 
DAL H    H  N N 143 
DAL H2   H  N N 144 
DAL HA   H  N N 145 
DAL HB1  H  N N 146 
DAL HB2  H  N N 147 
DAL HB3  H  N N 148 
DAL HXT  H  N N 149 
GLN N    N  N N 150 
GLN CA   C  N S 151 
GLN C    C  N N 152 
GLN O    O  N N 153 
GLN CB   C  N N 154 
GLN CG   C  N N 155 
GLN CD   C  N N 156 
GLN OE1  O  N N 157 
GLN NE2  N  N N 158 
GLN OXT  O  N N 159 
GLN H    H  N N 160 
GLN H2   H  N N 161 
GLN HA   H  N N 162 
GLN HB2  H  N N 163 
GLN HB3  H  N N 164 
GLN HG2  H  N N 165 
GLN HG3  H  N N 166 
GLN HE21 H  N N 167 
GLN HE22 H  N N 168 
GLN HXT  H  N N 169 
GLU N    N  N N 170 
GLU CA   C  N S 171 
GLU C    C  N N 172 
GLU O    O  N N 173 
GLU CB   C  N N 174 
GLU CG   C  N N 175 
GLU CD   C  N N 176 
GLU OE1  O  N N 177 
GLU OE2  O  N N 178 
GLU OXT  O  N N 179 
GLU H    H  N N 180 
GLU H2   H  N N 181 
GLU HA   H  N N 182 
GLU HB2  H  N N 183 
GLU HB3  H  N N 184 
GLU HG2  H  N N 185 
GLU HG3  H  N N 186 
GLU HE2  H  N N 187 
GLU HXT  H  N N 188 
GLY N    N  N N 189 
GLY CA   C  N N 190 
GLY C    C  N N 191 
GLY O    O  N N 192 
GLY OXT  O  N N 193 
GLY H    H  N N 194 
GLY H2   H  N N 195 
GLY HA2  H  N N 196 
GLY HA3  H  N N 197 
GLY HXT  H  N N 198 
HIS N    N  N N 199 
HIS CA   C  N S 200 
HIS C    C  N N 201 
HIS O    O  N N 202 
HIS CB   C  N N 203 
HIS CG   C  Y N 204 
HIS ND1  N  Y N 205 
HIS CD2  C  Y N 206 
HIS CE1  C  Y N 207 
HIS NE2  N  Y N 208 
HIS OXT  O  N N 209 
HIS H    H  N N 210 
HIS H2   H  N N 211 
HIS HA   H  N N 212 
HIS HB2  H  N N 213 
HIS HB3  H  N N 214 
HIS HD1  H  N N 215 
HIS HD2  H  N N 216 
HIS HE1  H  N N 217 
HIS HE2  H  N N 218 
HIS HXT  H  N N 219 
HOH O    O  N N 220 
HOH H1   H  N N 221 
HOH H2   H  N N 222 
ILE N    N  N N 223 
ILE CA   C  N S 224 
ILE C    C  N N 225 
ILE O    O  N N 226 
ILE CB   C  N S 227 
ILE CG1  C  N N 228 
ILE CG2  C  N N 229 
ILE CD1  C  N N 230 
ILE OXT  O  N N 231 
ILE H    H  N N 232 
ILE H2   H  N N 233 
ILE HA   H  N N 234 
ILE HB   H  N N 235 
ILE HG12 H  N N 236 
ILE HG13 H  N N 237 
ILE HG21 H  N N 238 
ILE HG22 H  N N 239 
ILE HG23 H  N N 240 
ILE HD11 H  N N 241 
ILE HD12 H  N N 242 
ILE HD13 H  N N 243 
ILE HXT  H  N N 244 
LEU N    N  N N 245 
LEU CA   C  N S 246 
LEU C    C  N N 247 
LEU O    O  N N 248 
LEU CB   C  N N 249 
LEU CG   C  N N 250 
LEU CD1  C  N N 251 
LEU CD2  C  N N 252 
LEU OXT  O  N N 253 
LEU H    H  N N 254 
LEU H2   H  N N 255 
LEU HA   H  N N 256 
LEU HB2  H  N N 257 
LEU HB3  H  N N 258 
LEU HG   H  N N 259 
LEU HD11 H  N N 260 
LEU HD12 H  N N 261 
LEU HD13 H  N N 262 
LEU HD21 H  N N 263 
LEU HD22 H  N N 264 
LEU HD23 H  N N 265 
LEU HXT  H  N N 266 
LYS N    N  N N 267 
LYS CA   C  N S 268 
LYS C    C  N N 269 
LYS O    O  N N 270 
LYS CB   C  N N 271 
LYS CG   C  N N 272 
LYS CD   C  N N 273 
LYS CE   C  N N 274 
LYS NZ   N  N N 275 
LYS OXT  O  N N 276 
LYS H    H  N N 277 
LYS H2   H  N N 278 
LYS HA   H  N N 279 
LYS HB2  H  N N 280 
LYS HB3  H  N N 281 
LYS HG2  H  N N 282 
LYS HG3  H  N N 283 
LYS HD2  H  N N 284 
LYS HD3  H  N N 285 
LYS HE2  H  N N 286 
LYS HE3  H  N N 287 
LYS HZ1  H  N N 288 
LYS HZ2  H  N N 289 
LYS HZ3  H  N N 290 
LYS HXT  H  N N 291 
MET N    N  N N 292 
MET CA   C  N S 293 
MET C    C  N N 294 
MET O    O  N N 295 
MET CB   C  N N 296 
MET CG   C  N N 297 
MET SD   S  N N 298 
MET CE   C  N N 299 
MET OXT  O  N N 300 
MET H    H  N N 301 
MET H2   H  N N 302 
MET HA   H  N N 303 
MET HB2  H  N N 304 
MET HB3  H  N N 305 
MET HG2  H  N N 306 
MET HG3  H  N N 307 
MET HE1  H  N N 308 
MET HE2  H  N N 309 
MET HE3  H  N N 310 
MET HXT  H  N N 311 
MG  MG   MG N N 312 
MLE N    N  N N 313 
MLE CN   C  N N 314 
MLE CA   C  N S 315 
MLE CB   C  N N 316 
MLE CG   C  N N 317 
MLE CD1  C  N N 318 
MLE CD2  C  N N 319 
MLE C    C  N N 320 
MLE O    O  N N 321 
MLE OXT  O  N N 322 
MLE H    H  N N 323 
MLE HN1  H  N N 324 
MLE HN2  H  N N 325 
MLE HN3  H  N N 326 
MLE HA   H  N N 327 
MLE HB2  H  N N 328 
MLE HB3  H  N N 329 
MLE HG   H  N N 330 
MLE HD11 H  N N 331 
MLE HD12 H  N N 332 
MLE HD13 H  N N 333 
MLE HD21 H  N N 334 
MLE HD22 H  N N 335 
MLE HD23 H  N N 336 
MLE HXT  H  N N 337 
MLI C1   C  N N 338 
MLI C2   C  N N 339 
MLI C3   C  N N 340 
MLI O6   O  N N 341 
MLI O7   O  N N 342 
MLI O8   O  N N 343 
MLI O9   O  N N 344 
MLI H11  H  N N 345 
MLI H12  H  N N 346 
MVA N    N  N N 347 
MVA CN   C  N N 348 
MVA CA   C  N S 349 
MVA CB   C  N N 350 
MVA CG1  C  N N 351 
MVA CG2  C  N N 352 
MVA C    C  N N 353 
MVA O    O  N N 354 
MVA OXT  O  N N 355 
MVA H    H  N N 356 
MVA HN1  H  N N 357 
MVA HN2  H  N N 358 
MVA HN3  H  N N 359 
MVA HA   H  N N 360 
MVA HB   H  N N 361 
MVA HG11 H  N N 362 
MVA HG12 H  N N 363 
MVA HG13 H  N N 364 
MVA HG21 H  N N 365 
MVA HG22 H  N N 366 
MVA HG23 H  N N 367 
MVA HXT  H  N N 368 
PHE N    N  N N 369 
PHE CA   C  N S 370 
PHE C    C  N N 371 
PHE O    O  N N 372 
PHE CB   C  N N 373 
PHE CG   C  Y N 374 
PHE CD1  C  Y N 375 
PHE CD2  C  Y N 376 
PHE CE1  C  Y N 377 
PHE CE2  C  Y N 378 
PHE CZ   C  Y N 379 
PHE OXT  O  N N 380 
PHE H    H  N N 381 
PHE H2   H  N N 382 
PHE HA   H  N N 383 
PHE HB2  H  N N 384 
PHE HB3  H  N N 385 
PHE HD1  H  N N 386 
PHE HD2  H  N N 387 
PHE HE1  H  N N 388 
PHE HE2  H  N N 389 
PHE HZ   H  N N 390 
PHE HXT  H  N N 391 
PRO N    N  N N 392 
PRO CA   C  N S 393 
PRO C    C  N N 394 
PRO O    O  N N 395 
PRO CB   C  N N 396 
PRO CG   C  N N 397 
PRO CD   C  N N 398 
PRO OXT  O  N N 399 
PRO H    H  N N 400 
PRO HA   H  N N 401 
PRO HB2  H  N N 402 
PRO HB3  H  N N 403 
PRO HG2  H  N N 404 
PRO HG3  H  N N 405 
PRO HD2  H  N N 406 
PRO HD3  H  N N 407 
PRO HXT  H  N N 408 
SAR N    N  N N 409 
SAR CA   C  N N 410 
SAR C    C  N N 411 
SAR O    O  N N 412 
SAR CN   C  N N 413 
SAR OXT  O  N N 414 
SAR H    H  N N 415 
SAR HA2  H  N N 416 
SAR HA3  H  N N 417 
SAR HN1  H  N N 418 
SAR HN2  H  N N 419 
SAR HN3  H  N N 420 
SAR HXT  H  N N 421 
SER N    N  N N 422 
SER CA   C  N S 423 
SER C    C  N N 424 
SER O    O  N N 425 
SER CB   C  N N 426 
SER OG   O  N N 427 
SER OXT  O  N N 428 
SER H    H  N N 429 
SER H2   H  N N 430 
SER HA   H  N N 431 
SER HB2  H  N N 432 
SER HB3  H  N N 433 
SER HG   H  N N 434 
SER HXT  H  N N 435 
THR N    N  N N 436 
THR CA   C  N S 437 
THR C    C  N N 438 
THR O    O  N N 439 
THR CB   C  N R 440 
THR OG1  O  N N 441 
THR CG2  C  N N 442 
THR OXT  O  N N 443 
THR H    H  N N 444 
THR H2   H  N N 445 
THR HA   H  N N 446 
THR HB   H  N N 447 
THR HG1  H  N N 448 
THR HG21 H  N N 449 
THR HG22 H  N N 450 
THR HG23 H  N N 451 
THR HXT  H  N N 452 
TRP N    N  N N 453 
TRP CA   C  N S 454 
TRP C    C  N N 455 
TRP O    O  N N 456 
TRP CB   C  N N 457 
TRP CG   C  Y N 458 
TRP CD1  C  Y N 459 
TRP CD2  C  Y N 460 
TRP NE1  N  Y N 461 
TRP CE2  C  Y N 462 
TRP CE3  C  Y N 463 
TRP CZ2  C  Y N 464 
TRP CZ3  C  Y N 465 
TRP CH2  C  Y N 466 
TRP OXT  O  N N 467 
TRP H    H  N N 468 
TRP H2   H  N N 469 
TRP HA   H  N N 470 
TRP HB2  H  N N 471 
TRP HB3  H  N N 472 
TRP HD1  H  N N 473 
TRP HE1  H  N N 474 
TRP HE3  H  N N 475 
TRP HZ2  H  N N 476 
TRP HZ3  H  N N 477 
TRP HH2  H  N N 478 
TRP HXT  H  N N 479 
TYR N    N  N N 480 
TYR CA   C  N S 481 
TYR C    C  N N 482 
TYR O    O  N N 483 
TYR CB   C  N N 484 
TYR CG   C  Y N 485 
TYR CD1  C  Y N 486 
TYR CD2  C  Y N 487 
TYR CE1  C  Y N 488 
TYR CE2  C  Y N 489 
TYR CZ   C  Y N 490 
TYR OH   O  N N 491 
TYR OXT  O  N N 492 
TYR H    H  N N 493 
TYR H2   H  N N 494 
TYR HA   H  N N 495 
TYR HB2  H  N N 496 
TYR HB3  H  N N 497 
TYR HD1  H  N N 498 
TYR HD2  H  N N 499 
TYR HE1  H  N N 500 
TYR HE2  H  N N 501 
TYR HH   H  N N 502 
TYR HXT  H  N N 503 
VAL N    N  N N 504 
VAL CA   C  N S 505 
VAL C    C  N N 506 
VAL O    O  N N 507 
VAL CB   C  N N 508 
VAL CG1  C  N N 509 
VAL CG2  C  N N 510 
VAL OXT  O  N N 511 
VAL H    H  N N 512 
VAL H2   H  N N 513 
VAL HA   H  N N 514 
VAL HB   H  N N 515 
VAL HG11 H  N N 516 
VAL HG12 H  N N 517 
VAL HG13 H  N N 518 
VAL HG21 H  N N 519 
VAL HG22 H  N N 520 
VAL HG23 H  N N 521 
VAL HXT  H  N N 522 
# 
loop_
_chem_comp_bond.comp_id 
_chem_comp_bond.atom_id_1 
_chem_comp_bond.atom_id_2 
_chem_comp_bond.value_order 
_chem_comp_bond.pdbx_aromatic_flag 
_chem_comp_bond.pdbx_stereo_config 
_chem_comp_bond.pdbx_ordinal 
ABA N   CA   sing N N 1   
ABA N   H    sing N N 2   
ABA N   H2   sing N N 3   
ABA CA  C    sing N N 4   
ABA CA  CB   sing N N 5   
ABA CA  HA   sing N N 6   
ABA C   O    doub N N 7   
ABA C   OXT  sing N N 8   
ABA CB  CG   sing N N 9   
ABA CB  HB3  sing N N 10  
ABA CB  HB2  sing N N 11  
ABA CG  HG1  sing N N 12  
ABA CG  HG3  sing N N 13  
ABA CG  HG2  sing N N 14  
ABA OXT HXT  sing N N 15  
ALA N   CA   sing N N 16  
ALA N   H    sing N N 17  
ALA N   H2   sing N N 18  
ALA CA  C    sing N N 19  
ALA CA  CB   sing N N 20  
ALA CA  HA   sing N N 21  
ALA C   O    doub N N 22  
ALA C   OXT  sing N N 23  
ALA CB  HB1  sing N N 24  
ALA CB  HB2  sing N N 25  
ALA CB  HB3  sing N N 26  
ALA OXT HXT  sing N N 27  
ARG N   CA   sing N N 28  
ARG N   H    sing N N 29  
ARG N   H2   sing N N 30  
ARG CA  C    sing N N 31  
ARG CA  CB   sing N N 32  
ARG CA  HA   sing N N 33  
ARG C   O    doub N N 34  
ARG C   OXT  sing N N 35  
ARG CB  CG   sing N N 36  
ARG CB  HB2  sing N N 37  
ARG CB  HB3  sing N N 38  
ARG CG  CD   sing N N 39  
ARG CG  HG2  sing N N 40  
ARG CG  HG3  sing N N 41  
ARG CD  NE   sing N N 42  
ARG CD  HD2  sing N N 43  
ARG CD  HD3  sing N N 44  
ARG NE  CZ   sing N N 45  
ARG NE  HE   sing N N 46  
ARG CZ  NH1  sing N N 47  
ARG CZ  NH2  doub N N 48  
ARG NH1 HH11 sing N N 49  
ARG NH1 HH12 sing N N 50  
ARG NH2 HH21 sing N N 51  
ARG NH2 HH22 sing N N 52  
ARG OXT HXT  sing N N 53  
ASN N   CA   sing N N 54  
ASN N   H    sing N N 55  
ASN N   H2   sing N N 56  
ASN CA  C    sing N N 57  
ASN CA  CB   sing N N 58  
ASN CA  HA   sing N N 59  
ASN C   O    doub N N 60  
ASN C   OXT  sing N N 61  
ASN CB  CG   sing N N 62  
ASN CB  HB2  sing N N 63  
ASN CB  HB3  sing N N 64  
ASN CG  OD1  doub N N 65  
ASN CG  ND2  sing N N 66  
ASN ND2 HD21 sing N N 67  
ASN ND2 HD22 sing N N 68  
ASN OXT HXT  sing N N 69  
ASP N   CA   sing N N 70  
ASP N   H    sing N N 71  
ASP N   H2   sing N N 72  
ASP CA  C    sing N N 73  
ASP CA  CB   sing N N 74  
ASP CA  HA   sing N N 75  
ASP C   O    doub N N 76  
ASP C   OXT  sing N N 77  
ASP CB  CG   sing N N 78  
ASP CB  HB2  sing N N 79  
ASP CB  HB3  sing N N 80  
ASP CG  OD1  doub N N 81  
ASP CG  OD2  sing N N 82  
ASP OD2 HD2  sing N N 83  
ASP OXT HXT  sing N N 84  
BMT N   CN   sing N N 85  
BMT N   CA   sing N N 86  
BMT N   H    sing N N 87  
BMT CN  HN1  sing N N 88  
BMT CN  HN2  sing N N 89  
BMT CN  HN3  sing N N 90  
BMT CA  C    sing N N 91  
BMT CA  CB   sing N N 92  
BMT CA  HA   sing N N 93  
BMT C   O    doub N N 94  
BMT C   OXT  sing N N 95  
BMT OXT HXT  sing N N 96  
BMT CB  OG1  sing N N 97  
BMT CB  CG2  sing N N 98  
BMT CB  HB   sing N N 99  
BMT OG1 HG1  sing N N 100 
BMT CG2 CD1  sing N N 101 
BMT CG2 CD2  sing N N 102 
BMT CG2 HG2  sing N N 103 
BMT CD1 HD11 sing N N 104 
BMT CD1 HD12 sing N N 105 
BMT CD1 HD13 sing N N 106 
BMT CD2 CE   sing N N 107 
BMT CD2 HD22 sing N N 108 
BMT CD2 HD23 sing N N 109 
BMT CE  CZ   doub N E 110 
BMT CE  HE   sing N N 111 
BMT CZ  CH   sing N N 112 
BMT CZ  HZ   sing N N 113 
BMT CH  HH1  sing N N 114 
BMT CH  HH2  sing N N 115 
BMT CH  HH3  sing N N 116 
CYS N   CA   sing N N 117 
CYS N   H    sing N N 118 
CYS N   H2   sing N N 119 
CYS CA  C    sing N N 120 
CYS CA  CB   sing N N 121 
CYS CA  HA   sing N N 122 
CYS C   O    doub N N 123 
CYS C   OXT  sing N N 124 
CYS CB  SG   sing N N 125 
CYS CB  HB2  sing N N 126 
CYS CB  HB3  sing N N 127 
CYS SG  HG   sing N N 128 
CYS OXT HXT  sing N N 129 
DAL N   CA   sing N N 130 
DAL N   H    sing N N 131 
DAL N   H2   sing N N 132 
DAL CA  CB   sing N N 133 
DAL CA  C    sing N N 134 
DAL CA  HA   sing N N 135 
DAL CB  HB1  sing N N 136 
DAL CB  HB2  sing N N 137 
DAL CB  HB3  sing N N 138 
DAL C   O    doub N N 139 
DAL C   OXT  sing N N 140 
DAL OXT HXT  sing N N 141 
GLN N   CA   sing N N 142 
GLN N   H    sing N N 143 
GLN N   H2   sing N N 144 
GLN CA  C    sing N N 145 
GLN CA  CB   sing N N 146 
GLN CA  HA   sing N N 147 
GLN C   O    doub N N 148 
GLN C   OXT  sing N N 149 
GLN CB  CG   sing N N 150 
GLN CB  HB2  sing N N 151 
GLN CB  HB3  sing N N 152 
GLN CG  CD   sing N N 153 
GLN CG  HG2  sing N N 154 
GLN CG  HG3  sing N N 155 
GLN CD  OE1  doub N N 156 
GLN CD  NE2  sing N N 157 
GLN NE2 HE21 sing N N 158 
GLN NE2 HE22 sing N N 159 
GLN OXT HXT  sing N N 160 
GLU N   CA   sing N N 161 
GLU N   H    sing N N 162 
GLU N   H2   sing N N 163 
GLU CA  C    sing N N 164 
GLU CA  CB   sing N N 165 
GLU CA  HA   sing N N 166 
GLU C   O    doub N N 167 
GLU C   OXT  sing N N 168 
GLU CB  CG   sing N N 169 
GLU CB  HB2  sing N N 170 
GLU CB  HB3  sing N N 171 
GLU CG  CD   sing N N 172 
GLU CG  HG2  sing N N 173 
GLU CG  HG3  sing N N 174 
GLU CD  OE1  doub N N 175 
GLU CD  OE2  sing N N 176 
GLU OE2 HE2  sing N N 177 
GLU OXT HXT  sing N N 178 
GLY N   CA   sing N N 179 
GLY N   H    sing N N 180 
GLY N   H2   sing N N 181 
GLY CA  C    sing N N 182 
GLY CA  HA2  sing N N 183 
GLY CA  HA3  sing N N 184 
GLY C   O    doub N N 185 
GLY C   OXT  sing N N 186 
GLY OXT HXT  sing N N 187 
HIS N   CA   sing N N 188 
HIS N   H    sing N N 189 
HIS N   H2   sing N N 190 
HIS CA  C    sing N N 191 
HIS CA  CB   sing N N 192 
HIS CA  HA   sing N N 193 
HIS C   O    doub N N 194 
HIS C   OXT  sing N N 195 
HIS CB  CG   sing N N 196 
HIS CB  HB2  sing N N 197 
HIS CB  HB3  sing N N 198 
HIS CG  ND1  sing Y N 199 
HIS CG  CD2  doub Y N 200 
HIS ND1 CE1  doub Y N 201 
HIS ND1 HD1  sing N N 202 
HIS CD2 NE2  sing Y N 203 
HIS CD2 HD2  sing N N 204 
HIS CE1 NE2  sing Y N 205 
HIS CE1 HE1  sing N N 206 
HIS NE2 HE2  sing N N 207 
HIS OXT HXT  sing N N 208 
HOH O   H1   sing N N 209 
HOH O   H2   sing N N 210 
ILE N   CA   sing N N 211 
ILE N   H    sing N N 212 
ILE N   H2   sing N N 213 
ILE CA  C    sing N N 214 
ILE CA  CB   sing N N 215 
ILE CA  HA   sing N N 216 
ILE C   O    doub N N 217 
ILE C   OXT  sing N N 218 
ILE CB  CG1  sing N N 219 
ILE CB  CG2  sing N N 220 
ILE CB  HB   sing N N 221 
ILE CG1 CD1  sing N N 222 
ILE CG1 HG12 sing N N 223 
ILE CG1 HG13 sing N N 224 
ILE CG2 HG21 sing N N 225 
ILE CG2 HG22 sing N N 226 
ILE CG2 HG23 sing N N 227 
ILE CD1 HD11 sing N N 228 
ILE CD1 HD12 sing N N 229 
ILE CD1 HD13 sing N N 230 
ILE OXT HXT  sing N N 231 
LEU N   CA   sing N N 232 
LEU N   H    sing N N 233 
LEU N   H2   sing N N 234 
LEU CA  C    sing N N 235 
LEU CA  CB   sing N N 236 
LEU CA  HA   sing N N 237 
LEU C   O    doub N N 238 
LEU C   OXT  sing N N 239 
LEU CB  CG   sing N N 240 
LEU CB  HB2  sing N N 241 
LEU CB  HB3  sing N N 242 
LEU CG  CD1  sing N N 243 
LEU CG  CD2  sing N N 244 
LEU CG  HG   sing N N 245 
LEU CD1 HD11 sing N N 246 
LEU CD1 HD12 sing N N 247 
LEU CD1 HD13 sing N N 248 
LEU CD2 HD21 sing N N 249 
LEU CD2 HD22 sing N N 250 
LEU CD2 HD23 sing N N 251 
LEU OXT HXT  sing N N 252 
LYS N   CA   sing N N 253 
LYS N   H    sing N N 254 
LYS N   H2   sing N N 255 
LYS CA  C    sing N N 256 
LYS CA  CB   sing N N 257 
LYS CA  HA   sing N N 258 
LYS C   O    doub N N 259 
LYS C   OXT  sing N N 260 
LYS CB  CG   sing N N 261 
LYS CB  HB2  sing N N 262 
LYS CB  HB3  sing N N 263 
LYS CG  CD   sing N N 264 
LYS CG  HG2  sing N N 265 
LYS CG  HG3  sing N N 266 
LYS CD  CE   sing N N 267 
LYS CD  HD2  sing N N 268 
LYS CD  HD3  sing N N 269 
LYS CE  NZ   sing N N 270 
LYS CE  HE2  sing N N 271 
LYS CE  HE3  sing N N 272 
LYS NZ  HZ1  sing N N 273 
LYS NZ  HZ2  sing N N 274 
LYS NZ  HZ3  sing N N 275 
LYS OXT HXT  sing N N 276 
MET N   CA   sing N N 277 
MET N   H    sing N N 278 
MET N   H2   sing N N 279 
MET CA  C    sing N N 280 
MET CA  CB   sing N N 281 
MET CA  HA   sing N N 282 
MET C   O    doub N N 283 
MET C   OXT  sing N N 284 
MET CB  CG   sing N N 285 
MET CB  HB2  sing N N 286 
MET CB  HB3  sing N N 287 
MET CG  SD   sing N N 288 
MET CG  HG2  sing N N 289 
MET CG  HG3  sing N N 290 
MET SD  CE   sing N N 291 
MET CE  HE1  sing N N 292 
MET CE  HE2  sing N N 293 
MET CE  HE3  sing N N 294 
MET OXT HXT  sing N N 295 
MLE N   CN   sing N N 296 
MLE N   CA   sing N N 297 
MLE N   H    sing N N 298 
MLE CN  HN1  sing N N 299 
MLE CN  HN2  sing N N 300 
MLE CN  HN3  sing N N 301 
MLE CA  CB   sing N N 302 
MLE CA  C    sing N N 303 
MLE CA  HA   sing N N 304 
MLE CB  CG   sing N N 305 
MLE CB  HB2  sing N N 306 
MLE CB  HB3  sing N N 307 
MLE CG  CD1  sing N N 308 
MLE CG  CD2  sing N N 309 
MLE CG  HG   sing N N 310 
MLE CD1 HD11 sing N N 311 
MLE CD1 HD12 sing N N 312 
MLE CD1 HD13 sing N N 313 
MLE CD2 HD21 sing N N 314 
MLE CD2 HD22 sing N N 315 
MLE CD2 HD23 sing N N 316 
MLE C   O    doub N N 317 
MLE C   OXT  sing N N 318 
MLE OXT HXT  sing N N 319 
MLI C1  C2   sing N N 320 
MLI C1  C3   sing N N 321 
MLI C1  H11  sing N N 322 
MLI C1  H12  sing N N 323 
MLI C2  O6   doub N N 324 
MLI C2  O7   sing N N 325 
MLI C3  O8   doub N N 326 
MLI C3  O9   sing N N 327 
MVA N   CN   sing N N 328 
MVA N   CA   sing N N 329 
MVA N   H    sing N N 330 
MVA CN  HN1  sing N N 331 
MVA CN  HN2  sing N N 332 
MVA CN  HN3  sing N N 333 
MVA CA  CB   sing N N 334 
MVA CA  C    sing N N 335 
MVA CA  HA   sing N N 336 
MVA CB  CG1  sing N N 337 
MVA CB  CG2  sing N N 338 
MVA CB  HB   sing N N 339 
MVA CG1 HG11 sing N N 340 
MVA CG1 HG12 sing N N 341 
MVA CG1 HG13 sing N N 342 
MVA CG2 HG21 sing N N 343 
MVA CG2 HG22 sing N N 344 
MVA CG2 HG23 sing N N 345 
MVA C   O    doub N N 346 
MVA C   OXT  sing N N 347 
MVA OXT HXT  sing N N 348 
PHE N   CA   sing N N 349 
PHE N   H    sing N N 350 
PHE N   H2   sing N N 351 
PHE CA  C    sing N N 352 
PHE CA  CB   sing N N 353 
PHE CA  HA   sing N N 354 
PHE C   O    doub N N 355 
PHE C   OXT  sing N N 356 
PHE CB  CG   sing N N 357 
PHE CB  HB2  sing N N 358 
PHE CB  HB3  sing N N 359 
PHE CG  CD1  doub Y N 360 
PHE CG  CD2  sing Y N 361 
PHE CD1 CE1  sing Y N 362 
PHE CD1 HD1  sing N N 363 
PHE CD2 CE2  doub Y N 364 
PHE CD2 HD2  sing N N 365 
PHE CE1 CZ   doub Y N 366 
PHE CE1 HE1  sing N N 367 
PHE CE2 CZ   sing Y N 368 
PHE CE2 HE2  sing N N 369 
PHE CZ  HZ   sing N N 370 
PHE OXT HXT  sing N N 371 
PRO N   CA   sing N N 372 
PRO N   CD   sing N N 373 
PRO N   H    sing N N 374 
PRO CA  C    sing N N 375 
PRO CA  CB   sing N N 376 
PRO CA  HA   sing N N 377 
PRO C   O    doub N N 378 
PRO C   OXT  sing N N 379 
PRO CB  CG   sing N N 380 
PRO CB  HB2  sing N N 381 
PRO CB  HB3  sing N N 382 
PRO CG  CD   sing N N 383 
PRO CG  HG2  sing N N 384 
PRO CG  HG3  sing N N 385 
PRO CD  HD2  sing N N 386 
PRO CD  HD3  sing N N 387 
PRO OXT HXT  sing N N 388 
SAR N   CA   sing N N 389 
SAR N   CN   sing N N 390 
SAR N   H    sing N N 391 
SAR CA  C    sing N N 392 
SAR CA  HA2  sing N N 393 
SAR CA  HA3  sing N N 394 
SAR C   O    doub N N 395 
SAR C   OXT  sing N N 396 
SAR CN  HN1  sing N N 397 
SAR CN  HN2  sing N N 398 
SAR CN  HN3  sing N N 399 
SAR OXT HXT  sing N N 400 
SER N   CA   sing N N 401 
SER N   H    sing N N 402 
SER N   H2   sing N N 403 
SER CA  C    sing N N 404 
SER CA  CB   sing N N 405 
SER CA  HA   sing N N 406 
SER C   O    doub N N 407 
SER C   OXT  sing N N 408 
SER CB  OG   sing N N 409 
SER CB  HB2  sing N N 410 
SER CB  HB3  sing N N 411 
SER OG  HG   sing N N 412 
SER OXT HXT  sing N N 413 
THR N   CA   sing N N 414 
THR N   H    sing N N 415 
THR N   H2   sing N N 416 
THR CA  C    sing N N 417 
THR CA  CB   sing N N 418 
THR CA  HA   sing N N 419 
THR C   O    doub N N 420 
THR C   OXT  sing N N 421 
THR CB  OG1  sing N N 422 
THR CB  CG2  sing N N 423 
THR CB  HB   sing N N 424 
THR OG1 HG1  sing N N 425 
THR CG2 HG21 sing N N 426 
THR CG2 HG22 sing N N 427 
THR CG2 HG23 sing N N 428 
THR OXT HXT  sing N N 429 
TRP N   CA   sing N N 430 
TRP N   H    sing N N 431 
TRP N   H2   sing N N 432 
TRP CA  C    sing N N 433 
TRP CA  CB   sing N N 434 
TRP CA  HA   sing N N 435 
TRP C   O    doub N N 436 
TRP C   OXT  sing N N 437 
TRP CB  CG   sing N N 438 
TRP CB  HB2  sing N N 439 
TRP CB  HB3  sing N N 440 
TRP CG  CD1  doub Y N 441 
TRP CG  CD2  sing Y N 442 
TRP CD1 NE1  sing Y N 443 
TRP CD1 HD1  sing N N 444 
TRP CD2 CE2  doub Y N 445 
TRP CD2 CE3  sing Y N 446 
TRP NE1 CE2  sing Y N 447 
TRP NE1 HE1  sing N N 448 
TRP CE2 CZ2  sing Y N 449 
TRP CE3 CZ3  doub Y N 450 
TRP CE3 HE3  sing N N 451 
TRP CZ2 CH2  doub Y N 452 
TRP CZ2 HZ2  sing N N 453 
TRP CZ3 CH2  sing Y N 454 
TRP CZ3 HZ3  sing N N 455 
TRP CH2 HH2  sing N N 456 
TRP OXT HXT  sing N N 457 
TYR N   CA   sing N N 458 
TYR N   H    sing N N 459 
TYR N   H2   sing N N 460 
TYR CA  C    sing N N 461 
TYR CA  CB   sing N N 462 
TYR CA  HA   sing N N 463 
TYR C   O    doub N N 464 
TYR C   OXT  sing N N 465 
TYR CB  CG   sing N N 466 
TYR CB  HB2  sing N N 467 
TYR CB  HB3  sing N N 468 
TYR CG  CD1  doub Y N 469 
TYR CG  CD2  sing Y N 470 
TYR CD1 CE1  sing Y N 471 
TYR CD1 HD1  sing N N 472 
TYR CD2 CE2  doub Y N 473 
TYR CD2 HD2  sing N N 474 
TYR CE1 CZ   doub Y N 475 
TYR CE1 HE1  sing N N 476 
TYR CE2 CZ   sing Y N 477 
TYR CE2 HE2  sing N N 478 
TYR CZ  OH   sing N N 479 
TYR OH  HH   sing N N 480 
TYR OXT HXT  sing N N 481 
VAL N   CA   sing N N 482 
VAL N   H    sing N N 483 
VAL N   H2   sing N N 484 
VAL CA  C    sing N N 485 
VAL CA  CB   sing N N 486 
VAL CA  HA   sing N N 487 
VAL C   O    doub N N 488 
VAL C   OXT  sing N N 489 
VAL CB  CG1  sing N N 490 
VAL CB  CG2  sing N N 491 
VAL CB  HB   sing N N 492 
VAL CG1 HG11 sing N N 493 
VAL CG1 HG12 sing N N 494 
VAL CG1 HG13 sing N N 495 
VAL CG2 HG21 sing N N 496 
VAL CG2 HG22 sing N N 497 
VAL CG2 HG23 sing N N 498 
VAL OXT HXT  sing N N 499 
# 
loop_
_pdbx_audit_support.funding_organization 
_pdbx_audit_support.country 
_pdbx_audit_support.grant_number 
_pdbx_audit_support.ordinal 
'European Commission'        Germany 'PCIG14-GA-2013-63 0734' 1 
?                            Germany 'LFF-GK06 (DELIGRAH)'    2 
'German Research Foundation' Germany 'DFG KE 856_6-1'         3 
# 
_pdbx_initial_refinement_model.id               1 
_pdbx_initial_refinement_model.entity_id_list   ? 
_pdbx_initial_refinement_model.type             'experimental model' 
_pdbx_initial_refinement_model.source_name      PDB 
_pdbx_initial_refinement_model.accession_code   4JJM 
_pdbx_initial_refinement_model.details          ? 
# 
_atom_sites.entry_id                    6HMZ 
_atom_sites.fract_transf_matrix[1][1]   0.00242977 
_atom_sites.fract_transf_matrix[1][2]   0.00608217 
_atom_sites.fract_transf_matrix[1][3]   -0.00951346 
_atom_sites.fract_transf_matrix[2][1]   -0.01124548 
_atom_sites.fract_transf_matrix[2][2]   0.00042543 
_atom_sites.fract_transf_matrix[2][3]   -0.00260014 
_atom_sites.fract_transf_matrix[3][1]   -0.00073804 
_atom_sites.fract_transf_matrix[3][2]   0.00710625 
_atom_sites.fract_transf_matrix[3][3]   0.00435468 
_atom_sites.fract_transf_vector[1]      0.291100 
_atom_sites.fract_transf_vector[2]      -0.035660 
_atom_sites.fract_transf_vector[3]      0.144747 
# 
loop_
_atom_type.symbol 
C  
MG 
N  
O  
S  
# 
loop_
_atom_site.group_PDB 
_atom_site.id 
_atom_site.type_symbol 
_atom_site.label_atom_id 
_atom_site.label_alt_id 
_atom_site.label_comp_id 
_atom_site.label_asym_id 
_atom_site.label_entity_id 
_atom_site.label_seq_id 
_atom_site.pdbx_PDB_ins_code 
_atom_site.Cartn_x 
_atom_site.Cartn_y 
_atom_site.Cartn_z 
_atom_site.occupancy 
_atom_site.B_iso_or_equiv 
_atom_site.pdbx_formal_charge 
_atom_site.auth_seq_id 
_atom_site.auth_comp_id 
_atom_site.auth_asym_id 
_atom_site.auth_atom_id 
_atom_site.pdbx_PDB_model_num 
ATOM   1    N  N   . ALA A 1 2   ? 15.304  -15.741 2.936   1.00 56.06 ? 2   ALA X N   1 
ATOM   2    C  CA  . ALA A 1 2   ? 14.077  -15.729 2.079   1.00 51.35 ? 2   ALA X CA  1 
ATOM   3    C  C   . ALA A 1 2   ? 13.279  -14.443 2.324   1.00 46.02 ? 2   ALA X C   1 
ATOM   4    O  O   . ALA A 1 2   ? 13.270  -13.877 3.405   1.00 45.94 ? 2   ALA X O   1 
ATOM   5    C  CB  . ALA A 1 2   ? 13.204  -16.947 2.333   1.00 54.32 ? 2   ALA X CB  1 
ATOM   6    N  N   . ASN A 1 3   ? 12.629  -13.973 1.276   1.00 40.47 ? 3   ASN X N   1 
ATOM   7    C  CA  . ASN A 1 3   ? 11.833  -12.761 1.324   1.00 32.70 ? 3   ASN X CA  1 
ATOM   8    C  C   . ASN A 1 3   ? 10.657  -12.937 2.226   1.00 31.72 ? 3   ASN X C   1 
ATOM   9    O  O   . ASN A 1 3   ? 9.987   -13.950 2.193   1.00 33.59 ? 3   ASN X O   1 
ATOM   10   C  CB  . ASN A 1 3   ? 11.408  -12.365 -0.095  1.00 29.01 ? 3   ASN X CB  1 
ATOM   11   C  CG  . ASN A 1 3   ? 12.537  -11.662 -0.828  1.00 28.07 ? 3   ASN X CG  1 
ATOM   12   O  OD1 . ASN A 1 3   ? 13.464  -11.074 -0.232  1.00 29.24 ? 3   ASN X OD1 1 
ATOM   13   N  ND2 . ASN A 1 3   ? 12.423  -11.625 -2.111  1.00 34.22 ? 3   ASN X ND2 1 
ATOM   14   N  N   . PRO A 1 4   ? 10.404  -11.953 3.076   1.00 30.93 ? 4   PRO X N   1 
ATOM   15   C  CA  . PRO A 1 4   ? 9.237   -12.094 3.947   1.00 27.71 ? 4   PRO X CA  1 
ATOM   16   C  C   . PRO A 1 4   ? 7.928   -12.107 3.189   1.00 27.93 ? 4   PRO X C   1 
ATOM   17   O  O   . PRO A 1 4   ? 7.823   -11.596 2.040   1.00 25.45 ? 4   PRO X O   1 
ATOM   18   C  CB  . PRO A 1 4   ? 9.317   -10.863 4.853   1.00 31.67 ? 4   PRO X CB  1 
ATOM   19   C  CG  . PRO A 1 4   ? 10.266  -9.904  4.166   1.00 33.09 ? 4   PRO X CG  1 
ATOM   20   C  CD  . PRO A 1 4   ? 11.102  -10.667 3.204   1.00 30.31 ? 4   PRO X CD  1 
ATOM   21   N  N   . LYS A 1 5   ? 6.930   -12.685 3.831   1.00 28.85 ? 5   LYS X N   1 
ATOM   22   C  CA  . LYS A 1 5   ? 5.554   -12.701 3.278   1.00 32.49 ? 5   LYS X CA  1 
ATOM   23   C  C   . LYS A 1 5   ? 4.619   -12.204 4.363   1.00 31.52 ? 5   LYS X C   1 
ATOM   24   O  O   . LYS A 1 5   ? 4.793   -12.519 5.545   1.00 25.27 ? 5   LYS X O   1 
ATOM   25   C  CB  . LYS A 1 5   ? 5.156   -14.100 2.774   1.00 36.72 ? 5   LYS X CB  1 
ATOM   26   C  CG  . LYS A 1 5   ? 6.053   -14.579 1.616   1.00 44.14 ? 5   LYS X CG  1 
ATOM   27   C  CD  . LYS A 1 5   ? 5.554   -15.840 0.960   1.00 56.89 ? 5   LYS X CD  1 
ATOM   28   C  CE  . LYS A 1 5   ? 5.255   -16.881 2.041   1.00 68.78 ? 5   LYS X CE  1 
ATOM   29   N  NZ  . LYS A 1 5   ? 5.186   -18.307 1.600   1.00 77.92 ? 5   LYS X NZ  1 
ATOM   30   N  N   . VAL A 1 6   ? 3.703   -11.351 3.948   1.00 26.79 ? 6   VAL X N   1 
ATOM   31   C  CA  . VAL A 1 6   ? 2.777   -10.728 4.842   1.00 28.95 ? 6   VAL X CA  1 
ATOM   32   C  C   . VAL A 1 6   ? 1.420   -10.830 4.222   1.00 26.12 ? 6   VAL X C   1 
ATOM   33   O  O   . VAL A 1 6   ? 1.322   -11.109 3.022   1.00 25.46 ? 6   VAL X O   1 
ATOM   34   C  CB  . VAL A 1 6   ? 3.147   -9.208  5.128   1.00 28.89 ? 6   VAL X CB  1 
ATOM   35   C  CG1 . VAL A 1 6   ? 4.473   -9.105  5.882   1.00 28.00 ? 6   VAL X CG1 1 
ATOM   36   C  CG2 . VAL A 1 6   ? 3.186   -8.365  3.856   1.00 26.86 ? 6   VAL X CG2 1 
ATOM   37   N  N   . PHE A 1 7   ? 0.404   -10.610 5.050   1.00 26.59 ? 7   PHE X N   1 
ATOM   38   C  CA  . PHE A 1 7   ? -0.994  -10.685 4.617   1.00 29.32 ? 7   PHE X CA  1 
ATOM   39   C  C   . PHE A 1 7   ? -1.870  -9.570  5.127   1.00 28.61 ? 7   PHE X C   1 
ATOM   40   O  O   . PHE A 1 7   ? -1.569  -8.939  6.177   1.00 28.83 ? 7   PHE X O   1 
ATOM   41   C  CB  . PHE A 1 7   ? -1.627  -12.011 5.050   1.00 30.42 ? 7   PHE X CB  1 
ATOM   42   C  CG  . PHE A 1 7   ? -1.848  -12.123 6.536   1.00 31.27 ? 7   PHE X CG  1 
ATOM   43   C  CD1 . PHE A 1 7   ? -0.834  -12.590 7.374   1.00 33.01 ? 7   PHE X CD1 1 
ATOM   44   C  CD2 . PHE A 1 7   ? -3.057  -11.746 7.102   1.00 32.45 ? 7   PHE X CD2 1 
ATOM   45   C  CE1 . PHE A 1 7   ? -1.035  -12.704 8.724   1.00 30.71 ? 7   PHE X CE1 1 
ATOM   46   C  CE2 . PHE A 1 7   ? -3.240  -11.842 8.454   1.00 31.42 ? 7   PHE X CE2 1 
ATOM   47   C  CZ  . PHE A 1 7   ? -2.243  -12.318 9.263   1.00 30.03 ? 7   PHE X CZ  1 
ATOM   48   N  N   . PHE A 1 8   ? -2.943  -9.339  4.355   1.00 30.81 ? 8   PHE X N   1 
ATOM   49   C  CA  . PHE A 1 8   ? -4.113  -8.565  4.755   1.00 29.65 ? 8   PHE X CA  1 
ATOM   50   C  C   . PHE A 1 8   ? -5.359  -9.448  4.687   1.00 28.92 ? 8   PHE X C   1 
ATOM   51   O  O   . PHE A 1 8   ? -5.594  -10.092 3.652   1.00 29.94 ? 8   PHE X O   1 
ATOM   52   C  CB  . PHE A 1 8   ? -4.382  -7.404  3.750   1.00 29.50 ? 8   PHE X CB  1 
ATOM   53   C  CG  . PHE A 1 8   ? -3.292  -6.350  3.650   1.00 28.47 ? 8   PHE X CG  1 
ATOM   54   C  CD1 . PHE A 1 8   ? -2.435  -6.035  4.734   1.00 27.38 ? 8   PHE X CD1 1 
ATOM   55   C  CD2 . PHE A 1 8   ? -3.190  -5.620  2.500   1.00 24.99 ? 8   PHE X CD2 1 
ATOM   56   C  CE1 . PHE A 1 8   ? -1.473  -5.052  4.622   1.00 27.94 ? 8   PHE X CE1 1 
ATOM   57   C  CE2 . PHE A 1 8   ? -2.229  -4.621  2.371   1.00 28.20 ? 8   PHE X CE2 1 
ATOM   58   C  CZ  . PHE A 1 8   ? -1.368  -4.339  3.437   1.00 27.96 ? 8   PHE X CZ  1 
ATOM   59   N  N   . ASP A 1 9   ? -6.153  -9.465  5.749   1.00 29.47 ? 9   ASP X N   1 
ATOM   60   C  CA  . ASP A 1 9   ? -7.566  -9.954  5.653   1.00 30.57 ? 9   ASP X CA  1 
ATOM   61   C  C   . ASP A 1 9   ? -8.467  -8.771  5.347   1.00 32.31 ? 9   ASP X C   1 
ATOM   62   O  O   . ASP A 1 9   ? -8.538  -7.833  6.135   1.00 33.94 ? 9   ASP X O   1 
ATOM   63   C  CB  . ASP A 1 9   ? -7.974  -10.639 6.921   1.00 30.36 ? 9   ASP X CB  1 
ATOM   64   C  CG  . ASP A 1 9   ? -7.223  -11.956 7.129   1.00 32.74 ? 9   ASP X CG  1 
ATOM   65   O  OD1 . ASP A 1 9   ? -6.923  -12.738 6.169   1.00 35.07 ? 9   ASP X OD1 1 
ATOM   66   O  OD2 . ASP A 1 9   ? -6.886  -12.235 8.278   1.00 37.32 ? 9   ASP X OD2 1 
ATOM   67   N  N   . ILE A 1 10  ? -9.067  -8.775  4.152   1.00 31.20 ? 10  ILE X N   1 
ATOM   68   C  CA  . ILE A 1 10  ? -9.827  -7.653  3.639   1.00 31.74 ? 10  ILE X CA  1 
ATOM   69   C  C   . ILE A 1 10  ? -11.335 -7.769  3.913   1.00 37.07 ? 10  ILE X C   1 
ATOM   70   O  O   . ILE A 1 10  ? -11.928 -8.822  3.706   1.00 38.71 ? 10  ILE X O   1 
ATOM   71   C  CB  . ILE A 1 10  ? -9.596  -7.540  2.125   1.00 33.28 ? 10  ILE X CB  1 
ATOM   72   C  CG1 . ILE A 1 10  ? -8.111  -7.207  1.782   1.00 34.48 ? 10  ILE X CG1 1 
ATOM   73   C  CG2 . ILE A 1 10  ? -10.524 -6.493  1.495   1.00 34.58 ? 10  ILE X CG2 1 
ATOM   74   C  CD1 . ILE A 1 10  ? -7.691  -5.834  2.312   1.00 36.44 ? 10  ILE X CD1 1 
ATOM   75   N  N   . LEU A 1 11  ? -11.921 -6.659  4.361   1.00 41.27 ? 11  LEU X N   1 
ATOM   76   C  CA  . LEU A 1 11  ? -13.347 -6.453  4.551   1.00 41.87 ? 11  LEU X CA  1 
ATOM   77   C  C   . LEU A 1 11  ? -13.813 -5.478  3.481   1.00 44.08 ? 11  LEU X C   1 
ATOM   78   O  O   . LEU A 1 11  ? -13.182 -4.421  3.284   1.00 42.46 ? 11  LEU X O   1 
ATOM   79   C  CB  . LEU A 1 11  ? -13.545 -5.835  5.915   1.00 46.97 ? 11  LEU X CB  1 
ATOM   80   C  CG  . LEU A 1 11  ? -14.682 -6.248  6.831   1.00 52.27 ? 11  LEU X CG  1 
ATOM   81   C  CD1 . LEU A 1 11  ? -14.988 -7.741  6.806   1.00 54.30 ? 11  LEU X CD1 1 
ATOM   82   C  CD2 . LEU A 1 11  ? -14.342 -5.814  8.253   1.00 52.39 ? 11  LEU X CD2 1 
ATOM   83   N  N   . ILE A 1 12  ? -14.884 -5.816  2.759   1.00 43.71 ? 12  ILE X N   1 
ATOM   84   C  CA  . ILE A 1 12  ? -15.542 -4.845  1.823   1.00 43.93 ? 12  ILE X CA  1 
ATOM   85   C  C   . ILE A 1 12  ? -16.976 -4.683  2.336   1.00 50.12 ? 12  ILE X C   1 
ATOM   86   O  O   . ILE A 1 12  ? -17.748 -5.648  2.316   1.00 49.29 ? 12  ILE X O   1 
ATOM   87   C  CB  . ILE A 1 12  ? -15.514 -5.286  0.350   1.00 42.24 ? 12  ILE X CB  1 
ATOM   88   C  CG1 . ILE A 1 12  ? -14.090 -5.646  -0.102  1.00 47.19 ? 12  ILE X CG1 1 
ATOM   89   C  CG2 . ILE A 1 12  ? -16.074 -4.201  -0.572  1.00 45.13 ? 12  ILE X CG2 1 
ATOM   90   C  CD1 . ILE A 1 12  ? -14.003 -6.210  -1.516  1.00 49.84 ? 12  ILE X CD1 1 
ATOM   91   N  N   . GLY A 1 13  ? -17.327 -3.482  2.813   1.00 50.67 ? 13  GLY X N   1 
ATOM   92   C  CA  . GLY A 1 13  ? -18.571 -3.280  3.552   1.00 51.03 ? 13  GLY X CA  1 
ATOM   93   C  C   . GLY A 1 13  ? -18.635 -4.223  4.742   1.00 52.31 ? 13  GLY X C   1 
ATOM   94   O  O   . GLY A 1 13  ? -17.702 -4.327  5.504   1.00 50.37 ? 13  GLY X O   1 
ATOM   95   N  N   . LYS A 1 14  ? -19.719 -4.970  4.842   1.00 60.20 ? 14  LYS X N   1 
ATOM   96   C  CA  . LYS A 1 14  ? -19.905 -5.985  5.883   1.00 62.96 ? 14  LYS X CA  1 
ATOM   97   C  C   . LYS A 1 14  ? -19.134 -7.282  5.560   1.00 59.74 ? 14  LYS X C   1 
ATOM   98   O  O   . LYS A 1 14  ? -18.833 -8.062  6.459   1.00 52.42 ? 14  LYS X O   1 
ATOM   99   C  CB  . LYS A 1 14  ? -21.390 -6.382  5.972   1.00 69.05 ? 14  LYS X CB  1 
ATOM   100  C  CG  . LYS A 1 14  ? -22.449 -5.274  5.929   1.00 75.11 ? 14  LYS X CG  1 
ATOM   101  C  CD  . LYS A 1 14  ? -22.777 -4.720  7.309   1.00 79.78 ? 14  LYS X CD  1 
ATOM   102  C  CE  . LYS A 1 14  ? -21.948 -3.492  7.650   1.00 87.82 ? 14  LYS X CE  1 
ATOM   103  N  NZ  . LYS A 1 14  ? -22.841 -2.504  8.314   1.00 97.80 ? 14  LYS X NZ  1 
ATOM   104  N  N   . MET A 1 15  ? -18.856 -7.519  4.273   1.00 56.20 ? 15  MET X N   1 
ATOM   105  C  CA  . MET A 1 15  ? -18.416 -8.847  3.759   1.00 57.64 ? 15  MET X CA  1 
ATOM   106  C  C   . MET A 1 15  ? -16.902 -9.170  3.917   1.00 53.95 ? 15  MET X C   1 
ATOM   107  O  O   . MET A 1 15  ? -16.039 -8.433  3.420   1.00 48.77 ? 15  MET X O   1 
ATOM   108  C  CB  . MET A 1 15  ? -18.801 -8.935  2.273   1.00 59.86 ? 15  MET X CB  1 
ATOM   109  C  CG  . MET A 1 15  ? -18.029 -9.961  1.455   1.00 70.39 ? 15  MET X CG  1 
ATOM   110  S  SD  . MET A 1 15  ? -18.350 -9.787  -0.307  1.00 85.00 ? 15  MET X SD  1 
ATOM   111  C  CE  . MET A 1 15  ? -17.460 -8.314  -0.863  1.00 74.01 ? 15  MET X CE  1 
ATOM   112  N  N   . LYS A 1 16  ? -16.577 -10.297 4.544   1.00 49.29 ? 16  LYS X N   1 
ATOM   113  C  CA  . LYS A 1 16  ? -15.188 -10.829 4.522   1.00 48.37 ? 16  LYS X CA  1 
ATOM   114  C  C   . LYS A 1 16  ? -14.759 -11.250 3.112   1.00 46.88 ? 16  LYS X C   1 
ATOM   115  O  O   . LYS A 1 16  ? -15.270 -12.199 2.579   1.00 46.93 ? 16  LYS X O   1 
ATOM   116  C  CB  . LYS A 1 16  ? -15.044 -11.997 5.484   1.00 51.19 ? 16  LYS X CB  1 
ATOM   117  C  CG  . LYS A 1 16  ? -15.451 -11.610 6.899   1.00 58.69 ? 16  LYS X CG  1 
ATOM   118  C  CD  . LYS A 1 16  ? -14.984 -12.610 7.946   1.00 63.71 ? 16  LYS X CD  1 
ATOM   119  C  CE  . LYS A 1 16  ? -15.039 -11.967 9.321   1.00 68.10 ? 16  LYS X CE  1 
ATOM   120  N  NZ  . LYS A 1 16  ? -14.004 -12.576 10.187  1.00 77.71 ? 16  LYS X NZ  1 
ATOM   121  N  N   . ALA A 1 17  ? -13.859 -10.503 2.486   1.00 43.21 ? 17  ALA X N   1 
ATOM   122  C  CA  . ALA A 1 17  ? -13.518 -10.722 1.081   1.00 39.41 ? 17  ALA X CA  1 
ATOM   123  C  C   . ALA A 1 17  ? -12.418 -11.757 0.864   1.00 39.00 ? 17  ALA X C   1 
ATOM   124  O  O   . ALA A 1 17  ? -12.250 -12.236 -0.237  1.00 40.00 ? 17  ALA X O   1 
ATOM   125  C  CB  . ALA A 1 17  ? -13.136 -9.405  0.428   1.00 39.45 ? 17  ALA X CB  1 
ATOM   126  N  N   . GLY A 1 18  ? -11.641 -12.081 1.892   1.00 40.72 ? 18  GLY X N   1 
ATOM   127  C  CA  . GLY A 1 18  ? -10.477 -12.949 1.739   1.00 39.81 ? 18  GLY X CA  1 
ATOM   128  C  C   . GLY A 1 18  ? -9.123  -12.360 2.129   1.00 42.66 ? 18  GLY X C   1 
ATOM   129  O  O   . GLY A 1 18  ? -8.997  -11.189 2.525   1.00 38.23 ? 18  GLY X O   1 
ATOM   130  N  N   . ARG A 1 19  ? -8.111  -13.223 1.999   1.00 35.72 ? 19  ARG X N   1 
ATOM   131  C  CA  . ARG A 1 19  ? -6.759  -12.913 2.351   1.00 38.14 ? 19  ARG X CA  1 
ATOM   132  C  C   . ARG A 1 19  ? -5.930  -12.624 1.098   1.00 33.94 ? 19  ARG X C   1 
ATOM   133  O  O   . ARG A 1 19  ? -5.979  -13.360 0.118   1.00 34.83 ? 19  ARG X O   1 
ATOM   134  C  CB  . ARG A 1 19  ? -6.171  -14.034 3.163   1.00 34.77 ? 19  ARG X CB  1 
ATOM   135  C  CG  . ARG A 1 19  ? -4.748  -13.724 3.542   1.00 36.99 ? 19  ARG X CG  1 
ATOM   136  C  CD  . ARG A 1 19  ? -4.229  -14.724 4.528   1.00 33.44 ? 19  ARG X CD  1 
ATOM   137  N  NE  . ARG A 1 19  ? -4.947  -14.537 5.757   1.00 32.96 ? 19  ARG X NE  1 
ATOM   138  C  CZ  . ARG A 1 19  ? -4.570  -15.024 6.906   1.00 35.68 ? 19  ARG X CZ  1 
ATOM   139  N  NH1 . ARG A 1 19  ? -3.455  -15.693 7.037   1.00 42.13 ? 19  ARG X NH1 1 
ATOM   140  N  NH2 . ARG A 1 19  ? -5.267  -14.760 7.971   1.00 38.25 ? 19  ARG X NH2 1 
ATOM   141  N  N   . VAL A 1 20  ? -5.262  -11.474 1.110   1.00 36.98 ? 20  VAL X N   1 
ATOM   142  C  CA  . VAL A 1 20  ? -4.235  -11.112 0.120   1.00 32.81 ? 20  VAL X CA  1 
ATOM   143  C  C   . VAL A 1 20  ? -2.915  -11.408 0.798   1.00 32.95 ? 20  VAL X C   1 
ATOM   144  O  O   . VAL A 1 20  ? -2.694  -10.959 1.917   1.00 35.88 ? 20  VAL X O   1 
ATOM   145  C  CB  . VAL A 1 20  ? -4.272  -9.622  -0.270  1.00 36.50 ? 20  VAL X CB  1 
ATOM   146  C  CG1 . VAL A 1 20  ? -3.150  -9.301  -1.276  1.00 36.68 ? 20  VAL X CG1 1 
ATOM   147  C  CG2 . VAL A 1 20  ? -5.638  -9.230  -0.850  1.00 36.77 ? 20  VAL X CG2 1 
ATOM   148  N  N   . VAL A 1 21  ? -2.058  -12.199 0.157   1.00 31.39 ? 21  VAL X N   1 
ATOM   149  C  CA  . VAL A 1 21  ? -0.729  -12.516 0.702   1.00 29.43 ? 21  VAL X CA  1 
ATOM   150  C  C   . VAL A 1 21  ? 0.281   -11.856 -0.250  1.00 28.84 ? 21  VAL X C   1 
ATOM   151  O  O   . VAL A 1 21  ? 0.084   -11.907 -1.471  1.00 29.58 ? 21  VAL X O   1 
ATOM   152  C  CB  . VAL A 1 21  ? -0.427  -14.034 0.738   1.00 32.61 ? 21  VAL X CB  1 
ATOM   153  C  CG1 . VAL A 1 21  ? 1.009   -14.296 1.222   1.00 32.71 ? 21  VAL X CG1 1 
ATOM   154  C  CG2 . VAL A 1 21  ? -1.454  -14.791 1.601   1.00 34.47 ? 21  VAL X CG2 1 
ATOM   155  N  N   . MET A 1 22  ? 1.323   -11.247 0.292   1.00 30.22 ? 22  MET X N   1 
ATOM   156  C  CA  . MET A 1 22  ? 2.298   -10.485 -0.526  1.00 29.31 ? 22  MET X CA  1 
ATOM   157  C  C   . MET A 1 22  ? 3.708   -10.875 -0.145  1.00 28.89 ? 22  MET X C   1 
ATOM   158  O  O   . MET A 1 22  ? 3.996   -11.076 1.029   1.00 26.88 ? 22  MET X O   1 
ATOM   159  C  CB  . MET A 1 22  ? 2.159   -8.983  -0.305  1.00 28.04 ? 22  MET X CB  1 
ATOM   160  C  CG  . MET A 1 22  ? 0.836   -8.381  -0.698  1.00 28.11 ? 22  MET X CG  1 
ATOM   161  S  SD  . MET A 1 22  ? 0.279   -7.017  0.362   1.00 28.27 ? 22  MET X SD  1 
ATOM   162  C  CE  . MET A 1 22  ? -0.623  -7.823  1.698   1.00 26.63 ? 22  MET X CE  1 
ATOM   163  N  N   . GLU A 1 23  ? 4.573   -10.949 -1.148  1.00 27.47 ? 23  GLU X N   1 
ATOM   164  C  CA  . GLU A 1 23  ? 5.986   -11.131 -0.905  1.00 27.98 ? 23  GLU X CA  1 
ATOM   165  C  C   . GLU A 1 23  ? 6.668   -9.807  -0.983  1.00 26.72 ? 23  GLU X C   1 
ATOM   166  O  O   . GLU A 1 23  ? 6.421   -9.023  -1.923  1.00 25.85 ? 23  GLU X O   1 
ATOM   167  C  CB  . GLU A 1 23  ? 6.574   -12.023 -1.981  1.00 28.87 ? 23  GLU X CB  1 
ATOM   168  C  CG  . GLU A 1 23  ? 8.066   -12.289 -1.848  1.00 32.60 ? 23  GLU X CG  1 
ATOM   169  C  CD  . GLU A 1 23  ? 8.646   -13.049 -3.031  1.00 33.31 ? 23  GLU X CD  1 
ATOM   170  O  OE1 . GLU A 1 23  ? 7.902   -13.720 -3.762  1.00 38.90 ? 23  GLU X OE1 1 
ATOM   171  O  OE2 . GLU A 1 23  ? 9.853   -12.908 -3.240  1.00 32.61 ? 23  GLU X OE2 1 
ATOM   172  N  N   . LEU A 1 24  ? 7.617   -9.588  -0.063  1.00 24.42 ? 24  LEU X N   1 
ATOM   173  C  CA  . LEU A 1 24  ? 8.352   -8.317  0.020   1.00 23.21 ? 24  LEU X CA  1 
ATOM   174  C  C   . LEU A 1 24  ? 9.769   -8.553  -0.434  1.00 24.58 ? 24  LEU X C   1 
ATOM   175  O  O   . LEU A 1 24  ? 10.458  -9.403  0.105   1.00 24.36 ? 24  LEU X O   1 
ATOM   176  C  CB  . LEU A 1 24  ? 8.294   -7.725  1.452   1.00 22.93 ? 24  LEU X CB  1 
ATOM   177  C  CG  . LEU A 1 24  ? 6.896   -7.625  2.058   1.00 23.25 ? 24  LEU X CG  1 
ATOM   178  C  CD1 . LEU A 1 24  ? 6.997   -7.102  3.484   1.00 24.99 ? 24  LEU X CD1 1 
ATOM   179  C  CD2 . LEU A 1 24  ? 5.945   -6.823  1.168   1.00 24.63 ? 24  LEU X CD2 1 
ATOM   180  N  N   . PHE A 1 25  ? 10.231  -7.775  -1.385  1.00 25.09 ? 25  PHE X N   1 
ATOM   181  C  CA  . PHE A 1 25  ? 11.577  -7.939  -1.911  1.00 24.56 ? 25  PHE X CA  1 
ATOM   182  C  C   . PHE A 1 25  ? 12.686  -7.417  -1.035  1.00 24.42 ? 25  PHE X C   1 
ATOM   183  O  O   . PHE A 1 25  ? 13.450  -6.502  -1.432  1.00 28.73 ? 25  PHE X O   1 
ATOM   184  C  CB  . PHE A 1 25  ? 11.643  -7.345  -3.304  1.00 25.76 ? 25  PHE X CB  1 
ATOM   185  C  CG  . PHE A 1 25  ? 10.548  -7.848  -4.229  1.00 26.51 ? 25  PHE X CG  1 
ATOM   186  C  CD1 . PHE A 1 25  ? 10.131  -9.165  -4.202  1.00 28.48 ? 25  PHE X CD1 1 
ATOM   187  C  CD2 . PHE A 1 25  ? 9.946   -6.955  -5.160  1.00 30.00 ? 25  PHE X CD2 1 
ATOM   188  C  CE1 . PHE A 1 25  ? 9.114   -9.607  -5.051  1.00 33.54 ? 25  PHE X CE1 1 
ATOM   189  C  CE2 . PHE A 1 25  ? 8.964   -7.383  -6.025  1.00 30.23 ? 25  PHE X CE2 1 
ATOM   190  C  CZ  . PHE A 1 25  ? 8.558   -8.723  -5.980  1.00 33.24 ? 25  PHE X CZ  1 
ATOM   191  N  N   . ALA A 1 26  ? 12.866  -8.063  0.129   1.00 22.94 ? 26  ALA X N   1 
ATOM   192  C  CA  . ALA A 1 26  ? 13.925  -7.657  1.031   1.00 23.70 ? 26  ALA X CA  1 
ATOM   193  C  C   . ALA A 1 26  ? 15.305  -7.793  0.389   1.00 23.36 ? 26  ALA X C   1 
ATOM   194  O  O   . ALA A 1 26  ? 16.222  -7.117  0.804   1.00 26.71 ? 26  ALA X O   1 
ATOM   195  C  CB  . ALA A 1 26  ? 13.900  -8.492  2.299   1.00 25.54 ? 26  ALA X CB  1 
ATOM   196  N  N   . ASP A 1 27  ? 15.466  -8.686  -0.590  1.00 25.38 ? 27  ASP X N   1 
ATOM   197  C  CA  . ASP A 1 27  ? 16.734  -8.808  -1.322  1.00 25.20 ? 27  ASP X CA  1 
ATOM   198  C  C   . ASP A 1 27  ? 17.086  -7.654  -2.236  1.00 27.62 ? 27  ASP X C   1 
ATOM   199  O  O   . ASP A 1 27  ? 18.262  -7.521  -2.647  1.00 27.52 ? 27  ASP X O   1 
ATOM   200  C  CB  . ASP A 1 27  ? 16.758  -10.098 -2.105  1.00 29.71 ? 27  ASP X CB  1 
ATOM   201  C  CG  . ASP A 1 27  ? 15.692  -10.168 -3.170  1.00 35.37 ? 27  ASP X CG  1 
ATOM   202  O  OD1 . ASP A 1 27  ? 14.554  -9.670  -2.999  1.00 34.14 ? 27  ASP X OD1 1 
ATOM   203  O  OD2 . ASP A 1 27  ? 16.016  -10.724 -4.205  1.00 37.37 ? 27  ASP X OD2 1 
ATOM   204  N  N   . VAL A 1 28  ? 16.104  -6.828  -2.595  1.00 25.24 ? 28  VAL X N   1 
ATOM   205  C  CA  . VAL A 1 28  ? 16.349  -5.651  -3.420  1.00 22.64 ? 28  VAL X CA  1 
ATOM   206  C  C   . VAL A 1 28  ? 16.040  -4.315  -2.708  1.00 22.80 ? 28  VAL X C   1 
ATOM   207  O  O   . VAL A 1 28  ? 16.789  -3.340  -2.837  1.00 21.16 ? 28  VAL X O   1 
ATOM   208  C  CB  . VAL A 1 28  ? 15.558  -5.758  -4.715  1.00 23.87 ? 28  VAL X CB  1 
ATOM   209  C  CG1 . VAL A 1 28  ? 15.857  -4.574  -5.651  1.00 24.38 ? 28  VAL X CG1 1 
ATOM   210  C  CG2 . VAL A 1 28  ? 15.922  -7.062  -5.436  1.00 26.91 ? 28  VAL X CG2 1 
ATOM   211  N  N   . THR A 1 29  ? 14.958  -4.269  -1.938  1.00 22.38 ? 29  THR X N   1 
ATOM   212  C  CA  . THR A 1 29  ? 14.565  -3.051  -1.226  1.00 22.89 ? 29  THR X CA  1 
ATOM   213  C  C   . THR A 1 29  ? 14.382  -3.407  0.227   1.00 21.82 ? 29  THR X C   1 
ATOM   214  O  O   . THR A 1 29  ? 13.258  -3.436  0.709   1.00 24.09 ? 29  THR X O   1 
ATOM   215  C  CB  . THR A 1 29  ? 13.264  -2.468  -1.823  1.00 24.21 ? 29  THR X CB  1 
ATOM   216  O  OG1 . THR A 1 29  ? 12.177  -3.440  -1.824  1.00 23.39 ? 29  THR X OG1 1 
ATOM   217  C  CG2 . THR A 1 29  ? 13.517  -1.934  -3.191  1.00 24.33 ? 29  THR X CG2 1 
ATOM   218  N  N   . PRO A 1 30  ? 15.476  -3.800  0.927   1.00 22.70 ? 30  PRO X N   1 
ATOM   219  C  CA  . PRO A 1 30  ? 15.315  -4.229  2.309   1.00 23.63 ? 30  PRO X CA  1 
ATOM   220  C  C   . PRO A 1 30  ? 14.702  -3.156  3.226   1.00 23.80 ? 30  PRO X C   1 
ATOM   221  O  O   . PRO A 1 30  ? 13.823  -3.456  4.038   1.00 22.96 ? 30  PRO X O   1 
ATOM   222  C  CB  . PRO A 1 30  ? 16.763  -4.596  2.754   1.00 23.30 ? 30  PRO X CB  1 
ATOM   223  C  CG  . PRO A 1 30  ? 17.651  -3.842  1.817   1.00 25.27 ? 30  PRO X CG  1 
ATOM   224  C  CD  . PRO A 1 30  ? 16.890  -3.812  0.513   1.00 24.92 ? 30  PRO X CD  1 
ATOM   225  N  N   . ARG A 1 31  ? 15.109  -1.910  3.080   1.00 23.94 ? 31  ARG X N   1 
ATOM   226  C  CA  . ARG A 1 31  ? 14.576  -0.831  3.996   1.00 25.85 ? 31  ARG X CA  1 
ATOM   227  C  C   . ARG A 1 31  ? 13.032  -0.549  3.781   1.00 24.93 ? 31  ARG X C   1 
ATOM   228  O  O   . ARG A 1 31  ? 12.244  -0.399  4.739   1.00 22.13 ? 31  ARG X O   1 
ATOM   229  C  CB  . ARG A 1 31  ? 15.431  0.432   3.800   1.00 27.80 ? 31  ARG X CB  1 
ATOM   230  C  CG  . ARG A 1 31  ? 15.195  1.598   4.744   1.00 34.93 ? 31  ARG X CG  1 
ATOM   231  C  CD  . ARG A 1 31  ? 16.350  2.611   4.647   1.00 34.74 ? 31  ARG X CD  1 
ATOM   232  N  NE  . ARG A 1 31  ? 16.043  3.946   5.234   1.00 36.69 ? 31  ARG X NE  1 
ATOM   233  C  CZ  . ARG A 1 31  ? 16.072  4.166   6.531   1.00 32.88 ? 31  ARG X CZ  1 
ATOM   234  N  NH1 . ARG A 1 31  ? 16.312  3.174   7.347   1.00 43.71 ? 31  ARG X NH1 1 
ATOM   235  N  NH2 . ARG A 1 31  ? 15.859  5.347   7.025   1.00 33.96 ? 31  ARG X NH2 1 
ATOM   236  N  N   . THR A 1 32  ? 12.625  -0.531  2.517   1.00 23.66 ? 32  THR X N   1 
ATOM   237  C  CA  . THR A 1 32  ? 11.231  -0.322  2.159   1.00 21.71 ? 32  THR X CA  1 
ATOM   238  C  C   . THR A 1 32  ? 10.400  -1.517  2.565   1.00 23.03 ? 32  THR X C   1 
ATOM   239  O  O   . THR A 1 32  ? 9.275   -1.392  3.133   1.00 22.97 ? 32  THR X O   1 
ATOM   240  C  CB  . THR A 1 32  ? 11.145  -0.035  0.652   1.00 21.82 ? 32  THR X CB  1 
ATOM   241  O  OG1 . THR A 1 32  ? 11.967  1.087   0.306   1.00 19.84 ? 32  THR X OG1 1 
ATOM   242  C  CG2 . THR A 1 32  ? 9.758   0.350   0.225   1.00 21.53 ? 32  THR X CG2 1 
ATOM   243  N  N   . ALA A 1 33  ? 10.931  -2.710  2.277   1.00 23.59 ? 33  ALA X N   1 
ATOM   244  C  CA  . ALA A 1 33  ? 10.246  -3.946  2.669   1.00 23.79 ? 33  ALA X CA  1 
ATOM   245  C  C   . ALA A 1 33  ? 10.046  -4.001  4.159   1.00 25.26 ? 33  ALA X C   1 
ATOM   246  O  O   . ALA A 1 33  ? 8.941   -4.408  4.631   1.00 24.76 ? 33  ALA X O   1 
ATOM   247  C  CB  . ALA A 1 33  ? 11.017  -5.198  2.190   1.00 24.20 ? 33  ALA X CB  1 
ATOM   248  N  N   . ASP A 1 34  ? 11.111  -3.705  4.912   1.00 23.94 ? 34  ASP X N   1 
ATOM   249  C  CA  . ASP A 1 34  ? 11.002  -3.819  6.383   1.00 26.57 ? 34  ASP X CA  1 
ATOM   250  C  C   . ASP A 1 34  ? 9.991   -2.852  7.025   1.00 25.62 ? 34  ASP X C   1 
ATOM   251  O  O   . ASP A 1 34  ? 9.229   -3.256  7.940   1.00 23.68 ? 34  ASP X O   1 
ATOM   252  C  CB  . ASP A 1 34  ? 12.348  -3.731  7.092   1.00 26.98 ? 34  ASP X CB  1 
ATOM   253  C  CG  . ASP A 1 34  ? 12.277  -4.300  8.508   1.00 29.72 ? 34  ASP X CG  1 
ATOM   254  O  OD1 . ASP A 1 34  ? 11.878  -5.472  8.664   1.00 31.63 ? 34  ASP X OD1 1 
ATOM   255  O  OD2 . ASP A 1 34  ? 12.556  -3.599  9.478   1.00 30.20 ? 34  ASP X OD2 1 
ATOM   256  N  N   . ASN A 1 35  ? 9.879   -1.638  6.470   1.00 21.79 ? 35  ASN X N   1 
ATOM   257  C  CA  . ASN A 1 35  ? 8.821   -0.716  6.857   1.00 23.15 ? 35  ASN X CA  1 
ATOM   258  C  C   . ASN A 1 35  ? 7.394   -1.275  6.710   1.00 24.33 ? 35  ASN X C   1 
ATOM   259  O  O   . ASN A 1 35  ? 6.562   -1.249  7.625   1.00 26.34 ? 35  ASN X O   1 
ATOM   260  C  CB  . ASN A 1 35  ? 8.950   0.541   6.018   1.00 22.97 ? 35  ASN X CB  1 
ATOM   261  C  CG  . ASN A 1 35  ? 7.951   1.624   6.380   1.00 22.55 ? 35  ASN X CG  1 
ATOM   262  O  OD1 . ASN A 1 35  ? 7.942   2.121   7.494   1.00 23.40 ? 35  ASN X OD1 1 
ATOM   263  N  ND2 . ASN A 1 35  ? 7.161   2.052   5.401   1.00 20.62 ? 35  ASN X ND2 1 
ATOM   264  N  N   . PHE A 1 36  ? 7.137   -1.810  5.558   1.00 25.46 ? 36  PHE X N   1 
ATOM   265  C  CA  . PHE A 1 36  ? 5.838   -2.347  5.239   1.00 26.33 ? 36  PHE X CA  1 
ATOM   266  C  C   . PHE A 1 36  ? 5.547   -3.562  6.133   1.00 25.26 ? 36  PHE X C   1 
ATOM   267  O  O   . PHE A 1 36  ? 4.444   -3.711  6.715   1.00 26.98 ? 36  PHE X O   1 
ATOM   268  C  CB  . PHE A 1 36  ? 5.807   -2.665  3.727   1.00 27.08 ? 36  PHE X CB  1 
ATOM   269  C  CG  . PHE A 1 36  ? 4.469   -3.085  3.225   1.00 26.07 ? 36  PHE X CG  1 
ATOM   270  C  CD1 . PHE A 1 36  ? 4.069   -4.437  3.291   1.00 26.00 ? 36  PHE X CD1 1 
ATOM   271  C  CD2 . PHE A 1 36  ? 3.605   -2.151  2.644   1.00 25.67 ? 36  PHE X CD2 1 
ATOM   272  C  CE1 . PHE A 1 36  ? 2.793   -4.843  2.828   1.00 25.41 ? 36  PHE X CE1 1 
ATOM   273  C  CE2 . PHE A 1 36  ? 2.342   -2.554  2.153   1.00 26.73 ? 36  PHE X CE2 1 
ATOM   274  C  CZ  . PHE A 1 36  ? 1.948   -3.889  2.225   1.00 26.79 ? 36  PHE X CZ  1 
ATOM   275  N  N   . ARG A 1 37  ? 6.555   -4.404  6.267   1.00 27.23 ? 37  ARG X N   1 
ATOM   276  C  CA  . ARG A 1 37  ? 6.464   -5.608  7.092   1.00 25.83 ? 37  ARG X CA  1 
ATOM   277  C  C   . ARG A 1 37  ? 6.113   -5.257  8.527   1.00 26.04 ? 37  ARG X C   1 
ATOM   278  O  O   . ARG A 1 37  ? 5.230   -5.890  9.160   1.00 24.46 ? 37  ARG X O   1 
ATOM   279  C  CB  . ARG A 1 37  ? 7.821   -6.362  7.095   1.00 26.00 ? 37  ARG X CB  1 
ATOM   280  C  CG  . ARG A 1 37  ? 7.754   -7.763  7.720   1.00 28.81 ? 37  ARG X CG  1 
ATOM   281  C  CD  . ARG A 1 37  ? 9.131   -8.352  8.103   1.00 29.77 ? 37  ARG X CD  1 
ATOM   282  N  NE  . ARG A 1 37  ? 9.813   -7.432  8.987   1.00 30.02 ? 37  ARG X NE  1 
ATOM   283  C  CZ  . ARG A 1 37  ? 9.509   -7.223  10.258  1.00 29.02 ? 37  ARG X CZ  1 
ATOM   284  N  NH1 . ARG A 1 37  ? 8.569   -7.925  10.838  1.00 32.27 ? 37  ARG X NH1 1 
ATOM   285  N  NH2 . ARG A 1 37  ? 10.130  -6.276  10.949  1.00 29.14 ? 37  ARG X NH2 1 
ATOM   286  N  N   . ALA A 1 38  ? 6.883   -4.315  9.079   1.00 25.14 ? 38  ALA X N   1 
ATOM   287  C  CA  . ALA A 1 38  ? 6.656   -3.896  10.463  1.00 24.29 ? 38  ALA X CA  1 
ATOM   288  C  C   . ALA A 1 38  ? 5.296   -3.230  10.638  1.00 23.14 ? 38  ALA X C   1 
ATOM   289  O  O   . ALA A 1 38  ? 4.669   -3.348  11.669  1.00 21.54 ? 38  ALA X O   1 
ATOM   290  C  CB  . ALA A 1 38  ? 7.767   -2.997  10.936  1.00 25.95 ? 38  ALA X CB  1 
ATOM   291  N  N   . LEU A 1 39  ? 4.835   -2.513  9.632   1.00 23.92 ? 39  LEU X N   1 
ATOM   292  C  CA  . LEU A 1 39  ? 3.500   -1.960  9.708   1.00 23.82 ? 39  LEU X CA  1 
ATOM   293  C  C   . LEU A 1 39  ? 2.406   -3.014  9.679   1.00 25.91 ? 39  LEU X C   1 
ATOM   294  O  O   . LEU A 1 39  ? 1.281   -2.755  10.143  1.00 26.66 ? 39  LEU X O   1 
ATOM   295  C  CB  . LEU A 1 39  ? 3.322   -0.931  8.590   1.00 23.82 ? 39  LEU X CB  1 
ATOM   296  C  CG  . LEU A 1 39  ? 4.249   0.302   8.758   1.00 24.05 ? 39  LEU X CG  1 
ATOM   297  C  CD1 . LEU A 1 39  ? 4.186   1.303   7.599   1.00 24.30 ? 39  LEU X CD1 1 
ATOM   298  C  CD2 . LEU A 1 39  ? 3.930   1.050   10.026  1.00 28.00 ? 39  LEU X CD2 1 
ATOM   299  N  N   . CYS A 1 40  ? 2.693   -4.196  9.106   1.00 25.10 ? 40  CYS X N   1 
ATOM   300  C  CA  . CYS A 1 40  ? 1.690   -5.275  9.080   1.00 27.41 ? 40  CYS X CA  1 
ATOM   301  C  C   . CYS A 1 40  ? 1.599   -5.919  10.445  1.00 26.18 ? 40  CYS X C   1 
ATOM   302  O  O   . CYS A 1 40  ? 0.513   -6.304  10.870  1.00 26.94 ? 40  CYS X O   1 
ATOM   303  C  CB  . CYS A 1 40  ? 2.061   -6.336  8.006   1.00 27.82 ? 40  CYS X CB  1 
ATOM   304  S  SG  . CYS A 1 40  ? 1.850   -5.763  6.287   1.00 26.74 ? 40  CYS X SG  1 
ATOM   305  N  N   . THR A 1 41  ? 2.742   -6.064  11.101  1.00 24.98 ? 41  THR X N   1 
ATOM   306  C  CA  . THR A 1 41  ? 2.812   -6.629  12.434  1.00 27.45 ? 41  THR X CA  1 
ATOM   307  C  C   . THR A 1 41  ? 2.448   -5.614  13.509  1.00 28.83 ? 41  THR X C   1 
ATOM   308  O  O   . THR A 1 41  ? 1.915   -5.962  14.502  1.00 27.28 ? 41  THR X O   1 
ATOM   309  C  CB  . THR A 1 41  ? 4.179   -7.231  12.787  1.00 28.56 ? 41  THR X CB  1 
ATOM   310  O  OG1 . THR A 1 41  ? 5.174   -6.224  12.997  1.00 31.13 ? 41  THR X OG1 1 
ATOM   311  C  CG2 . THR A 1 41  ? 4.644   -8.178  11.658  1.00 32.30 ? 41  THR X CG2 1 
ATOM   312  N  N   . GLY A 1 42  ? 2.727   -4.345  13.333  1.00 29.09 ? 42  GLY X N   1 
ATOM   313  C  CA  . GLY A 1 42  ? 2.480   -3.424  14.412  1.00 31.94 ? 42  GLY X CA  1 
ATOM   314  C  C   . GLY A 1 42  ? 3.570   -3.445  15.488  1.00 30.55 ? 42  GLY X C   1 
ATOM   315  O  O   . GLY A 1 42  ? 3.462   -2.740  16.477  1.00 31.40 ? 42  GLY X O   1 
ATOM   316  N  N   . GLU A 1 43  ? 4.643   -4.172  15.252  1.00 26.72 ? 43  GLU X N   1 
ATOM   317  C  CA  . GLU A 1 43  ? 5.662   -4.391  16.285  1.00 29.58 ? 43  GLU X CA  1 
ATOM   318  C  C   . GLU A 1 43  ? 6.414   -3.141  16.758  1.00 29.70 ? 43  GLU X C   1 
ATOM   319  O  O   . GLU A 1 43  ? 7.015   -3.180  17.805  1.00 31.32 ? 43  GLU X O   1 
ATOM   320  C  CB  . GLU A 1 43  ? 6.685   -5.414  15.804  1.00 27.51 ? 43  GLU X CB  1 
ATOM   321  C  CG  . GLU A 1 43  ? 7.573   -4.868  14.701  1.00 29.29 ? 43  GLU X CG  1 
ATOM   322  C  CD  . GLU A 1 43  ? 8.315   -5.952  13.930  1.00 30.45 ? 43  GLU X CD  1 
ATOM   323  O  OE1 . GLU A 1 43  ? 7.636   -6.800  13.385  1.00 28.50 ? 43  GLU X OE1 1 
ATOM   324  O  OE2 . GLU A 1 43  ? 9.576   -5.888  13.816  1.00 30.46 ? 43  GLU X OE2 1 
ATOM   325  N  N   . LYS A 1 44  ? 6.474   -2.058  15.973  1.00 29.91 ? 44  LYS X N   1 
ATOM   326  C  CA  . LYS A 1 44  ? 7.183   -0.838  16.437  1.00 30.47 ? 44  LYS X CA  1 
ATOM   327  C  C   . LYS A 1 44  ? 6.380   0.029   17.424  1.00 29.80 ? 44  LYS X C   1 
ATOM   328  O  O   . LYS A 1 44  ? 6.923   1.019   17.939  1.00 30.50 ? 44  LYS X O   1 
ATOM   329  C  CB  . LYS A 1 44  ? 7.678   0.044   15.286  1.00 31.82 ? 44  LYS X CB  1 
ATOM   330  C  CG  . LYS A 1 44  ? 8.446   -0.686  14.213  1.00 33.78 ? 44  LYS X CG  1 
ATOM   331  C  CD  . LYS A 1 44  ? 9.584   -1.453  14.800  1.00 32.55 ? 44  LYS X CD  1 
ATOM   332  C  CE  . LYS A 1 44  ? 10.278  -2.122  13.663  1.00 37.45 ? 44  LYS X CE  1 
ATOM   333  N  NZ  . LYS A 1 44  ? 11.551  -2.613  14.159  1.00 37.72 ? 44  LYS X NZ  1 
ATOM   334  N  N   . GLY A 1 45  ? 5.134   -0.317  17.732  1.00 30.92 ? 45  GLY X N   1 
ATOM   335  C  CA  . GLY A 1 45  ? 4.378   0.439   18.759  1.00 29.12 ? 45  GLY X CA  1 
ATOM   336  C  C   . GLY A 1 45  ? 3.815   1.742   18.210  1.00 29.00 ? 45  GLY X C   1 
ATOM   337  O  O   . GLY A 1 45  ? 3.260   1.790   17.098  1.00 27.38 ? 45  GLY X O   1 
ATOM   338  N  N   . ILE A 1 46  ? 3.948   2.797   19.014  1.00 28.76 ? 46  ILE X N   1 
ATOM   339  C  CA  . ILE A 1 46  ? 3.283   4.062   18.770  1.00 29.05 ? 46  ILE X CA  1 
ATOM   340  C  C   . ILE A 1 46  ? 4.268   4.980   18.028  1.00 28.97 ? 46  ILE X C   1 
ATOM   341  O  O   . ILE A 1 46  ? 5.462   5.005   18.322  1.00 26.91 ? 46  ILE X O   1 
ATOM   342  C  CB  . ILE A 1 46  ? 2.918   4.739   20.099  1.00 30.44 ? 46  ILE X CB  1 
ATOM   343  C  CG1 . ILE A 1 46  ? 2.067   3.820   20.970  1.00 30.60 ? 46  ILE X CG1 1 
ATOM   344  C  CG2 . ILE A 1 46  ? 2.228   6.092   19.842  1.00 32.12 ? 46  ILE X CG2 1 
ATOM   345  C  CD1 . ILE A 1 46  ? 0.648   3.856   20.550  1.00 31.76 ? 46  ILE X CD1 1 
ATOM   346  N  N   . GLY A 1 47  ? 3.770   5.720   17.053  1.00 27.99 ? 47  GLY X N   1 
ATOM   347  C  CA  . GLY A 1 47  ? 4.614   6.654   16.344  1.00 30.15 ? 47  GLY X CA  1 
ATOM   348  C  C   . GLY A 1 47  ? 4.484   8.094   16.832  1.00 31.64 ? 47  GLY X C   1 
ATOM   349  O  O   . GLY A 1 47  ? 3.862   8.365   17.842  1.00 29.95 ? 47  GLY X O   1 
ATOM   350  N  N   . GLN A 1 48  ? 5.017   9.011   16.034  1.00 30.91 ? 48  GLN X N   1 
ATOM   351  C  CA  . GLN A 1 48  ? 5.118   10.426  16.364  1.00 31.98 ? 48  GLN X CA  1 
ATOM   352  C  C   . GLN A 1 48  ? 3.800   11.182  16.273  1.00 33.24 ? 48  GLN X C   1 
ATOM   353  O  O   . GLN A 1 48  ? 3.708   12.324  16.742  1.00 36.27 ? 48  GLN X O   1 
ATOM   354  C  CB  . GLN A 1 48  ? 6.163   11.096  15.449  1.00 31.19 ? 48  GLN X CB  1 
ATOM   355  C  CG  . GLN A 1 48  ? 7.555   10.501  15.599  1.00 29.21 ? 48  GLN X CG  1 
ATOM   356  C  CD  . GLN A 1 48  ? 8.565   11.137  14.649  1.00 30.72 ? 48  GLN X CD  1 
ATOM   357  O  OE1 . GLN A 1 48  ? 8.211   11.742  13.650  1.00 29.21 ? 48  GLN X OE1 1 
ATOM   358  N  NE2 . GLN A 1 48  ? 9.806   10.982  14.962  1.00 28.29 ? 48  GLN X NE2 1 
ATOM   359  N  N   . ALA A 1 49  ? 2.772   10.569  15.706  1.00 31.32 ? 49  ALA X N   1 
ATOM   360  C  CA  . ALA A 1 49  ? 1.420   11.158  15.782  1.00 32.36 ? 49  ALA X CA  1 
ATOM   361  C  C   . ALA A 1 49  ? 0.551   10.484  16.880  1.00 32.06 ? 49  ALA X C   1 
ATOM   362  O  O   . ALA A 1 49  ? -0.641  10.762  16.977  1.00 28.68 ? 49  ALA X O   1 
ATOM   363  C  CB  . ALA A 1 49  ? 0.744   11.122  14.387  1.00 35.57 ? 49  ALA X CB  1 
ATOM   364  N  N   . GLY A 1 50  ? 1.181   9.658   17.738  1.00 30.94 ? 50  GLY X N   1 
ATOM   365  C  CA  . GLY A 1 50  ? 0.484   8.979   18.833  1.00 34.10 ? 50  GLY X CA  1 
ATOM   366  C  C   . GLY A 1 50  ? -0.446  7.917   18.325  1.00 35.36 ? 50  GLY X C   1 
ATOM   367  O  O   . GLY A 1 50  ? -1.371  7.558   18.992  1.00 40.17 ? 50  GLY X O   1 
ATOM   368  N  N   . LYS A 1 51  ? -0.201  7.414   17.121  1.00 36.44 ? 51  LYS X N   1 
ATOM   369  C  CA  . LYS A 1 51  ? -0.983  6.337   16.527  1.00 35.20 ? 51  LYS X CA  1 
ATOM   370  C  C   . LYS A 1 51  ? -0.073  5.136   16.363  1.00 30.28 ? 51  LYS X C   1 
ATOM   371  O  O   . LYS A 1 51  ? 1.131   5.271   16.054  1.00 27.70 ? 51  LYS X O   1 
ATOM   372  C  CB  . LYS A 1 51  ? -1.515  6.767   15.172  1.00 41.65 ? 51  LYS X CB  1 
ATOM   373  C  CG  . LYS A 1 51  ? -2.597  7.798   15.238  1.00 48.69 ? 51  LYS X CG  1 
ATOM   374  C  CD  . LYS A 1 51  ? -3.951  7.119   15.341  1.00 55.75 ? 51  LYS X CD  1 
ATOM   375  C  CE  . LYS A 1 51  ? -5.010  8.094   15.811  1.00 61.67 ? 51  LYS X CE  1 
ATOM   376  N  NZ  . LYS A 1 51  ? -4.874  9.386   15.090  1.00 60.24 ? 51  LYS X NZ  1 
ATOM   377  N  N   . ALA A 1 52  ? -0.634  3.953   16.574  1.00 30.18 ? 52  ALA X N   1 
ATOM   378  C  CA  . ALA A 1 52  ? 0.096   2.686   16.382  1.00 30.23 ? 52  ALA X CA  1 
ATOM   379  C  C   . ALA A 1 52  ? 0.590   2.675   14.964  1.00 26.41 ? 52  ALA X C   1 
ATOM   380  O  O   . ALA A 1 52  ? -0.134  3.044   14.040  1.00 25.58 ? 52  ALA X O   1 
ATOM   381  C  CB  . ALA A 1 52  ? -0.785  1.470   16.615  1.00 30.27 ? 52  ALA X CB  1 
ATOM   382  N  N   . LEU A 1 53  ? 1.838   2.290   14.831  1.00 25.93 ? 53  LEU X N   1 
ATOM   383  C  CA  . LEU A 1 53  ? 2.442   2.061   13.562  1.00 26.22 ? 53  LEU X CA  1 
ATOM   384  C  C   . LEU A 1 53  ? 1.949   0.710   13.066  1.00 28.08 ? 53  LEU X C   1 
ATOM   385  O  O   . LEU A 1 53  ? 2.595   -0.338  13.299  1.00 28.49 ? 53  LEU X O   1 
ATOM   386  C  CB  . LEU A 1 53  ? 3.972   2.118   13.755  1.00 28.33 ? 53  LEU X CB  1 
ATOM   387  C  CG  . LEU A 1 53  ? 4.557   3.519   14.108  1.00 27.98 ? 53  LEU X CG  1 
ATOM   388  C  CD1 . LEU A 1 53  ? 6.000   3.416   14.503  1.00 27.61 ? 53  LEU X CD1 1 
ATOM   389  C  CD2 . LEU A 1 53  ? 4.435   4.508   12.925  1.00 29.83 ? 53  LEU X CD2 1 
ATOM   390  N  N   . HIS A 1 54  ? 0.776   0.711   12.419  1.00 27.11 ? 54  HIS X N   1 
ATOM   391  C  CA  . HIS A 1 54  ? 0.058   -0.553  12.176  1.00 27.91 ? 54  HIS X CA  1 
ATOM   392  C  C   . HIS A 1 54  ? -1.024  -0.343  11.144  1.00 26.03 ? 54  HIS X C   1 
ATOM   393  O  O   . HIS A 1 54  ? -1.788  0.576   11.259  1.00 24.00 ? 54  HIS X O   1 
ATOM   394  C  CB  . HIS A 1 54  ? -0.592  -1.037  13.451  1.00 31.87 ? 54  HIS X CB  1 
ATOM   395  C  CG  . HIS A 1 54  ? -0.862  -2.510  13.521  1.00 36.20 ? 54  HIS X CG  1 
ATOM   396  N  ND1 . HIS A 1 54  ? -1.662  -3.060  14.511  1.00 33.60 ? 54  HIS X ND1 1 
ATOM   397  C  CD2 . HIS A 1 54  ? -0.456  -3.548  12.754  1.00 37.49 ? 54  HIS X CD2 1 
ATOM   398  C  CE1 . HIS A 1 54  ? -1.723  -4.365  14.362  1.00 32.48 ? 54  HIS X CE1 1 
ATOM   399  N  NE2 . HIS A 1 54  ? -0.993  -4.692  13.310  1.00 35.21 ? 54  HIS X NE2 1 
ATOM   400  N  N   . TYR A 1 55  ? -1.059  -1.187  10.129  1.00 24.15 ? 55  TYR X N   1 
ATOM   401  C  CA  . TYR A 1 55  ? -2.075  -1.094  9.088   1.00 26.77 ? 55  TYR X CA  1 
ATOM   402  C  C   . TYR A 1 55  ? -3.460  -1.614  9.592   1.00 28.16 ? 55  TYR X C   1 
ATOM   403  O  O   . TYR A 1 55  ? -4.479  -1.302  9.024   1.00 29.15 ? 55  TYR X O   1 
ATOM   404  C  CB  . TYR A 1 55  ? -1.609  -1.895  7.884   1.00 25.99 ? 55  TYR X CB  1 
ATOM   405  C  CG  . TYR A 1 55  ? -0.448  -1.289  7.064   1.00 26.11 ? 55  TYR X CG  1 
ATOM   406  C  CD1 . TYR A 1 55  ? -0.415  0.082   6.750   1.00 25.54 ? 55  TYR X CD1 1 
ATOM   407  C  CD2 . TYR A 1 55  ? 0.557   -2.097  6.518   1.00 25.07 ? 55  TYR X CD2 1 
ATOM   408  C  CE1 . TYR A 1 55  ? 0.561   0.609   5.940   1.00 23.53 ? 55  TYR X CE1 1 
ATOM   409  C  CE2 . TYR A 1 55  ? 1.534   -1.536  5.678   1.00 26.67 ? 55  TYR X CE2 1 
ATOM   410  C  CZ  . TYR A 1 55  ? 1.544   -0.175  5.408   1.00 23.47 ? 55  TYR X CZ  1 
ATOM   411  O  OH  . TYR A 1 55  ? 2.514   0.444   4.581   1.00 23.49 ? 55  TYR X OH  1 
ATOM   412  N  N   . LYS A 1 56  ? -3.478  -2.379  10.674  1.00 27.42 ? 56  LYS X N   1 
ATOM   413  C  CA  . LYS A 1 56  ? -4.714  -3.046  11.091  1.00 30.72 ? 56  LYS X CA  1 
ATOM   414  C  C   . LYS A 1 56  ? -5.752  -2.015  11.348  1.00 29.41 ? 56  LYS X C   1 
ATOM   415  O  O   . LYS A 1 56  ? -5.531  -1.084  12.104  1.00 30.06 ? 56  LYS X O   1 
ATOM   416  C  CB  . LYS A 1 56  ? -4.472  -3.888  12.324  1.00 33.01 ? 56  LYS X CB  1 
ATOM   417  C  CG  . LYS A 1 56  ? -5.702  -4.572  12.847  1.00 37.81 ? 56  LYS X CG  1 
ATOM   418  C  CD  . LYS A 1 56  ? -5.296  -5.475  13.976  1.00 41.90 ? 56  LYS X CD  1 
ATOM   419  C  CE  . LYS A 1 56  ? -6.504  -5.822  14.823  1.00 48.99 ? 56  LYS X CE  1 
ATOM   420  N  NZ  . LYS A 1 56  ? -6.506  -7.279  15.003  1.00 51.68 ? 56  LYS X NZ  1 
ATOM   421  N  N   . GLY A 1 57  ? -6.895  -2.158  10.695  1.00 32.21 ? 57  GLY X N   1 
ATOM   422  C  CA  . GLY A 1 57  ? -8.004  -1.197  10.846  1.00 31.48 ? 57  GLY X CA  1 
ATOM   423  C  C   . GLY A 1 57  ? -8.093  -0.146  9.775   1.00 35.97 ? 57  GLY X C   1 
ATOM   424  O  O   . GLY A 1 57  ? -9.123  0.530   9.687   1.00 35.29 ? 57  GLY X O   1 
ATOM   425  N  N   . SER A 1 58  ? -7.018  0.035   8.979   1.00 31.18 ? 58  SER X N   1 
ATOM   426  C  CA  . SER A 1 58  ? -6.913  1.157   8.048   1.00 28.03 ? 58  SER X CA  1 
ATOM   427  C  C   . SER A 1 58  ? -7.640  0.761   6.767   1.00 28.88 ? 58  SER X C   1 
ATOM   428  O  O   . SER A 1 58  ? -7.860  -0.410  6.533   1.00 30.89 ? 58  SER X O   1 
ATOM   429  C  CB  . SER A 1 58  ? -5.397  1.498   7.838   1.00 28.28 ? 58  SER X CB  1 
ATOM   430  O  OG  . SER A 1 58  ? -4.685  0.393   7.274   1.00 26.86 ? 58  SER X OG  1 
ATOM   431  N  N   . ALA A 1 59  ? -8.004  1.720   5.930   1.00 30.59 ? 59  ALA X N   1 
ATOM   432  C  CA  . ALA A 1 59  ? -8.713  1.489   4.684   1.00 30.43 ? 59  ALA X CA  1 
ATOM   433  C  C   . ALA A 1 59  ? -7.959  1.787   3.384   1.00 33.47 ? 59  ALA X C   1 
ATOM   434  O  O   . ALA A 1 59  ? -6.999  2.527   3.358   1.00 30.62 ? 59  ALA X O   1 
ATOM   435  C  CB  . ALA A 1 59  ? -9.957  2.326   4.699   1.00 31.81 ? 59  ALA X CB  1 
ATOM   436  N  N   . PHE A 1 60  ? -8.438  1.208   2.282   1.00 32.65 ? 60  PHE X N   1 
ATOM   437  C  CA  . PHE A 1 60  ? -7.939  1.538   0.944   1.00 34.25 ? 60  PHE X CA  1 
ATOM   438  C  C   . PHE A 1 60  ? -8.842  2.662   0.532   1.00 34.97 ? 60  PHE X C   1 
ATOM   439  O  O   . PHE A 1 60  ? -9.972  2.441   0.146   1.00 40.37 ? 60  PHE X O   1 
ATOM   440  C  CB  . PHE A 1 60  ? -7.994  0.363   -0.054  1.00 32.22 ? 60  PHE X CB  1 
ATOM   441  C  CG  . PHE A 1 60  ? -6.885  -0.634  0.129   1.00 27.83 ? 60  PHE X CG  1 
ATOM   442  C  CD1 . PHE A 1 60  ? -6.919  -1.518  1.164   1.00 28.55 ? 60  PHE X CD1 1 
ATOM   443  C  CD2 . PHE A 1 60  ? -5.779  -0.647  -0.728  1.00 27.80 ? 60  PHE X CD2 1 
ATOM   444  C  CE1 . PHE A 1 60  ? -5.886  -2.433  1.363   1.00 28.43 ? 60  PHE X CE1 1 
ATOM   445  C  CE2 . PHE A 1 60  ? -4.744  -1.556  -0.527  1.00 28.20 ? 60  PHE X CE2 1 
ATOM   446  C  CZ  . PHE A 1 60  ? -4.804  -2.459  0.506   1.00 25.85 ? 60  PHE X CZ  1 
ATOM   447  N  N   . HIS A 1 61  ? -8.335  3.875   0.672   1.00 33.91 ? 61  HIS X N   1 
ATOM   448  C  CA  . HIS A 1 61  ? -9.140  5.073   0.522   1.00 29.50 ? 61  HIS X CA  1 
ATOM   449  C  C   . HIS A 1 61  ? -9.238  5.496   -0.927  1.00 32.17 ? 61  HIS X C   1 
ATOM   450  O  O   . HIS A 1 61  ? -10.091 6.259   -1.247  1.00 30.36 ? 61  HIS X O   1 
ATOM   451  C  CB  . HIS A 1 61  ? -8.571  6.226   1.385   1.00 30.38 ? 61  HIS X CB  1 
ATOM   452  C  CG  . HIS A 1 61  ? -7.227  6.721   0.922   1.00 30.60 ? 61  HIS X CG  1 
ATOM   453  N  ND1 . HIS A 1 61  ? -6.030  6.179   1.369   1.00 29.27 ? 61  HIS X ND1 1 
ATOM   454  C  CD2 . HIS A 1 61  ? -6.899  7.613   -0.030  1.00 28.57 ? 61  HIS X CD2 1 
ATOM   455  C  CE1 . HIS A 1 61  ? -5.028  6.741   0.728   1.00 29.16 ? 61  HIS X CE1 1 
ATOM   456  N  NE2 . HIS A 1 61  ? -5.526  7.632   -0.113  1.00 30.56 ? 61  HIS X NE2 1 
ATOM   457  N  N   . ARG A 1 62  ? -8.382  5.040   -1.827  1.00 29.51 ? 62  ARG X N   1 
ATOM   458  C  CA  . ARG A 1 62  ? -8.507  5.490   -3.221  1.00 27.51 ? 62  ARG X CA  1 
ATOM   459  C  C   . ARG A 1 62  ? -8.282  4.310   -4.094  1.00 30.49 ? 62  ARG X C   1 
ATOM   460  O  O   . ARG A 1 62  ? -7.156  3.768   -4.128  1.00 32.28 ? 62  ARG X O   1 
ATOM   461  C  CB  . ARG A 1 62  ? -7.496  6.576   -3.479  1.00 28.13 ? 62  ARG X CB  1 
ATOM   462  C  CG  . ARG A 1 62  ? -7.326  7.024   -4.945  1.00 28.35 ? 62  ARG X CG  1 
ATOM   463  C  CD  . ARG A 1 62  ? -6.563  8.340   -4.950  1.00 28.37 ? 62  ARG X CD  1 
ATOM   464  N  NE  . ARG A 1 62  ? -6.303  8.797   -6.297  1.00 33.38 ? 62  ARG X NE  1 
ATOM   465  C  CZ  . ARG A 1 62  ? -5.223  8.489   -7.014  1.00 34.13 ? 62  ARG X CZ  1 
ATOM   466  N  NH1 . ARG A 1 62  ? -4.241  7.720   -6.534  1.00 34.18 ? 62  ARG X NH1 1 
ATOM   467  N  NH2 . ARG A 1 62  ? -5.105  8.972   -8.226  1.00 35.37 ? 62  ARG X NH2 1 
ATOM   468  N  N   . ILE A 1 63  ? -9.364  3.841   -4.735  1.00 31.92 ? 63  ILE X N   1 
ATOM   469  C  CA  . ILE A 1 63  ? -9.332  2.679   -5.627  1.00 31.64 ? 63  ILE X CA  1 
ATOM   470  C  C   . ILE A 1 63  ? -9.835  3.114   -6.989  1.00 37.48 ? 63  ILE X C   1 
ATOM   471  O  O   . ILE A 1 63  ? -10.960 3.591   -7.115  1.00 32.68 ? 63  ILE X O   1 
ATOM   472  C  CB  . ILE A 1 63  ? -10.169 1.497   -5.090  1.00 32.74 ? 63  ILE X CB  1 
ATOM   473  C  CG1 . ILE A 1 63  ? -9.628  1.059   -3.731  1.00 30.25 ? 63  ILE X CG1 1 
ATOM   474  C  CG2 . ILE A 1 63  ? -10.173 0.307   -6.095  1.00 35.68 ? 63  ILE X CG2 1 
ATOM   475  C  CD1 . ILE A 1 63  ? -10.251 -0.190  -3.203  1.00 31.18 ? 63  ILE X CD1 1 
ATOM   476  N  N   . ILE A 1 64  ? -8.980  2.925   -7.994  1.00 38.06 ? 64  ILE X N   1 
ATOM   477  C  CA  . ILE A 1 64  ? -9.280  3.256   -9.366  1.00 37.92 ? 64  ILE X CA  1 
ATOM   478  C  C   . ILE A 1 64  ? -9.239  1.983   -10.244 1.00 43.65 ? 64  ILE X C   1 
ATOM   479  O  O   . ILE A 1 64  ? -8.141  1.466   -10.600 1.00 36.30 ? 64  ILE X O   1 
ATOM   480  C  CB  . ILE A 1 64  ? -8.341  4.323   -9.910  1.00 35.39 ? 64  ILE X CB  1 
ATOM   481  C  CG1 . ILE A 1 64  ? -8.455  5.605   -9.048  1.00 34.11 ? 64  ILE X CG1 1 
ATOM   482  C  CG2 . ILE A 1 64  ? -8.629  4.542   -11.397 1.00 35.24 ? 64  ILE X CG2 1 
ATOM   483  C  CD1 . ILE A 1 64  ? -7.620  6.787   -9.526  1.00 33.25 ? 64  ILE X CD1 1 
ATOM   484  N  N   . PRO A 1 65  ? -10.437 1.481   -10.647 1.00 45.66 ? 65  PRO X N   1 
ATOM   485  C  CA  . PRO A 1 65  ? -10.452 0.234   -11.451 1.00 42.18 ? 65  PRO X CA  1 
ATOM   486  C  C   . PRO A 1 65  ? -9.539  0.302   -12.681 1.00 37.96 ? 65  PRO X C   1 
ATOM   487  O  O   . PRO A 1 65  ? -9.466  1.320   -13.351 1.00 38.07 ? 65  PRO X O   1 
ATOM   488  C  CB  . PRO A 1 65  ? -11.920 0.067   -11.828 1.00 42.90 ? 65  PRO X CB  1 
ATOM   489  C  CG  . PRO A 1 65  ? -12.654 0.883   -10.808 1.00 45.92 ? 65  PRO X CG  1 
ATOM   490  C  CD  . PRO A 1 65  ? -11.780 2.072   -10.545 1.00 44.82 ? 65  PRO X CD  1 
ATOM   491  N  N   . GLY A 1 66  ? -8.763  -0.762  -12.895 1.00 37.84 ? 66  GLY X N   1 
ATOM   492  C  CA  . GLY A 1 66  ? -7.821  -0.823  -13.974 1.00 34.48 ? 66  GLY X CA  1 
ATOM   493  C  C   . GLY A 1 66  ? -6.489  -0.117  -13.801 1.00 33.89 ? 66  GLY X C   1 
ATOM   494  O  O   . GLY A 1 66  ? -5.676  -0.183  -14.695 1.00 35.82 ? 66  GLY X O   1 
ATOM   495  N  N   . PHE A 1 67  ? -6.289  0.556   -12.672 1.00 33.08 ? 67  PHE X N   1 
ATOM   496  C  CA  . PHE A 1 67  ? -5.064  1.275   -12.336 1.00 31.47 ? 67  PHE X CA  1 
ATOM   497  C  C   . PHE A 1 67  ? -4.423  0.661   -11.047 1.00 30.54 ? 67  PHE X C   1 
ATOM   498  O  O   . PHE A 1 67  ? -3.378  -0.022  -11.137 1.00 30.14 ? 67  PHE X O   1 
ATOM   499  C  CB  . PHE A 1 67  ? -5.389  2.764   -12.137 1.00 30.89 ? 67  PHE X CB  1 
ATOM   500  C  CG  . PHE A 1 67  ? -4.227  3.615   -11.695 1.00 29.10 ? 67  PHE X CG  1 
ATOM   501  C  CD1 . PHE A 1 67  ? -2.910  3.275   -12.011 1.00 30.31 ? 67  PHE X CD1 1 
ATOM   502  C  CD2 . PHE A 1 67  ? -4.466  4.790   -10.956 1.00 29.42 ? 67  PHE X CD2 1 
ATOM   503  C  CE1 . PHE A 1 67  ? -1.858  4.080   -11.602 1.00 31.98 ? 67  PHE X CE1 1 
ATOM   504  C  CE2 . PHE A 1 67  ? -3.411  5.574   -10.503 1.00 29.27 ? 67  PHE X CE2 1 
ATOM   505  C  CZ  . PHE A 1 67  ? -2.111  5.224   -10.835 1.00 31.21 ? 67  PHE X CZ  1 
ATOM   506  N  N   . MET A 1 68  ? -5.059  0.891   -9.891  1.00 28.41 ? 68  MET X N   1 
ATOM   507  C  CA  . MET A 1 68  ? -4.525  0.434   -8.591  1.00 27.76 ? 68  MET X CA  1 
ATOM   508  C  C   . MET A 1 68  ? -5.490  0.661   -7.468  1.00 25.83 ? 68  MET X C   1 
ATOM   509  O  O   . MET A 1 68  ? -6.531  1.321   -7.633  1.00 27.51 ? 68  MET X O   1 
ATOM   510  C  CB  . MET A 1 68  ? -3.165  1.086   -8.287  1.00 25.11 ? 68  MET X CB  1 
ATOM   511  C  CG  . MET A 1 68  ? -3.180  2.620   -8.245  1.00 28.98 ? 68  MET X CG  1 
ATOM   512  S  SD  . MET A 1 68  ? -3.755  3.316   -6.680  1.00 29.33 ? 68  MET X SD  1 
ATOM   513  C  CE  . MET A 1 68  ? -5.164  4.270   -7.255  1.00 31.44 ? 68  MET X CE  1 
ATOM   514  N  N   . CYS A 1 69  ? -5.145  0.026   -6.352  1.00 27.37 ? 69  CYS X N   1 
ATOM   515  C  CA  . CYS A 1 69  ? -5.678  0.233   -5.045  1.00 27.62 ? 69  CYS X CA  1 
ATOM   516  C  C   . CYS A 1 69  ? -4.632  0.854   -4.080  1.00 27.22 ? 69  CYS X C   1 
ATOM   517  O  O   . CYS A 1 69  ? -3.560  0.279   -3.859  1.00 26.82 ? 69  CYS X O   1 
ATOM   518  C  CB  . CYS A 1 69  ? -6.194  -1.085  -4.463  1.00 31.69 ? 69  CYS X CB  1 
ATOM   519  S  SG  . CYS A 1 69  ? -7.286  -2.133  -5.499  1.00 31.80 ? 69  CYS X SG  1 
ATOM   520  N  N   . GLN A 1 70  ? -4.982  1.995   -3.487  1.00 25.03 ? 70  GLN X N   1 
ATOM   521  C  CA  . GLN A 1 70  ? -4.122  2.748   -2.558  1.00 25.26 ? 70  GLN X CA  1 
ATOM   522  C  C   . GLN A 1 70  ? -4.607  2.705   -1.131  1.00 25.87 ? 70  GLN X C   1 
ATOM   523  O  O   . GLN A 1 70  ? -5.761  3.008   -0.841  1.00 25.73 ? 70  GLN X O   1 
ATOM   524  C  CB  . GLN A 1 70  ? -4.070  4.210   -2.995  1.00 26.66 ? 70  GLN X CB  1 
ATOM   525  C  CG  . GLN A 1 70  ? -3.177  5.131   -2.204  1.00 27.18 ? 70  GLN X CG  1 
ATOM   526  C  CD  . GLN A 1 70  ? -3.116  6.534   -2.779  1.00 26.43 ? 70  GLN X CD  1 
ATOM   527  O  OE1 . GLN A 1 70  ? -3.668  6.825   -3.832  1.00 28.59 ? 70  GLN X OE1 1 
ATOM   528  N  NE2 . GLN A 1 70  ? -2.378  7.407   -2.099  1.00 25.49 ? 70  GLN X NE2 1 
ATOM   529  N  N   . GLY A 1 71  ? -3.708  2.357   -0.225  1.00 22.60 ? 71  GLY X N   1 
ATOM   530  C  CA  . GLY A 1 71  ? -3.990  2.487   1.189   1.00 22.32 ? 71  GLY X CA  1 
ATOM   531  C  C   . GLY A 1 71  ? -2.760  2.880   1.990   1.00 22.84 ? 71  GLY X C   1 
ATOM   532  O  O   . GLY A 1 71  ? -1.823  3.498   1.462   1.00 21.79 ? 71  GLY X O   1 
ATOM   533  N  N   . GLY A 1 72  ? -2.793  2.534   3.269   1.00 21.14 ? 72  GLY X N   1 
ATOM   534  C  CA  . GLY A 1 72  ? -1.691  2.742   4.172   1.00 24.24 ? 72  GLY X CA  1 
ATOM   535  C  C   . GLY A 1 72  ? -1.753  3.998   5.014   1.00 24.98 ? 72  GLY X C   1 
ATOM   536  O  O   . GLY A 1 72  ? -0.864  4.187   5.861   1.00 26.18 ? 72  GLY X O   1 
ATOM   537  N  N   . ASP A 1 73  ? -2.773  4.854   4.797   1.00 25.72 ? 73  ASP X N   1 
ATOM   538  C  CA  . ASP A 1 73  ? -2.931  6.073   5.576   1.00 26.28 ? 73  ASP X CA  1 
ATOM   539  C  C   . ASP A 1 73  ? -3.654  5.738   6.866   1.00 30.97 ? 73  ASP X C   1 
ATOM   540  O  O   . ASP A 1 73  ? -4.882  5.940   6.976   1.00 27.44 ? 73  ASP X O   1 
ATOM   541  C  CB  . ASP A 1 73  ? -3.647  7.192   4.793   1.00 26.20 ? 73  ASP X CB  1 
ATOM   542  C  CG  . ASP A 1 73  ? -3.745  8.506   5.604   1.00 25.67 ? 73  ASP X CG  1 
ATOM   543  O  OD1 . ASP A 1 73  ? -3.255  8.539   6.782   1.00 22.20 ? 73  ASP X OD1 1 
ATOM   544  O  OD2 . ASP A 1 73  ? -4.321  9.510   5.084   1.00 24.46 ? 73  ASP X OD2 1 
ATOM   545  N  N   . PHE A 1 74  ? -2.887  5.233   7.849   1.00 30.91 ? 74  PHE X N   1 
ATOM   546  C  CA  . PHE A 1 74  ? -3.479  4.848   9.098   1.00 28.87 ? 74  PHE X CA  1 
ATOM   547  C  C   . PHE A 1 74  ? -3.562  6.013   10.112  1.00 33.24 ? 74  PHE X C   1 
ATOM   548  O  O   . PHE A 1 74  ? -3.975  5.782   11.243  1.00 37.44 ? 74  PHE X O   1 
ATOM   549  C  CB  . PHE A 1 74  ? -2.717  3.644   9.724   1.00 31.05 ? 74  PHE X CB  1 
ATOM   550  C  CG  . PHE A 1 74  ? -1.255  3.918   10.014  1.00 29.33 ? 74  PHE X CG  1 
ATOM   551  C  CD1 . PHE A 1 74  ? -0.878  4.648   11.133  1.00 29.71 ? 74  PHE X CD1 1 
ATOM   552  C  CD2 . PHE A 1 74  ? -0.257  3.434   9.156   1.00 30.09 ? 74  PHE X CD2 1 
ATOM   553  C  CE1 . PHE A 1 74  ? 0.463   4.927   11.377  1.00 28.59 ? 74  PHE X CE1 1 
ATOM   554  C  CE2 . PHE A 1 74  ? 1.065   3.737   9.391   1.00 31.26 ? 74  PHE X CE2 1 
ATOM   555  C  CZ  . PHE A 1 74  ? 1.419   4.497   10.493  1.00 27.10 ? 74  PHE X CZ  1 
ATOM   556  N  N   . THR A 1 75  ? -3.123  7.232   9.778   1.00 36.29 ? 75  THR X N   1 
ATOM   557  C  CA  . THR A 1 75  ? -3.263  8.378   10.721  1.00 36.00 ? 75  THR X CA  1 
ATOM   558  C  C   . THR A 1 75  ? -4.399  9.305   10.327  1.00 35.39 ? 75  THR X C   1 
ATOM   559  O  O   . THR A 1 75  ? -4.925  9.973   11.133  1.00 31.64 ? 75  THR X O   1 
ATOM   560  C  CB  . THR A 1 75  ? -1.978  9.227   10.856  1.00 32.00 ? 75  THR X CB  1 
ATOM   561  O  OG1 . THR A 1 75  ? -1.675  9.844   9.602   1.00 32.83 ? 75  THR X OG1 1 
ATOM   562  C  CG2 . THR A 1 75  ? -0.813  8.369   11.397  1.00 32.33 ? 75  THR X CG2 1 
ATOM   563  N  N   . ARG A 1 76  ? -4.769  9.367   9.082   1.00 37.07 ? 76  ARG X N   1 
ATOM   564  C  CA  . ARG A 1 76  ? -5.887  10.221  8.688   1.00 37.20 ? 76  ARG X CA  1 
ATOM   565  C  C   . ARG A 1 76  ? -6.861  9.550   7.764   1.00 38.18 ? 76  ARG X C   1 
ATOM   566  O  O   . ARG A 1 76  ? -7.874  10.137  7.448   1.00 44.77 ? 76  ARG X O   1 
ATOM   567  C  CB  . ARG A 1 76  ? -5.339  11.454  8.013   1.00 40.59 ? 76  ARG X CB  1 
ATOM   568  C  CG  . ARG A 1 76  ? -4.576  12.354  8.959   1.00 46.12 ? 76  ARG X CG  1 
ATOM   569  C  CD  . ARG A 1 76  ? -4.030  13.516  8.171   1.00 58.05 ? 76  ARG X CD  1 
ATOM   570  N  NE  . ARG A 1 76  ? -2.926  14.202  8.843   1.00 72.01 ? 76  ARG X NE  1 
ATOM   571  C  CZ  . ARG A 1 76  ? -2.346  15.321  8.396   1.00 74.10 ? 76  ARG X CZ  1 
ATOM   572  N  NH1 . ARG A 1 76  ? -2.746  15.928  7.271   1.00 73.84 ? 76  ARG X NH1 1 
ATOM   573  N  NH2 . ARG A 1 76  ? -1.360  15.856  9.098   1.00 75.59 ? 76  ARG X NH2 1 
ATOM   574  N  N   . GLY A 1 77  ? -6.591  8.342   7.278   1.00 37.50 ? 77  GLY X N   1 
ATOM   575  C  CA  . GLY A 1 77  ? -7.590  7.662   6.487   1.00 34.72 ? 77  GLY X CA  1 
ATOM   576  C  C   . GLY A 1 77  ? -7.947  8.336   5.176   1.00 38.21 ? 77  GLY X C   1 
ATOM   577  O  O   . GLY A 1 77  ? -8.862  7.903   4.575   1.00 41.03 ? 77  GLY X O   1 
ATOM   578  N  N   . ASN A 1 78  ? -7.233  9.356   4.699   1.00 35.24 ? 78  ASN X N   1 
ATOM   579  C  CA  . ASN A 1 78  ? -7.644  10.063  3.466   1.00 37.33 ? 78  ASN X CA  1 
ATOM   580  C  C   . ASN A 1 78  ? -6.601  10.370  2.442   1.00 36.90 ? 78  ASN X C   1 
ATOM   581  O  O   . ASN A 1 78  ? -6.922  11.005  1.422   1.00 31.45 ? 78  ASN X O   1 
ATOM   582  C  CB  . ASN A 1 78  ? -8.303  11.396  3.778   1.00 35.35 ? 78  ASN X CB  1 
ATOM   583  C  CG  . ASN A 1 78  ? -7.431  12.343  4.568   1.00 39.40 ? 78  ASN X CG  1 
ATOM   584  O  OD1 . ASN A 1 78  ? -6.236  12.177  4.836   1.00 38.54 ? 78  ASN X OD1 1 
ATOM   585  N  ND2 . ASN A 1 78  ? -8.070  13.362  4.980   1.00 42.43 ? 78  ASN X ND2 1 
ATOM   586  N  N   . GLY A 1 79  ? -5.350  10.000  2.708   1.00 35.84 ? 79  GLY X N   1 
ATOM   587  C  CA  . GLY A 1 79  ? -4.306  10.241  1.727   1.00 33.15 ? 79  GLY X CA  1 
ATOM   588  C  C   . GLY A 1 79  ? -3.381  11.307  2.163   1.00 31.58 ? 79  GLY X C   1 
ATOM   589  O  O   . GLY A 1 79  ? -2.279  11.438  1.581   1.00 30.16 ? 79  GLY X O   1 
ATOM   590  N  N   . THR A 1 80  ? -3.773  12.065  3.191   1.00 29.16 ? 80  THR X N   1 
ATOM   591  C  CA  . THR A 1 80  ? -2.898  13.132  3.690   1.00 32.56 ? 80  THR X CA  1 
ATOM   592  C  C   . THR A 1 80  ? -1.965  12.682  4.814   1.00 29.49 ? 80  THR X C   1 
ATOM   593  O  O   . THR A 1 80  ? -1.027  13.378  5.086   1.00 36.00 ? 80  THR X O   1 
ATOM   594  C  CB  . THR A 1 80  ? -3.696  14.357  4.180   1.00 34.87 ? 80  THR X CB  1 
ATOM   595  O  OG1 . THR A 1 80  ? -4.631  13.966  5.243   1.00 35.31 ? 80  THR X OG1 1 
ATOM   596  C  CG2 . THR A 1 80  ? -4.387  15.022  2.965   1.00 33.64 ? 80  THR X CG2 1 
ATOM   597  N  N   . GLY A 1 81  ? -2.177  11.513  5.404   1.00 26.87 ? 81  GLY X N   1 
ATOM   598  C  CA  . GLY A 1 81  ? -1.402  11.092  6.619   1.00 25.42 ? 81  GLY X CA  1 
ATOM   599  C  C   . GLY A 1 81  ? -0.443  9.944   6.386   1.00 27.70 ? 81  GLY X C   1 
ATOM   600  O  O   . GLY A 1 81  ? 0.002   9.731   5.295   1.00 27.63 ? 81  GLY X O   1 
ATOM   601  N  N   . GLY A 1 82  ? -0.151  9.169   7.421   1.00 29.30 ? 82  GLY X N   1 
ATOM   602  C  CA  . GLY A 1 82  ? 0.731   8.037   7.295   1.00 29.40 ? 82  GLY X CA  1 
ATOM   603  C  C   . GLY A 1 82  ? 2.125   8.421   7.743   1.00 28.74 ? 82  GLY X C   1 
ATOM   604  O  O   . GLY A 1 82  ? 2.521   9.551   7.623   1.00 26.19 ? 82  GLY X O   1 
ATOM   605  N  N   . GLU A 1 83  ? 2.859   7.479   8.292   1.00 27.15 ? 83  GLU X N   1 
ATOM   606  C  CA  . GLU A 1 83  ? 4.224   7.735   8.674   1.00 26.20 ? 83  GLU X CA  1 
ATOM   607  C  C   . GLU A 1 83  ? 5.003   6.432   8.663   1.00 23.41 ? 83  GLU X C   1 
ATOM   608  O  O   . GLU A 1 83  ? 4.422   5.381   8.798   1.00 21.04 ? 83  GLU X O   1 
ATOM   609  C  CB  . GLU A 1 83  ? 4.245   8.434   10.033  1.00 27.52 ? 83  GLU X CB  1 
ATOM   610  C  CG  . GLU A 1 83  ? 4.136   7.530   11.220  1.00 29.79 ? 83  GLU X CG  1 
ATOM   611  C  CD  . GLU A 1 83  ? 4.255   8.238   12.589  1.00 30.48 ? 83  GLU X CD  1 
ATOM   612  O  OE1 . GLU A 1 83  ? 5.350   8.393   13.205  1.00 26.88 ? 83  GLU X OE1 1 
ATOM   613  O  OE2 . GLU A 1 83  ? 3.192   8.528   13.097  1.00 29.54 ? 83  GLU X OE2 1 
ATOM   614  N  N   . SER A 1 84  ? 6.323   6.520   8.516   1.00 20.77 ? 84  SER X N   1 
ATOM   615  C  CA  . SER A 1 84  ? 7.173   5.342   8.439   1.00 21.75 ? 84  SER X CA  1 
ATOM   616  C  C   . SER A 1 84  ? 7.661   4.989   9.823   1.00 20.52 ? 84  SER X C   1 
ATOM   617  O  O   . SER A 1 84  ? 7.654   5.822   10.699  1.00 21.92 ? 84  SER X O   1 
ATOM   618  C  CB  . SER A 1 84  ? 8.414   5.573   7.536   1.00 23.78 ? 84  SER X CB  1 
ATOM   619  O  OG  . SER A 1 84  ? 9.407   6.387   8.143   1.00 25.11 ? 84  SER X OG  1 
ATOM   620  N  N   . ILE A 1 85  ? 8.143   3.772   9.962   1.00 21.14 ? 85  ILE X N   1 
ATOM   621  C  CA  . ILE A 1 85  ? 8.841   3.343   11.162  1.00 23.27 ? 85  ILE X CA  1 
ATOM   622  C  C   . ILE A 1 85  ? 10.159  4.082   11.341  1.00 25.19 ? 85  ILE X C   1 
ATOM   623  O  O   . ILE A 1 85  ? 10.768  3.984   12.382  1.00 25.08 ? 85  ILE X O   1 
ATOM   624  C  CB  . ILE A 1 85  ? 9.108   1.826   11.220  1.00 25.74 ? 85  ILE X CB  1 
ATOM   625  C  CG1 . ILE A 1 85  ? 10.107  1.336   10.147  1.00 28.12 ? 85  ILE X CG1 1 
ATOM   626  C  CG2 . ILE A 1 85  ? 7.807   1.067   11.176  1.00 26.64 ? 85  ILE X CG2 1 
ATOM   627  C  CD1 . ILE A 1 85  ? 10.548  -0.109  10.244  1.00 26.56 ? 85  ILE X CD1 1 
ATOM   628  N  N   . TYR A 1 86  ? 10.598  4.861   10.353  1.00 26.92 ? 86  TYR X N   1 
ATOM   629  C  CA  . TYR A 1 86  ? 11.878  5.529   10.503  1.00 26.27 ? 86  TYR X CA  1 
ATOM   630  C  C   . TYR A 1 86  ? 11.715  6.947   11.043  1.00 27.29 ? 86  TYR X C   1 
ATOM   631  O  O   . TYR A 1 86  ? 12.704  7.558   11.297  1.00 23.88 ? 86  TYR X O   1 
ATOM   632  C  CB  . TYR A 1 86  ? 12.662  5.498   9.176   1.00 24.59 ? 86  TYR X CB  1 
ATOM   633  C  CG  . TYR A 1 86  ? 12.782  4.084   8.606   1.00 24.85 ? 86  TYR X CG  1 
ATOM   634  C  CD1 . TYR A 1 86  ? 13.536  3.112   9.257   1.00 23.39 ? 86  TYR X CD1 1 
ATOM   635  C  CD2 . TYR A 1 86  ? 12.101  3.709   7.441   1.00 22.28 ? 86  TYR X CD2 1 
ATOM   636  C  CE1 . TYR A 1 86  ? 13.635  1.836   8.738   1.00 24.75 ? 86  TYR X CE1 1 
ATOM   637  C  CE2 . TYR A 1 86  ? 12.209  2.424   6.910   1.00 24.14 ? 86  TYR X CE2 1 
ATOM   638  C  CZ  . TYR A 1 86  ? 12.962  1.491   7.582   1.00 23.20 ? 86  TYR X CZ  1 
ATOM   639  O  OH  . TYR A 1 86  ? 13.040  0.232   7.095   1.00 23.98 ? 86  TYR X OH  1 
ATOM   640  N  N   . GLY A 1 87  ? 10.487  7.449   11.214  1.00 26.15 ? 87  GLY X N   1 
ATOM   641  C  CA  . GLY A 1 87  ? 10.216  8.849   11.579  1.00 25.18 ? 87  GLY X CA  1 
ATOM   642  C  C   . GLY A 1 87  ? 9.768   9.592   10.342  1.00 26.75 ? 87  GLY X C   1 
ATOM   643  O  O   . GLY A 1 87  ? 10.534  9.854   9.448   1.00 27.20 ? 87  GLY X O   1 
ATOM   644  N  N   . ALA A 1 88  ? 8.532   9.985   10.322  1.00 25.28 ? 88  ALA X N   1 
ATOM   645  C  CA  . ALA A 1 88  ? 7.895   10.666  9.184   1.00 26.62 ? 88  ALA X CA  1 
ATOM   646  C  C   . ALA A 1 88  ? 8.207   9.985   7.859   1.00 25.52 ? 88  ALA X C   1 
ATOM   647  O  O   . ALA A 1 88  ? 7.808   8.844   7.664   1.00 32.61 ? 88  ALA X O   1 
ATOM   648  C  CB  . ALA A 1 88  ? 8.184   12.187  9.212   1.00 28.70 ? 88  ALA X CB  1 
ATOM   649  N  N   . LYS A 1 89  ? 8.937   10.645  6.963   1.00 24.50 ? 89  LYS X N   1 
ATOM   650  C  CA  . LYS A 1 89  ? 9.248   10.134  5.680   1.00 23.98 ? 89  LYS X CA  1 
ATOM   651  C  C   . LYS A 1 89  ? 10.676  9.649   5.573   1.00 24.22 ? 89  LYS X C   1 
ATOM   652  O  O   . LYS A 1 89  ? 11.569  10.192  6.217   1.00 26.62 ? 89  LYS X O   1 
ATOM   653  C  CB  . LYS A 1 89  ? 9.035   11.184  4.573   1.00 25.81 ? 89  LYS X CB  1 
ATOM   654  C  CG  . LYS A 1 89  ? 7.690   11.883  4.522   1.00 24.80 ? 89  LYS X CG  1 
ATOM   655  C  CD  . LYS A 1 89  ? 6.496   10.988  4.828   1.00 27.08 ? 89  LYS X CD  1 
ATOM   656  C  CE  . LYS A 1 89  ? 5.171   11.633  4.454   1.00 25.50 ? 89  LYS X CE  1 
ATOM   657  N  NZ  . LYS A 1 89  ? 4.743   12.516  5.505   1.00 26.93 ? 89  LYS X NZ  1 
ATOM   658  N  N   . PHE A 1 90  ? 10.884  8.666   4.690   1.00 22.02 ? 90  PHE X N   1 
ATOM   659  C  CA  . PHE A 1 90  ? 12.221  8.165   4.401   1.00 22.33 ? 90  PHE X CA  1 
ATOM   660  C  C   . PHE A 1 90  ? 12.577  8.290   2.916   1.00 21.05 ? 90  PHE X C   1 
ATOM   661  O  O   . PHE A 1 90  ? 11.747  8.477   2.028   1.00 20.97 ? 90  PHE X O   1 
ATOM   662  C  CB  . PHE A 1 90  ? 12.500  6.744   5.022   1.00 22.41 ? 90  PHE X CB  1 
ATOM   663  C  CG  . PHE A 1 90  ? 11.682  5.643   4.437   1.00 22.12 ? 90  PHE X CG  1 
ATOM   664  C  CD1 . PHE A 1 90  ? 10.344  5.523   4.741   1.00 22.20 ? 90  PHE X CD1 1 
ATOM   665  C  CD2 . PHE A 1 90  ? 12.248  4.726   3.550   1.00 23.13 ? 90  PHE X CD2 1 
ATOM   666  C  CE1 . PHE A 1 90  ? 9.560   4.525   4.167   1.00 23.97 ? 90  PHE X CE1 1 
ATOM   667  C  CE2 . PHE A 1 90  ? 11.472  3.699   2.973   1.00 26.01 ? 90  PHE X CE2 1 
ATOM   668  C  CZ  . PHE A 1 90  ? 10.114  3.584   3.297   1.00 23.13 ? 90  PHE X CZ  1 
ATOM   669  N  N   . GLN A 1 91  ? 13.874  8.237   2.702   1.00 23.10 ? 91  GLN X N   1 
ATOM   670  C  CA  . GLN A 1 91  ? 14.509  8.345   1.398   1.00 26.86 ? 91  GLN X CA  1 
ATOM   671  C  C   . GLN A 1 91  ? 14.025  7.222   0.393   1.00 26.76 ? 91  GLN X C   1 
ATOM   672  O  O   . GLN A 1 91  ? 13.744  6.112   0.816   1.00 27.02 ? 91  GLN X O   1 
ATOM   673  C  CB  . GLN A 1 91  ? 16.032  8.256   1.681   1.00 29.55 ? 91  GLN X CB  1 
ATOM   674  C  CG  . GLN A 1 91  ? 16.874  8.573   0.496   1.00 34.06 ? 91  GLN X CG  1 
ATOM   675  C  CD  . GLN A 1 91  ? 18.375  8.393   0.762   1.00 40.83 ? 91  GLN X CD  1 
ATOM   676  O  OE1 . GLN A 1 91  ? 18.841  7.385   1.366   1.00 39.45 ? 91  GLN X OE1 1 
ATOM   677  N  NE2 . GLN A 1 91  ? 19.168  9.359   0.259   1.00 39.62 ? 91  GLN X NE2 1 
ATOM   678  N  N   . ASP A 1 92  ? 13.863  7.543   -0.894  1.00 24.46 ? 92  ASP X N   1 
ATOM   679  C  CA  . ASP A 1 92  ? 13.698  6.530   -1.938  1.00 22.49 ? 92  ASP X CA  1 
ATOM   680  C  C   . ASP A 1 92  ? 14.889  5.607   -1.965  1.00 23.71 ? 92  ASP X C   1 
ATOM   681  O  O   . ASP A 1 92  ? 16.022  6.073   -2.153  1.00 26.84 ? 92  ASP X O   1 
ATOM   682  C  CB  . ASP A 1 92  ? 13.554  7.191   -3.292  1.00 21.84 ? 92  ASP X CB  1 
ATOM   683  C  CG  . ASP A 1 92  ? 12.303  7.931   -3.426  1.00 21.09 ? 92  ASP X CG  1 
ATOM   684  O  OD1 . ASP A 1 92  ? 11.258  7.437   -2.959  1.00 22.61 ? 92  ASP X OD1 1 
ATOM   685  O  OD2 . ASP A 1 92  ? 12.337  9.068   -3.918  1.00 22.88 ? 92  ASP X OD2 1 
ATOM   686  N  N   . GLU A 1 93  ? 14.678  4.329   -1.687  1.00 24.57 ? 93  GLU X N   1 
ATOM   687  C  CA  . GLU A 1 93  ? 15.791  3.361   -1.440  1.00 24.35 ? 93  GLU X CA  1 
ATOM   688  C  C   . GLU A 1 93  ? 16.563  3.096   -2.739  1.00 25.59 ? 93  GLU X C   1 
ATOM   689  O  O   . GLU A 1 93  ? 17.748  3.333   -2.798  1.00 25.11 ? 93  GLU X O   1 
ATOM   690  C  CB  . GLU A 1 93  ? 15.241  2.069   -0.897  1.00 23.34 ? 93  GLU X CB  1 
ATOM   691  C  CG  . GLU A 1 93  ? 16.303  1.065   -0.529  1.00 23.23 ? 93  GLU X CG  1 
ATOM   692  C  CD  . GLU A 1 93  ? 15.734  -0.065  0.287   1.00 25.63 ? 93  GLU X CD  1 
ATOM   693  O  OE1 . GLU A 1 93  ? 14.454  -0.195  0.377   1.00 24.20 ? 93  GLU X OE1 1 
ATOM   694  O  OE2 . GLU A 1 93  ? 16.571  -0.793  0.880   1.00 23.70 ? 93  GLU X OE2 1 
ATOM   695  N  N   . ASN A 1 94  ? 15.855  2.677   -3.776  1.00 25.00 ? 94  ASN X N   1 
ATOM   696  C  CA  . ASN A 1 94  ? 16.365  2.606   -5.135  1.00 25.91 ? 94  ASN X CA  1 
ATOM   697  C  C   . ASN A 1 94  ? 15.192  2.464   -6.077  1.00 26.09 ? 94  ASN X C   1 
ATOM   698  O  O   . ASN A 1 94  ? 14.029  2.243   -5.618  1.00 25.11 ? 94  ASN X O   1 
ATOM   699  C  CB  . ASN A 1 94  ? 17.341  1.412   -5.343  1.00 23.55 ? 94  ASN X CB  1 
ATOM   700  C  CG  . ASN A 1 94  ? 16.693  0.062   -5.070  1.00 25.49 ? 94  ASN X CG  1 
ATOM   701  O  OD1 . ASN A 1 94  ? 15.735  -0.365  -5.750  1.00 24.77 ? 94  ASN X OD1 1 
ATOM   702  N  ND2 . ASN A 1 94  ? 17.197  -0.621  -4.051  1.00 24.05 ? 94  ASN X ND2 1 
ATOM   703  N  N   . PHE A 1 95  ? 15.500  2.545   -7.375  1.00 24.23 ? 95  PHE X N   1 
ATOM   704  C  CA  . PHE A 1 95  ? 14.489  2.333   -8.440  1.00 25.17 ? 95  PHE X CA  1 
ATOM   705  C  C   . PHE A 1 95  ? 14.874  1.120   -9.324  1.00 27.59 ? 95  PHE X C   1 
ATOM   706  O  O   . PHE A 1 95  ? 14.685  1.105   -10.511 1.00 25.11 ? 95  PHE X O   1 
ATOM   707  C  CB  . PHE A 1 95  ? 14.269  3.635   -9.220  1.00 22.84 ? 95  PHE X CB  1 
ATOM   708  C  CG  . PHE A 1 95  ? 13.675  4.743   -8.364  1.00 23.90 ? 95  PHE X CG  1 
ATOM   709  C  CD1 . PHE A 1 95  ? 12.339  4.676   -7.895  1.00 23.63 ? 95  PHE X CD1 1 
ATOM   710  C  CD2 . PHE A 1 95  ? 14.469  5.802   -7.927  1.00 23.31 ? 95  PHE X CD2 1 
ATOM   711  C  CE1 . PHE A 1 95  ? 11.824  5.663   -7.075  1.00 25.53 ? 95  PHE X CE1 1 
ATOM   712  C  CE2 . PHE A 1 95  ? 13.923  6.820   -7.113  1.00 24.78 ? 95  PHE X CE2 1 
ATOM   713  C  CZ  . PHE A 1 95  ? 12.625  6.729   -6.659  1.00 24.51 ? 95  PHE X CZ  1 
ATOM   714  N  N   . LYS A 1 96  ? 15.408  0.082   -8.715  1.00 26.71 ? 96  LYS X N   1 
ATOM   715  C  CA  . LYS A 1 96  ? 15.844  -1.078  -9.489  1.00 28.35 ? 96  LYS X CA  1 
ATOM   716  C  C   . LYS A 1 96  ? 14.693  -1.809  -10.144 1.00 27.46 ? 96  LYS X C   1 
ATOM   717  O  O   . LYS A 1 96  ? 14.801  -2.262  -11.291 1.00 29.11 ? 96  LYS X O   1 
ATOM   718  C  CB  . LYS A 1 96  ? 16.623  -2.065  -8.577  1.00 27.73 ? 96  LYS X CB  1 
ATOM   719  C  CG  . LYS A 1 96  ? 17.958  -1.468  -8.224  1.00 27.43 ? 96  LYS X CG  1 
ATOM   720  C  CD  . LYS A 1 96  ? 18.714  -2.316  -7.229  1.00 30.65 ? 96  LYS X CD  1 
ATOM   721  C  CE  . LYS A 1 96  ? 20.099  -1.685  -7.049  1.00 30.72 ? 96  LYS X CE  1 
ATOM   722  N  NZ  . LYS A 1 96  ? 20.880  -2.457  -6.029  1.00 32.21 ? 96  LYS X NZ  1 
ATOM   723  N  N   . LEU A 1 97  ? 13.589  -1.944  -9.413  1.00 24.98 ? 97  LEU X N   1 
ATOM   724  C  CA  . LEU A 1 97  ? 12.435  -2.633  -9.924  1.00 23.11 ? 97  LEU X CA  1 
ATOM   725  C  C   . LEU A 1 97  ? 11.414  -1.666  -10.551 1.00 22.83 ? 97  LEU X C   1 
ATOM   726  O  O   . LEU A 1 97  ? 11.216  -0.501  -10.118 1.00 21.96 ? 97  LEU X O   1 
ATOM   727  C  CB  . LEU A 1 97  ? 11.823  -3.513  -8.841  1.00 22.91 ? 97  LEU X CB  1 
ATOM   728  C  CG  . LEU A 1 97  ? 12.803  -4.428  -8.064  1.00 24.74 ? 97  LEU X CG  1 
ATOM   729  C  CD1 . LEU A 1 97  ? 12.007  -5.154  -7.037  1.00 24.02 ? 97  LEU X CD1 1 
ATOM   730  C  CD2 . LEU A 1 97  ? 13.618  -5.402  -8.934  1.00 27.29 ? 97  LEU X CD2 1 
ATOM   731  N  N   . LYS A 1 98  ? 10.694  -2.224  -11.512 1.00 22.56 ? 98  LYS X N   1 
ATOM   732  C  CA  . LYS A 1 98  ? 9.763   -1.495  -12.348 1.00 24.62 ? 98  LYS X CA  1 
ATOM   733  C  C   . LYS A 1 98  ? 8.352   -1.987  -12.061 1.00 23.65 ? 98  LYS X C   1 
ATOM   734  O  O   . LYS A 1 98  ? 8.154   -3.000  -11.397 1.00 21.27 ? 98  LYS X O   1 
ATOM   735  C  CB  . LYS A 1 98  ? 10.052  -1.732  -13.830 1.00 29.23 ? 98  LYS X CB  1 
ATOM   736  C  CG  . LYS A 1 98  ? 11.201  -0.982  -14.475 1.00 35.21 ? 98  LYS X CG  1 
ATOM   737  C  CD  . LYS A 1 98  ? 12.162  -0.374  -13.502 1.00 41.50 ? 98  LYS X CD  1 
ATOM   738  C  CE  . LYS A 1 98  ? 13.238  0.467   -14.208 1.00 43.14 ? 98  LYS X CE  1 
ATOM   739  N  NZ  . LYS A 1 98  ? 14.527  0.149   -13.517 1.00 43.34 ? 98  LYS X NZ  1 
ATOM   740  N  N   . HIS A 1 99  ? 7.398   -1.211  -12.583 1.00 25.00 ? 99  HIS X N   1 
ATOM   741  C  CA  . HIS A 1 99  ? 5.964   -1.456  -12.457 1.00 26.90 ? 99  HIS X CA  1 
ATOM   742  C  C   . HIS A 1 99  ? 5.570   -2.329  -13.635 1.00 29.24 ? 99  HIS X C   1 
ATOM   743  O  O   . HIS A 1 99  ? 5.174   -1.845  -14.715 1.00 29.27 ? 99  HIS X O   1 
ATOM   744  C  CB  . HIS A 1 99  ? 5.202   -0.123  -12.466 1.00 25.17 ? 99  HIS X CB  1 
ATOM   745  C  CG  . HIS A 1 99  ? 5.533   0.778   -11.312 1.00 24.28 ? 99  HIS X CG  1 
ATOM   746  N  ND1 . HIS A 1 99  ? 6.642   1.585   -11.293 1.00 27.80 ? 99  HIS X ND1 1 
ATOM   747  C  CD2 . HIS A 1 99  ? 4.916   0.967   -10.127 1.00 25.07 ? 99  HIS X CD2 1 
ATOM   748  C  CE1 . HIS A 1 99  ? 6.687   2.246   -10.152 1.00 25.53 ? 99  HIS X CE1 1 
ATOM   749  N  NE2 . HIS A 1 99  ? 5.639   1.901   -9.438  1.00 23.99 ? 99  HIS X NE2 1 
ATOM   750  N  N   . THR A 1 100 ? 5.756   -3.626  -13.418 1.00 27.71 ? 100 THR X N   1 
ATOM   751  C  CA  . THR A 1 100 ? 5.771   -4.589  -14.514 1.00 25.61 ? 100 THR X CA  1 
ATOM   752  C  C   . THR A 1 100 ? 4.451   -5.268  -14.697 1.00 26.24 ? 100 THR X C   1 
ATOM   753  O  O   . THR A 1 100 ? 4.333   -5.966  -15.649 1.00 29.37 ? 100 THR X O   1 
ATOM   754  C  CB  . THR A 1 100 ? 6.900   -5.635  -14.368 1.00 26.18 ? 100 THR X CB  1 
ATOM   755  O  OG1 . THR A 1 100 ? 6.855   -6.144  -13.065 1.00 23.61 ? 100 THR X OG1 1 
ATOM   756  C  CG2 . THR A 1 100 ? 8.268   -5.042  -14.626 1.00 24.78 ? 100 THR X CG2 1 
ATOM   757  N  N   . GLY A 1 101 ? 3.443   -5.047  -13.850 1.00 26.68 ? 101 GLY X N   1 
ATOM   758  C  CA  . GLY A 1 101 ? 2.194   -5.729  -14.096 1.00 27.74 ? 101 GLY X CA  1 
ATOM   759  C  C   . GLY A 1 101 ? 1.311   -5.805  -12.897 1.00 27.03 ? 101 GLY X C   1 
ATOM   760  O  O   . GLY A 1 101 ? 1.682   -5.357  -11.832 1.00 31.33 ? 101 GLY X O   1 
ATOM   761  N  N   . PRO A 1 102 ? 0.120   -6.372  -13.060 1.00 28.03 ? 102 PRO X N   1 
ATOM   762  C  CA  . PRO A 1 102 ? -0.828  -6.534  -11.953 1.00 28.10 ? 102 PRO X CA  1 
ATOM   763  C  C   . PRO A 1 102 ? -0.186  -7.139  -10.701 1.00 31.50 ? 102 PRO X C   1 
ATOM   764  O  O   . PRO A 1 102 ? 0.642   -8.024  -10.845 1.00 30.51 ? 102 PRO X O   1 
ATOM   765  C  CB  . PRO A 1 102 ? -1.847  -7.536  -12.525 1.00 32.54 ? 102 PRO X CB  1 
ATOM   766  C  CG  . PRO A 1 102 ? -1.799  -7.288  -13.986 1.00 32.81 ? 102 PRO X CG  1 
ATOM   767  C  CD  . PRO A 1 102 ? -0.340  -7.056  -14.282 1.00 32.55 ? 102 PRO X CD  1 
ATOM   768  N  N   . GLY A 1 103 ? -0.590  -6.750  -9.495  1.00 29.47 ? 103 GLY X N   1 
ATOM   769  C  CA  . GLY A 1 103 ? -0.048  -7.372  -8.263  1.00 27.48 ? 103 GLY X CA  1 
ATOM   770  C  C   . GLY A 1 103 ? 1.180   -6.679  -7.660  1.00 25.72 ? 103 GLY X C   1 
ATOM   771  O  O   . GLY A 1 103 ? 1.485   -6.887  -6.493  1.00 27.05 ? 103 GLY X O   1 
ATOM   772  N  N   . ILE A 1 104 ? 1.890   -5.885  -8.442  1.00 24.81 ? 104 ILE X N   1 
ATOM   773  C  CA  . ILE A 1 104 ? 3.033   -5.167  -7.942  1.00 27.98 ? 104 ILE X CA  1 
ATOM   774  C  C   . ILE A 1 104 ? 2.658   -4.217  -6.774  1.00 27.15 ? 104 ILE X C   1 
ATOM   775  O  O   . ILE A 1 104 ? 1.710   -3.479  -6.874  1.00 24.74 ? 104 ILE X O   1 
ATOM   776  C  CB  . ILE A 1 104 ? 3.692   -4.385  -9.094  1.00 28.99 ? 104 ILE X CB  1 
ATOM   777  C  CG1 . ILE A 1 104 ? 4.315   -5.342  -10.092 1.00 27.82 ? 104 ILE X CG1 1 
ATOM   778  C  CG2 . ILE A 1 104 ? 4.755   -3.374  -8.592  1.00 28.02 ? 104 ILE X CG2 1 
ATOM   779  C  CD1 . ILE A 1 104 ? 5.586   -6.017  -9.584  1.00 28.08 ? 104 ILE X CD1 1 
ATOM   780  N  N   . LEU A 1 105 ? 3.406   -4.284  -5.665  1.00 27.22 ? 105 LEU X N   1 
ATOM   781  C  CA  . LEU A 1 105 ? 3.342   -3.304  -4.571  1.00 26.96 ? 105 LEU X CA  1 
ATOM   782  C  C   . LEU A 1 105 ? 4.364   -2.236  -4.810  1.00 25.60 ? 105 LEU X C   1 
ATOM   783  O  O   . LEU A 1 105 ? 5.551   -2.534  -5.087  1.00 26.52 ? 105 LEU X O   1 
ATOM   784  C  CB  . LEU A 1 105 ? 3.740   -3.880  -3.251  1.00 29.24 ? 105 LEU X CB  1 
ATOM   785  C  CG  . LEU A 1 105 ? 2.663   -4.452  -2.396  1.00 34.93 ? 105 LEU X CG  1 
ATOM   786  C  CD1 . LEU A 1 105 ? 1.671   -5.217  -3.225  1.00 40.63 ? 105 LEU X CD1 1 
ATOM   787  C  CD2 . LEU A 1 105 ? 3.370   -5.389  -1.421  1.00 38.26 ? 105 LEU X CD2 1 
ATOM   788  N  N   . SER A 1 106 ? 3.924   -0.988  -4.657  1.00 23.03 ? 106 SER X N   1 
ATOM   789  C  CA  . SER A 1 106 ? 4.845   0.151   -4.810  1.00 24.48 ? 106 SER X CA  1 
ATOM   790  C  C   . SER A 1 106 ? 4.443   1.264   -3.807  1.00 23.33 ? 106 SER X C   1 
ATOM   791  O  O   . SER A 1 106 ? 3.309   1.309   -3.302  1.00 22.60 ? 106 SER X O   1 
ATOM   792  C  CB  . SER A 1 106 ? 4.811   0.576   -6.290  1.00 23.66 ? 106 SER X CB  1 
ATOM   793  O  OG  . SER A 1 106 ? 5.565   1.689   -6.533  1.00 23.27 ? 106 SER X OG  1 
ATOM   794  N  N   . MET A 1 107 ? 5.394   2.128   -3.523  1.00 21.56 ? 107 MET X N   1 
ATOM   795  C  CA  . MET A 1 107 ? 5.216   3.210   -2.535  1.00 22.35 ? 107 MET X CA  1 
ATOM   796  C  C   . MET A 1 107 ? 4.514   4.409   -3.169  1.00 20.63 ? 107 MET X C   1 
ATOM   797  O  O   . MET A 1 107 ? 4.950   4.920   -4.207  1.00 22.60 ? 107 MET X O   1 
ATOM   798  C  CB  . MET A 1 107 ? 6.564   3.647   -1.953  1.00 22.65 ? 107 MET X CB  1 
ATOM   799  C  CG  . MET A 1 107 ? 7.208   2.693   -0.918  1.00 20.50 ? 107 MET X CG  1 
ATOM   800  S  SD  . MET A 1 107 ? 6.062   2.099   0.383   1.00 22.43 ? 107 MET X SD  1 
ATOM   801  C  CE  . MET A 1 107 ? 5.910   3.538   1.453   1.00 23.69 ? 107 MET X CE  1 
ATOM   802  N  N   . ALA A 1 108 ? 3.453   4.854   -2.519  1.00 20.59 ? 108 ALA X N   1 
ATOM   803  C  CA  . ALA A 1 108 ? 2.861   6.168   -2.815  1.00 24.30 ? 108 ALA X CA  1 
ATOM   804  C  C   . ALA A 1 108 ? 3.783   7.208   -2.172  1.00 23.42 ? 108 ALA X C   1 
ATOM   805  O  O   . ALA A 1 108 ? 4.416   6.942   -1.163  1.00 25.31 ? 108 ALA X O   1 
ATOM   806  C  CB  . ALA A 1 108 ? 1.427   6.264   -2.276  1.00 22.94 ? 108 ALA X CB  1 
ATOM   807  N  N   . ASN A 1 109 ? 3.898   8.375   -2.792  1.00 22.92 ? 109 ASN X N   1 
ATOM   808  C  CA  . ASN A 1 109 ? 4.664   9.499   -2.196  1.00 23.23 ? 109 ASN X CA  1 
ATOM   809  C  C   . ASN A 1 109 ? 4.060   10.921  -2.592  1.00 27.42 ? 109 ASN X C   1 
ATOM   810  O  O   . ASN A 1 109 ? 2.990   10.989  -3.166  1.00 25.35 ? 109 ASN X O   1 
ATOM   811  C  CB  . ASN A 1 109 ? 6.141   9.386   -2.575  1.00 23.89 ? 109 ASN X CB  1 
ATOM   812  C  CG  . ASN A 1 109 ? 6.332   9.430   -4.069  1.00 25.32 ? 109 ASN X CG  1 
ATOM   813  O  OD1 . ASN A 1 109 ? 5.683   10.231  -4.746  1.00 23.94 ? 109 ASN X OD1 1 
ATOM   814  N  ND2 . ASN A 1 109 ? 7.137   8.492   -4.617  1.00 25.69 ? 109 ASN X ND2 1 
ATOM   815  N  N   . SER A 1 110 ? 4.746   12.010  -2.195  1.00 27.87 ? 110 SER X N   1 
ATOM   816  C  CA  . SER A 1 110 ? 4.474   13.355  -2.610  1.00 31.80 ? 110 SER X CA  1 
ATOM   817  C  C   . SER A 1 110 ? 5.750   13.962  -3.210  1.00 29.89 ? 110 SER X C   1 
ATOM   818  O  O   . SER A 1 110 ? 6.072   15.084  -2.893  1.00 34.27 ? 110 SER X O   1 
ATOM   819  C  CB  . SER A 1 110 ? 4.043   14.153  -1.369  1.00 31.55 ? 110 SER X CB  1 
ATOM   820  O  OG  . SER A 1 110 ? 2.832   13.590  -0.909  1.00 37.17 ? 110 SER X OG  1 
ATOM   821  N  N   . GLY A 1 111 ? 6.422   13.232  -4.079  1.00 25.31 ? 111 GLY X N   1 
ATOM   822  C  CA  . GLY A 1 111 ? 7.734   13.630  -4.615  1.00 26.95 ? 111 GLY X CA  1 
ATOM   823  C  C   . GLY A 1 111 ? 8.918   12.846  -4.042  1.00 26.35 ? 111 GLY X C   1 
ATOM   824  O  O   . GLY A 1 111 ? 8.754   11.951  -3.162  1.00 28.07 ? 111 GLY X O   1 
ATOM   825  N  N   . PRO A 1 112 ? 10.133  13.207  -4.494  1.00 29.09 ? 112 PRO X N   1 
ATOM   826  C  CA  . PRO A 1 112 ? 11.339  12.542  -4.086  1.00 29.67 ? 112 PRO X CA  1 
ATOM   827  C  C   . PRO A 1 112 ? 11.468  12.466  -2.575  1.00 29.09 ? 112 PRO X C   1 
ATOM   828  O  O   . PRO A 1 112 ? 11.151  13.431  -1.872  1.00 29.81 ? 112 PRO X O   1 
ATOM   829  C  CB  . PRO A 1 112 ? 12.468  13.451  -4.643  1.00 30.03 ? 112 PRO X CB  1 
ATOM   830  C  CG  . PRO A 1 112 ? 11.882  14.036  -5.850  1.00 32.13 ? 112 PRO X CG  1 
ATOM   831  C  CD  . PRO A 1 112 ? 10.429  14.285  -5.452  1.00 30.37 ? 112 PRO X CD  1 
ATOM   832  N  N   . ASN A 1 113 ? 11.862  11.300  -2.098  1.00 28.54 ? 113 ASN X N   1 
ATOM   833  C  CA  . ASN A 1 113 ? 12.149  11.058  -0.682  1.00 26.67 ? 113 ASN X CA  1 
ATOM   834  C  C   . ASN A 1 113 ? 11.069  11.454  0.319   1.00 26.32 ? 113 ASN X C   1 
ATOM   835  O  O   . ASN A 1 113 ? 11.354  12.101  1.308   1.00 27.45 ? 113 ASN X O   1 
ATOM   836  C  CB  . ASN A 1 113 ? 13.493  11.696  -0.358  1.00 25.72 ? 113 ASN X CB  1 
ATOM   837  C  CG  . ASN A 1 113 ? 14.551  11.246  -1.344  1.00 25.71 ? 113 ASN X CG  1 
ATOM   838  O  OD1 . ASN A 1 113 ? 14.764  10.052  -1.551  1.00 25.50 ? 113 ASN X OD1 1 
ATOM   839  N  ND2 . ASN A 1 113 ? 15.115  12.156  -2.015  1.00 27.98 ? 113 ASN X ND2 1 
ATOM   840  N  N   . THR A 1 114 ? 9.859   10.987  0.056   1.00 24.69 ? 114 THR X N   1 
ATOM   841  C  CA  . THR A 1 114 ? 8.702   11.285  0.875   1.00 24.37 ? 114 THR X CA  1 
ATOM   842  C  C   . THR A 1 114 ? 7.903   10.010  1.203   1.00 25.11 ? 114 THR X C   1 
ATOM   843  O  O   . THR A 1 114 ? 6.669   10.051  1.345   1.00 23.89 ? 114 THR X O   1 
ATOM   844  C  CB  . THR A 1 114 ? 7.798   12.368  0.201   1.00 25.85 ? 114 THR X CB  1 
ATOM   845  O  OG1 . THR A 1 114 ? 7.452   11.997  -1.139  1.00 24.55 ? 114 THR X OG1 1 
ATOM   846  C  CG2 . THR A 1 114 ? 8.455   13.746  0.193   1.00 23.77 ? 114 THR X CG2 1 
ATOM   847  N  N   . ASN A 1 115 ? 8.614   8.882   1.335   1.00 23.90 ? 115 ASN X N   1 
ATOM   848  C  CA  . ASN A 1 115 ? 7.991   7.614   1.598   1.00 25.58 ? 115 ASN X CA  1 
ATOM   849  C  C   . ASN A 1 115 ? 7.545   7.620   3.037   1.00 23.98 ? 115 ASN X C   1 
ATOM   850  O  O   . ASN A 1 115 ? 8.293   7.966   3.942   1.00 23.98 ? 115 ASN X O   1 
ATOM   851  C  CB  . ASN A 1 115 ? 8.937   6.414   1.299   1.00 25.02 ? 115 ASN X CB  1 
ATOM   852  C  CG  . ASN A 1 115 ? 9.319   6.354   -0.139  1.00 23.24 ? 115 ASN X CG  1 
ATOM   853  O  OD1 . ASN A 1 115 ? 8.498   6.009   -0.973  1.00 23.22 ? 115 ASN X OD1 1 
ATOM   854  N  ND2 . ASN A 1 115 ? 10.559  6.791   -0.470  1.00 24.51 ? 115 ASN X ND2 1 
ATOM   855  N  N   . GLY A 1 116 ? 6.289   7.274   3.260   1.00 25.49 ? 116 GLY X N   1 
ATOM   856  C  CA  . GLY A 1 116 ? 5.773   7.127   4.604   1.00 22.95 ? 116 GLY X CA  1 
ATOM   857  C  C   . GLY A 1 116 ? 5.223   5.714   4.805   1.00 24.33 ? 116 GLY X C   1 
ATOM   858  O  O   . GLY A 1 116 ? 5.992   4.770   5.006   1.00 22.92 ? 116 GLY X O   1 
ATOM   859  N  N   . SER A 1 117 ? 3.892   5.597   4.868   1.00 24.36 ? 117 SER X N   1 
ATOM   860  C  CA  . SER A 1 117 ? 3.220   4.310   5.004   1.00 24.06 ? 117 SER X CA  1 
ATOM   861  C  C   . SER A 1 117 ? 2.311   3.995   3.844   1.00 24.35 ? 117 SER X C   1 
ATOM   862  O  O   . SER A 1 117 ? 1.751   2.917   3.800   1.00 27.25 ? 117 SER X O   1 
ATOM   863  C  CB  . SER A 1 117 ? 2.419   4.327   6.296   1.00 25.40 ? 117 SER X CB  1 
ATOM   864  O  OG  . SER A 1 117 ? 1.475   5.393   6.256   1.00 24.25 ? 117 SER X OG  1 
ATOM   865  N  N   . GLN A 1 118 ? 2.114   4.923   2.912   1.00 25.79 ? 118 GLN X N   1 
ATOM   866  C  CA  . GLN A 1 118 ? 1.112   4.698   1.876   1.00 25.07 ? 118 GLN X CA  1 
ATOM   867  C  C   . GLN A 1 118 ? 1.756   3.976   0.712   1.00 24.24 ? 118 GLN X C   1 
ATOM   868  O  O   . GLN A 1 118 ? 2.923   4.242   0.307   1.00 23.38 ? 118 GLN X O   1 
ATOM   869  C  CB  . GLN A 1 118 ? 0.415   5.977   1.404   1.00 24.80 ? 118 GLN X CB  1 
ATOM   870  C  CG  . GLN A 1 118 ? -0.482  6.623   2.443   1.00 23.06 ? 118 GLN X CG  1 
ATOM   871  C  CD  . GLN A 1 118 ? -1.202  7.795   1.903   1.00 23.46 ? 118 GLN X CD  1 
ATOM   872  O  OE1 . GLN A 1 118 ? -1.822  7.735   0.850   1.00 25.96 ? 118 GLN X OE1 1 
ATOM   873  N  NE2 . GLN A 1 118 ? -1.121  8.887   2.598   1.00 27.27 ? 118 GLN X NE2 1 
ATOM   874  N  N   . PHE A 1 119 ? 0.950   3.090   0.155   1.00 25.05 ? 119 PHE X N   1 
ATOM   875  C  CA  . PHE A 1 119 ? 1.382   2.169   -0.871  1.00 24.52 ? 119 PHE X CA  1 
ATOM   876  C  C   . PHE A 1 119 ? 0.227   1.944   -1.842  1.00 25.20 ? 119 PHE X C   1 
ATOM   877  O  O   . PHE A 1 119 ? -0.928  2.260   -1.534  1.00 22.90 ? 119 PHE X O   1 
ATOM   878  C  CB  . PHE A 1 119 ? 1.807   0.867   -0.213  1.00 23.96 ? 119 PHE X CB  1 
ATOM   879  C  CG  . PHE A 1 119 ? 0.664   0.148   0.435   1.00 23.02 ? 119 PHE X CG  1 
ATOM   880  C  CD1 . PHE A 1 119 ? 0.309   0.430   1.704   1.00 21.10 ? 119 PHE X CD1 1 
ATOM   881  C  CD2 . PHE A 1 119 ? -0.064  -0.786  -0.278  1.00 23.81 ? 119 PHE X CD2 1 
ATOM   882  C  CE1 . PHE A 1 119 ? -0.786  -0.214  2.302   1.00 26.12 ? 119 PHE X CE1 1 
ATOM   883  C  CE2 . PHE A 1 119 ? -1.199  -1.401  0.275   1.00 26.18 ? 119 PHE X CE2 1 
ATOM   884  C  CZ  . PHE A 1 119 ? -1.563  -1.108  1.575   1.00 25.87 ? 119 PHE X CZ  1 
ATOM   885  N  N   . PHE A 1 120 ? 0.554   1.345   -2.988  1.00 24.09 ? 120 PHE X N   1 
ATOM   886  C  CA  . PHE A 1 120 ? -0.463  0.868   -3.889  1.00 25.01 ? 120 PHE X CA  1 
ATOM   887  C  C   . PHE A 1 120 ? -0.201  -0.536  -4.394  1.00 27.52 ? 120 PHE X C   1 
ATOM   888  O  O   . PHE A 1 120 ? 0.963   -0.945  -4.508  1.00 24.03 ? 120 PHE X O   1 
ATOM   889  C  CB  . PHE A 1 120 ? -0.758  1.844   -5.043  1.00 21.89 ? 120 PHE X CB  1 
ATOM   890  C  CG  . PHE A 1 120 ? 0.424   2.166   -5.924  1.00 20.64 ? 120 PHE X CG  1 
ATOM   891  C  CD1 . PHE A 1 120 ? 1.411   3.039   -5.502  1.00 19.99 ? 120 PHE X CD1 1 
ATOM   892  C  CD2 . PHE A 1 120 ? 0.519   1.628   -7.180  1.00 22.56 ? 120 PHE X CD2 1 
ATOM   893  C  CE1 . PHE A 1 120 ? 2.478   3.400   -6.359  1.00 21.85 ? 120 PHE X CE1 1 
ATOM   894  C  CE2 . PHE A 1 120 ? 1.581   1.960   -8.036  1.00 22.37 ? 120 PHE X CE2 1 
ATOM   895  C  CZ  . PHE A 1 120 ? 2.537   2.888   -7.624  1.00 22.12 ? 120 PHE X CZ  1 
ATOM   896  N  N   . ILE A 1 121 ? -1.297  -1.274  -4.615  1.00 26.17 ? 121 ILE X N   1 
ATOM   897  C  CA  . ILE A 1 121 ? -1.258  -2.540  -5.343  1.00 27.16 ? 121 ILE X CA  1 
ATOM   898  C  C   . ILE A 1 121 ? -1.713  -2.302  -6.766  1.00 30.65 ? 121 ILE X C   1 
ATOM   899  O  O   . ILE A 1 121 ? -2.855  -1.902  -6.969  1.00 24.16 ? 121 ILE X O   1 
ATOM   900  C  CB  . ILE A 1 121 ? -2.184  -3.590  -4.695  1.00 28.90 ? 121 ILE X CB  1 
ATOM   901  C  CG1 . ILE A 1 121 ? -1.805  -3.811  -3.214  1.00 31.92 ? 121 ILE X CG1 1 
ATOM   902  C  CG2 . ILE A 1 121 ? -2.048  -4.902  -5.473  1.00 28.45 ? 121 ILE X CG2 1 
ATOM   903  C  CD1 . ILE A 1 121 ? -2.783  -4.620  -2.338  1.00 33.16 ? 121 ILE X CD1 1 
ATOM   904  N  N   . CYS A 1 122 ? -0.826  -2.482  -7.744  1.00 28.25 ? 122 CYS X N   1 
ATOM   905  C  CA  . CYS A 1 122 ? -1.239  -2.293  -9.120  1.00 28.98 ? 122 CYS X CA  1 
ATOM   906  C  C   . CYS A 1 122 ? -2.241  -3.346  -9.597  1.00 32.20 ? 122 CYS X C   1 
ATOM   907  O  O   . CYS A 1 122 ? -2.162  -4.523  -9.238  1.00 29.28 ? 122 CYS X O   1 
ATOM   908  C  CB  . CYS A 1 122 ? -0.054  -2.299  -10.102 1.00 29.42 ? 122 CYS X CB  1 
ATOM   909  S  SG  . CYS A 1 122 ? 1.292   -1.245  -9.542  1.00 30.55 ? 122 CYS X SG  1 
ATOM   910  N  N   . THR A 1 123 ? -3.163  -2.908  -10.462 1.00 37.52 ? 123 THR X N   1 
ATOM   911  C  CA  . THR A 1 123 ? -4.067  -3.832  -11.137 1.00 34.75 ? 123 THR X CA  1 
ATOM   912  C  C   . THR A 1 123 ? -3.824  -3.823  -12.610 1.00 35.43 ? 123 THR X C   1 
ATOM   913  O  O   . THR A 1 123 ? -4.642  -4.325  -13.374 1.00 33.26 ? 123 THR X O   1 
ATOM   914  C  CB  . THR A 1 123 ? -5.519  -3.550  -10.797 1.00 31.90 ? 123 THR X CB  1 
ATOM   915  O  OG1 . THR A 1 123 ? -5.850  -2.222  -11.169 1.00 30.98 ? 123 THR X OG1 1 
ATOM   916  C  CG2 . THR A 1 123 ? -5.724  -3.713  -9.329  1.00 33.88 ? 123 THR X CG2 1 
ATOM   917  N  N   . ASP A 1 124 ? -2.654  -3.334  -13.000 1.00 31.68 ? 124 ASP X N   1 
ATOM   918  C  CA  . ASP A 1 124 ? -2.258  -3.282  -14.377 1.00 32.74 ? 124 ASP X CA  1 
ATOM   919  C  C   . ASP A 1 124 ? -0.762  -2.928  -14.340 1.00 32.66 ? 124 ASP X C   1 
ATOM   920  O  O   . ASP A 1 124 ? -0.215  -2.580  -13.291 1.00 34.58 ? 124 ASP X O   1 
ATOM   921  C  CB  . ASP A 1 124 ? -3.121  -2.238  -15.150 1.00 40.56 ? 124 ASP X CB  1 
ATOM   922  C  CG  . ASP A 1 124 ? -2.897  -2.253  -16.702 1.00 45.16 ? 124 ASP X CG  1 
ATOM   923  O  OD1 . ASP A 1 124 ? -2.684  -3.320  -17.304 1.00 40.23 ? 124 ASP X OD1 1 
ATOM   924  O  OD2 . ASP A 1 124 ? -2.878  -1.164  -17.319 1.00 50.53 ? 124 ASP X OD2 1 
ATOM   925  N  N   . LYS A 1 125 ? -0.087  -3.085  -15.457 1.00 29.48 ? 125 LYS X N   1 
ATOM   926  C  CA  . LYS A 1 125 ? 1.234   -2.535  -15.642 1.00 29.12 ? 125 LYS X CA  1 
ATOM   927  C  C   . LYS A 1 125 ? 1.193   -0.996  -15.594 1.00 30.36 ? 125 LYS X C   1 
ATOM   928  O  O   . LYS A 1 125 ? 0.498   -0.383  -16.375 1.00 32.30 ? 125 LYS X O   1 
ATOM   929  C  CB  . LYS A 1 125 ? 1.767   -3.019  -16.950 1.00 29.84 ? 125 LYS X CB  1 
ATOM   930  C  CG  . LYS A 1 125 ? 3.169   -2.628  -17.196 1.00 34.29 ? 125 LYS X CG  1 
ATOM   931  C  CD  . LYS A 1 125 ? 3.700   -3.334  -18.426 1.00 39.17 ? 125 LYS X CD  1 
ATOM   932  C  CE  . LYS A 1 125 ? 4.849   -2.494  -18.990 1.00 49.99 ? 125 LYS X CE  1 
ATOM   933  N  NZ  . LYS A 1 125 ? 5.814   -3.323  -19.772 1.00 55.02 ? 125 LYS X NZ  1 
ATOM   934  N  N   . THR A 1 126 ? 1.922   -0.366  -14.663 1.00 30.87 ? 126 THR X N   1 
ATOM   935  C  CA  . THR A 1 126 ? 1.878   1.128   -14.510 1.00 28.25 ? 126 THR X CA  1 
ATOM   936  C  C   . THR A 1 126 ? 3.245   1.769   -14.766 1.00 29.48 ? 126 THR X C   1 
ATOM   937  O  O   . THR A 1 126 ? 3.800   2.506   -13.965 1.00 29.05 ? 126 THR X O   1 
ATOM   938  C  CB  . THR A 1 126 ? 1.307   1.545   -13.151 1.00 26.91 ? 126 THR X CB  1 
ATOM   939  O  OG1 . THR A 1 126 ? 2.238   1.218   -12.136 1.00 26.37 ? 126 THR X OG1 1 
ATOM   940  C  CG2 . THR A 1 126 ? -0.050  0.841   -12.804 1.00 25.16 ? 126 THR X CG2 1 
ATOM   941  N  N   . ALA A 1 127 ? 3.790   1.477   -15.919 1.00 30.25 ? 127 ALA X N   1 
ATOM   942  C  CA  . ALA A 1 127 ? 5.195   1.816   -16.206 1.00 29.81 ? 127 ALA X CA  1 
ATOM   943  C  C   . ALA A 1 127 ? 5.551   3.279   -16.228 1.00 27.03 ? 127 ALA X C   1 
ATOM   944  O  O   . ALA A 1 127 ? 6.724   3.657   -16.183 1.00 28.54 ? 127 ALA X O   1 
ATOM   945  C  CB  . ALA A 1 127 ? 5.622   1.158   -17.534 1.00 31.07 ? 127 ALA X CB  1 
ATOM   946  N  N   . TRP A 1 128 ? 4.567   4.122   -16.391 1.00 29.00 ? 128 TRP X N   1 
ATOM   947  C  CA  . TRP A 1 128 ? 4.760   5.603   -16.337 1.00 27.97 ? 128 TRP X CA  1 
ATOM   948  C  C   . TRP A 1 128 ? 5.210   6.104   -14.952 1.00 26.36 ? 128 TRP X C   1 
ATOM   949  O  O   . TRP A 1 128 ? 5.667   7.237   -14.828 1.00 27.85 ? 128 TRP X O   1 
ATOM   950  C  CB  . TRP A 1 128 ? 3.465   6.350   -16.839 1.00 27.61 ? 128 TRP X CB  1 
ATOM   951  C  CG  . TRP A 1 128 ? 2.255   6.042   -16.054 1.00 24.63 ? 128 TRP X CG  1 
ATOM   952  C  CD1 . TRP A 1 128 ? 1.779   6.750   -14.994 1.00 23.99 ? 128 TRP X CD1 1 
ATOM   953  C  CD2 . TRP A 1 128 ? 1.344   4.963   -16.264 1.00 25.13 ? 128 TRP X CD2 1 
ATOM   954  N  NE1 . TRP A 1 128 ? 0.678   6.142   -14.482 1.00 25.93 ? 128 TRP X NE1 1 
ATOM   955  C  CE2 . TRP A 1 128 ? 0.362   5.057   -15.257 1.00 24.89 ? 128 TRP X CE2 1 
ATOM   956  C  CE3 . TRP A 1 128 ? 1.249   3.935   -17.220 1.00 25.76 ? 128 TRP X CE3 1 
ATOM   957  C  CZ2 . TRP A 1 128 ? -0.717  4.156   -15.160 1.00 26.90 ? 128 TRP X CZ2 1 
ATOM   958  C  CZ3 . TRP A 1 128 ? 0.206   3.016   -17.114 1.00 27.28 ? 128 TRP X CZ3 1 
ATOM   959  C  CH2 . TRP A 1 128 ? -0.763  3.131   -16.090 1.00 27.99 ? 128 TRP X CH2 1 
ATOM   960  N  N   . LEU A 1 129 ? 5.078   5.258   -13.925 1.00 26.07 ? 129 LEU X N   1 
ATOM   961  C  CA  . LEU A 1 129 ? 5.531   5.549   -12.574 1.00 25.93 ? 129 LEU X CA  1 
ATOM   962  C  C   . LEU A 1 129 ? 6.936   5.073   -12.327 1.00 27.49 ? 129 LEU X C   1 
ATOM   963  O  O   . LEU A 1 129 ? 7.459   5.286   -11.212 1.00 26.65 ? 129 LEU X O   1 
ATOM   964  C  CB  . LEU A 1 129 ? 4.561   4.927   -11.556 1.00 26.15 ? 129 LEU X CB  1 
ATOM   965  C  CG  . LEU A 1 129 ? 3.087   5.327   -11.733 1.00 27.15 ? 129 LEU X CG  1 
ATOM   966  C  CD1 . LEU A 1 129 ? 2.171   4.658   -10.716 1.00 29.28 ? 129 LEU X CD1 1 
ATOM   967  C  CD2 . LEU A 1 129 ? 2.920   6.831   -11.647 1.00 28.45 ? 129 LEU X CD2 1 
ATOM   968  N  N   . ASP A 1 130 ? 7.588   4.456   -13.323 1.00 27.00 ? 130 ASP X N   1 
ATOM   969  C  CA  . ASP A 1 130 ? 8.914   3.838   -13.078 1.00 27.76 ? 130 ASP X CA  1 
ATOM   970  C  C   . ASP A 1 130 ? 9.910   4.925   -12.765 1.00 25.35 ? 130 ASP X C   1 
ATOM   971  O  O   . ASP A 1 130 ? 9.846   5.961   -13.335 1.00 23.24 ? 130 ASP X O   1 
ATOM   972  C  CB  . ASP A 1 130 ? 9.432   3.071   -14.290 1.00 28.09 ? 130 ASP X CB  1 
ATOM   973  C  CG  . ASP A 1 130 ? 8.653   1.788   -14.573 1.00 28.20 ? 130 ASP X CG  1 
ATOM   974  O  OD1 . ASP A 1 130 ? 7.801   1.303   -13.767 1.00 29.86 ? 130 ASP X OD1 1 
ATOM   975  O  OD2 . ASP A 1 130 ? 8.946   1.269   -15.666 1.00 28.35 ? 130 ASP X OD2 1 
ATOM   976  N  N   . GLY A 1 131 ? 10.806  4.700   -11.821 1.00 24.91 ? 131 GLY X N   1 
ATOM   977  C  CA  . GLY A 1 131 ? 11.769  5.692   -11.460 1.00 22.76 ? 131 GLY X CA  1 
ATOM   978  C  C   . GLY A 1 131 ? 11.266  6.800   -10.539 1.00 24.75 ? 131 GLY X C   1 
ATOM   979  O  O   . GLY A 1 131 ? 12.057  7.604   -10.123 1.00 22.98 ? 131 GLY X O   1 
ATOM   980  N  N   . LYS A 1 132 ? 9.972   6.833   -10.196 1.00 26.86 ? 132 LYS X N   1 
ATOM   981  C  CA  . LYS A 1 132 ? 9.386   7.795   -9.247  1.00 28.22 ? 132 LYS X CA  1 
ATOM   982  C  C   . LYS A 1 132 ? 8.765   7.180   -8.006  1.00 25.88 ? 132 LYS X C   1 
ATOM   983  O  O   . LYS A 1 132 ? 8.585   7.884   -7.000  1.00 25.26 ? 132 LYS X O   1 
ATOM   984  C  CB  . LYS A 1 132 ? 8.252   8.595   -9.905  1.00 28.25 ? 132 LYS X CB  1 
ATOM   985  C  CG  . LYS A 1 132 ? 8.687   9.320   -11.148 1.00 32.19 ? 132 LYS X CG  1 
ATOM   986  C  CD  . LYS A 1 132 ? 9.863   10.198  -10.885 1.00 38.65 ? 132 LYS X CD  1 
ATOM   987  C  CE  . LYS A 1 132 ? 9.866   11.335  -11.898 1.00 50.37 ? 132 LYS X CE  1 
ATOM   988  N  NZ  . LYS A 1 132 ? 11.244  11.851  -12.009 1.00 54.13 ? 132 LYS X NZ  1 
ATOM   989  N  N   . HIS A 1 133 ? 8.362   5.931   -8.091  1.00 22.03 ? 133 HIS X N   1 
ATOM   990  C  CA  . HIS A 1 133 ? 7.878   5.201   -6.969  1.00 22.61 ? 133 HIS X CA  1 
ATOM   991  C  C   . HIS A 1 133 ? 8.650   3.949   -6.809  1.00 22.70 ? 133 HIS X C   1 
ATOM   992  O  O   . HIS A 1 133 ? 8.826   3.218   -7.755  1.00 23.87 ? 133 HIS X O   1 
ATOM   993  C  CB  . HIS A 1 133 ? 6.416   4.863   -7.136  1.00 23.01 ? 133 HIS X CB  1 
ATOM   994  C  CG  . HIS A 1 133 ? 5.578   6.081   -7.298  1.00 27.65 ? 133 HIS X CG  1 
ATOM   995  N  ND1 . HIS A 1 133 ? 4.852   6.615   -6.260  1.00 25.12 ? 133 HIS X ND1 1 
ATOM   996  C  CD2 . HIS A 1 133 ? 5.430   6.932   -8.351  1.00 26.42 ? 133 HIS X CD2 1 
ATOM   997  C  CE1 . HIS A 1 133 ? 4.288   7.743   -6.670  1.00 26.84 ? 133 HIS X CE1 1 
ATOM   998  N  NE2 . HIS A 1 133 ? 4.654   7.978   -7.920  1.00 25.07 ? 133 HIS X NE2 1 
ATOM   999  N  N   . VAL A 1 134 ? 9.045   3.686   -5.560  1.00 22.04 ? 134 VAL X N   1 
ATOM   1000 C  CA  . VAL A 1 134 ? 9.778   2.477   -5.227  1.00 21.39 ? 134 VAL X CA  1 
ATOM   1001 C  C   . VAL A 1 134 ? 8.918   1.197   -5.200  1.00 21.44 ? 134 VAL X C   1 
ATOM   1002 O  O   . VAL A 1 134 ? 8.007   1.026   -4.363  1.00 22.54 ? 134 VAL X O   1 
ATOM   1003 C  CB  . VAL A 1 134 ? 10.574  2.659   -3.881  1.00 21.44 ? 134 VAL X CB  1 
ATOM   1004 C  CG1 . VAL A 1 134 ? 11.244  1.351   -3.479  1.00 21.15 ? 134 VAL X CG1 1 
ATOM   1005 C  CG2 . VAL A 1 134 ? 11.581  3.826   -4.016  1.00 21.32 ? 134 VAL X CG2 1 
ATOM   1006 N  N   . VAL A 1 135 ? 9.241   0.294   -6.140  1.00 21.35 ? 135 VAL X N   1 
ATOM   1007 C  CA  . VAL A 1 135 ? 8.643   -1.034  -6.216  1.00 20.28 ? 135 VAL X CA  1 
ATOM   1008 C  C   . VAL A 1 135 ? 9.353   -1.948  -5.175  1.00 19.40 ? 135 VAL X C   1 
ATOM   1009 O  O   . VAL A 1 135 ? 10.603  -2.072  -5.190  1.00 21.37 ? 135 VAL X O   1 
ATOM   1010 C  CB  . VAL A 1 135 ? 8.789   -1.599  -7.636  1.00 20.96 ? 135 VAL X CB  1 
ATOM   1011 C  CG1 . VAL A 1 135 ? 8.350   -3.058  -7.697  1.00 23.45 ? 135 VAL X CG1 1 
ATOM   1012 C  CG2 . VAL A 1 135 ? 7.988   -0.738  -8.622  1.00 22.42 ? 135 VAL X CG2 1 
ATOM   1013 N  N   . PHE A 1 136 ? 8.575   -2.528  -4.267  1.00 20.60 ? 136 PHE X N   1 
ATOM   1014 C  CA  . PHE A 1 136 ? 9.136   -3.333  -3.145  1.00 23.18 ? 136 PHE X CA  1 
ATOM   1015 C  C   . PHE A 1 136 ? 8.468   -4.706  -2.907  1.00 24.55 ? 136 PHE X C   1 
ATOM   1016 O  O   . PHE A 1 136 ? 8.837   -5.461  -1.971  1.00 24.29 ? 136 PHE X O   1 
ATOM   1017 C  CB  . PHE A 1 136 ? 9.060   -2.460  -1.843  1.00 22.34 ? 136 PHE X CB  1 
ATOM   1018 C  CG  . PHE A 1 136 ? 7.645   -2.202  -1.347  1.00 22.64 ? 136 PHE X CG  1 
ATOM   1019 C  CD1 . PHE A 1 136 ? 6.892   -1.139  -1.824  1.00 25.01 ? 136 PHE X CD1 1 
ATOM   1020 C  CD2 . PHE A 1 136 ? 7.079   -3.023  -0.400  1.00 23.38 ? 136 PHE X CD2 1 
ATOM   1021 C  CE1 . PHE A 1 136 ? 5.601   -0.902  -1.348  1.00 25.15 ? 136 PHE X CE1 1 
ATOM   1022 C  CE2 . PHE A 1 136 ? 5.804   -2.803  0.079   1.00 25.45 ? 136 PHE X CE2 1 
ATOM   1023 C  CZ  . PHE A 1 136 ? 5.064   -1.733  -0.387  1.00 25.72 ? 136 PHE X CZ  1 
ATOM   1024 N  N   . GLY A 1 137 ? 7.460   -5.070  -3.708  1.00 25.09 ? 137 GLY X N   1 
ATOM   1025 C  CA  . GLY A 1 137 ? 6.883   -6.382  -3.491  1.00 25.33 ? 137 GLY X CA  1 
ATOM   1026 C  C   . GLY A 1 137 ? 5.860   -6.724  -4.525  1.00 26.54 ? 137 GLY X C   1 
ATOM   1027 O  O   . GLY A 1 137 ? 5.715   -5.998  -5.519  1.00 24.62 ? 137 GLY X O   1 
ATOM   1028 N  N   . LYS A 1 138 ? 5.186   -7.840  -4.307  1.00 27.68 ? 138 LYS X N   1 
ATOM   1029 C  CA  . LYS A 1 138 ? 4.058   -8.236  -5.170  1.00 31.48 ? 138 LYS X CA  1 
ATOM   1030 C  C   . LYS A 1 138 ? 3.116   -9.219  -4.476  1.00 28.24 ? 138 LYS X C   1 
ATOM   1031 O  O   . LYS A 1 138 ? 3.525   -9.962  -3.564  1.00 28.86 ? 138 LYS X O   1 
ATOM   1032 C  CB  . LYS A 1 138 ? 4.527   -8.795  -6.498  1.00 38.05 ? 138 LYS X CB  1 
ATOM   1033 C  CG  . LYS A 1 138 ? 5.329   -10.048 -6.301  1.00 50.08 ? 138 LYS X CG  1 
ATOM   1034 C  CD  . LYS A 1 138 ? 5.707   -10.806 -7.598  1.00 56.31 ? 138 LYS X CD  1 
ATOM   1035 C  CE  . LYS A 1 138 ? 6.210   -12.232 -7.248  1.00 55.70 ? 138 LYS X CE  1 
ATOM   1036 N  NZ  . LYS A 1 138 ? 7.565   -12.521 -7.777  1.00 61.08 ? 138 LYS X NZ  1 
ATOM   1037 N  N   . VAL A 1 139 ? 1.859   -9.187  -4.890  1.00 26.15 ? 139 VAL X N   1 
ATOM   1038 C  CA  . VAL A 1 139 ? 0.833   -10.128 -4.408  1.00 28.08 ? 139 VAL X CA  1 
ATOM   1039 C  C   . VAL A 1 139 ? 1.170   -11.455 -5.018  1.00 28.54 ? 139 VAL X C   1 
ATOM   1040 O  O   . VAL A 1 139 ? 1.429   -11.516 -6.223  1.00 24.25 ? 139 VAL X O   1 
ATOM   1041 C  CB  . VAL A 1 139 ? -0.603  -9.764  -4.882  1.00 28.19 ? 139 VAL X CB  1 
ATOM   1042 C  CG1 . VAL A 1 139 ? -1.586  -10.841 -4.518  1.00 29.60 ? 139 VAL X CG1 1 
ATOM   1043 C  CG2 . VAL A 1 139 ? -1.046  -8.420  -4.289  1.00 27.70 ? 139 VAL X CG2 1 
ATOM   1044 N  N   . VAL A 1 140 ? 1.214   -12.476 -4.169  1.00 29.01 ? 140 VAL X N   1 
ATOM   1045 C  CA  . VAL A 1 140 ? 1.468   -13.873 -4.581  1.00 30.49 ? 140 VAL X CA  1 
ATOM   1046 C  C   . VAL A 1 140 ? 0.256   -14.777 -4.297  1.00 32.67 ? 140 VAL X C   1 
ATOM   1047 O  O   . VAL A 1 140 ? 0.203   -15.890 -4.790  1.00 34.55 ? 140 VAL X O   1 
ATOM   1048 C  CB  . VAL A 1 140 ? 2.703   -14.466 -3.858  1.00 29.94 ? 140 VAL X CB  1 
ATOM   1049 C  CG1 . VAL A 1 140 ? 4.001   -13.787 -4.307  1.00 28.57 ? 140 VAL X CG1 1 
ATOM   1050 C  CG2 . VAL A 1 140 ? 2.524   -14.438 -2.356  1.00 28.80 ? 140 VAL X CG2 1 
ATOM   1051 N  N   . ASP A 1 141 ? -0.713  -14.342 -3.518  1.00 31.77 ? 141 ASP X N   1 
ATOM   1052 C  CA  . ASP A 1 141 ? -1.923  -15.150 -3.338  1.00 34.27 ? 141 ASP X CA  1 
ATOM   1053 C  C   . ASP A 1 141 ? -3.068  -14.229 -2.975  1.00 34.37 ? 141 ASP X C   1 
ATOM   1054 O  O   . ASP A 1 141 ? -2.826  -13.176 -2.366  1.00 33.46 ? 141 ASP X O   1 
ATOM   1055 C  CB  . ASP A 1 141 ? -1.672  -16.244 -2.256  1.00 43.03 ? 141 ASP X CB  1 
ATOM   1056 C  CG  . ASP A 1 141 ? -2.675  -17.440 -2.342  1.00 48.99 ? 141 ASP X CG  1 
ATOM   1057 O  OD1 . ASP A 1 141 ? -3.139  -17.858 -3.425  1.00 53.79 ? 141 ASP X OD1 1 
ATOM   1058 O  OD2 . ASP A 1 141 ? -3.011  -17.962 -1.282  1.00 55.87 ? 141 ASP X OD2 1 
ATOM   1059 N  N   . GLY A 1 142 ? -4.308  -14.614 -3.333  1.00 32.39 ? 142 GLY X N   1 
ATOM   1060 C  CA  . GLY A 1 142 ? -5.472  -13.793 -3.105  1.00 30.62 ? 142 GLY X CA  1 
ATOM   1061 C  C   . GLY A 1 142 ? -5.548  -12.589 -4.039  1.00 31.06 ? 142 GLY X C   1 
ATOM   1062 O  O   . GLY A 1 142 ? -6.176  -11.573 -3.718  1.00 33.63 ? 142 GLY X O   1 
ATOM   1063 N  N   . TYR A 1 143 ? -4.959  -12.659 -5.222  1.00 32.76 ? 143 TYR X N   1 
ATOM   1064 C  CA  . TYR A 1 143 ? -5.129  -11.538 -6.133  1.00 32.46 ? 143 TYR X CA  1 
ATOM   1065 C  C   . TYR A 1 143 ? -6.612  -11.288 -6.495  1.00 35.87 ? 143 TYR X C   1 
ATOM   1066 O  O   . TYR A 1 143 ? -6.984  -10.194 -6.881  1.00 32.29 ? 143 TYR X O   1 
ATOM   1067 C  CB  . TYR A 1 143 ? -4.366  -11.726 -7.413  1.00 29.95 ? 143 TYR X CB  1 
ATOM   1068 C  CG  . TYR A 1 143 ? -4.476  -10.480 -8.320  1.00 37.60 ? 143 TYR X CG  1 
ATOM   1069 C  CD1 . TYR A 1 143 ? -3.920  -9.257  -7.915  1.00 37.79 ? 143 TYR X CD1 1 
ATOM   1070 C  CD2 . TYR A 1 143 ? -5.153  -10.504 -9.547  1.00 36.87 ? 143 TYR X CD2 1 
ATOM   1071 C  CE1 . TYR A 1 143 ? -3.984  -8.145  -8.715  1.00 37.63 ? 143 TYR X CE1 1 
ATOM   1072 C  CE2 . TYR A 1 143 ? -5.215  -9.379  -10.352 1.00 37.94 ? 143 TYR X CE2 1 
ATOM   1073 C  CZ  . TYR A 1 143 ? -4.639  -8.212  -9.910  1.00 37.46 ? 143 TYR X CZ  1 
ATOM   1074 O  OH  . TYR A 1 143 ? -4.708  -7.089  -10.620 1.00 36.84 ? 143 TYR X OH  1 
ATOM   1075 N  N   . ASN A 1 144 ? -7.417  -12.344 -6.459  1.00 39.09 ? 144 ASN X N   1 
ATOM   1076 C  CA  . ASN A 1 144 ? -8.901  -12.287 -6.664  1.00 42.45 ? 144 ASN X CA  1 
ATOM   1077 C  C   . ASN A 1 144 ? -9.604  -11.380 -5.648  1.00 38.24 ? 144 ASN X C   1 
ATOM   1078 O  O   . ASN A 1 144 ? -10.579 -10.713 -5.984  1.00 39.25 ? 144 ASN X O   1 
ATOM   1079 C  CB  . ASN A 1 144 ? -9.483  -13.703 -6.609  1.00 46.05 ? 144 ASN X CB  1 
ATOM   1080 C  CG  . ASN A 1 144 ? -9.063  -14.434 -5.317  1.00 57.64 ? 144 ASN X CG  1 
ATOM   1081 O  OD1 . ASN A 1 144 ? -7.875  -14.805 -5.141  1.00 58.71 ? 144 ASN X OD1 1 
ATOM   1082 N  ND2 . ASN A 1 144 ? -10.004 -14.578 -4.381  1.00 58.28 ? 144 ASN X ND2 1 
ATOM   1083 N  N   . VAL A 1 145 ? -9.078  -11.320 -4.427  1.00 36.90 ? 145 VAL X N   1 
ATOM   1084 C  CA  . VAL A 1 145 ? -9.547  -10.356 -3.401  1.00 37.18 ? 145 VAL X CA  1 
ATOM   1085 C  C   . VAL A 1 145 ? -9.309  -8.891  -3.835  1.00 38.41 ? 145 VAL X C   1 
ATOM   1086 O  O   . VAL A 1 145 ? -10.164 -8.038  -3.676  1.00 35.90 ? 145 VAL X O   1 
ATOM   1087 C  CB  . VAL A 1 145 ? -8.875  -10.602 -2.045  1.00 38.66 ? 145 VAL X CB  1 
ATOM   1088 C  CG1 . VAL A 1 145 ? -9.427  -9.643  -0.989  1.00 39.12 ? 145 VAL X CG1 1 
ATOM   1089 C  CG2 . VAL A 1 145 ? -9.061  -12.044 -1.591  1.00 39.28 ? 145 VAL X CG2 1 
ATOM   1090 N  N   . VAL A 1 146 ? -8.141  -8.641  -4.427  1.00 38.10 ? 146 VAL X N   1 
ATOM   1091 C  CA  . VAL A 1 146 ? -7.781  -7.349  -5.020  1.00 34.55 ? 146 VAL X CA  1 
ATOM   1092 C  C   . VAL A 1 146 ? -8.727  -6.991  -6.191  1.00 39.42 ? 146 VAL X C   1 
ATOM   1093 O  O   . VAL A 1 146 ? -9.153  -5.803  -6.345  1.00 34.95 ? 146 VAL X O   1 
ATOM   1094 C  CB  . VAL A 1 146 ? -6.297  -7.363  -5.502  1.00 30.86 ? 146 VAL X CB  1 
ATOM   1095 C  CG1 . VAL A 1 146 ? -5.946  -6.059  -6.194  1.00 31.99 ? 146 VAL X CG1 1 
ATOM   1096 C  CG2 . VAL A 1 146 ? -5.345  -7.676  -4.354  1.00 30.37 ? 146 VAL X CG2 1 
ATOM   1097 N  N   . LYS A 1 147 ? -9.033  -8.004  -7.023  1.00 37.95 ? 147 LYS X N   1 
ATOM   1098 C  CA  . LYS A 1 147 ? -10.058 -7.844  -8.078  1.00 41.68 ? 147 LYS X CA  1 
ATOM   1099 C  C   . LYS A 1 147 ? -11.386 -7.413  -7.497  1.00 35.23 ? 147 LYS X C   1 
ATOM   1100 O  O   . LYS A 1 147 ? -12.067 -6.539  -8.036  1.00 37.73 ? 147 LYS X O   1 
ATOM   1101 C  CB  . LYS A 1 147 ? -10.260 -9.132  -8.869  1.00 45.04 ? 147 LYS X CB  1 
ATOM   1102 C  CG  . LYS A 1 147 ? -9.056  -9.614  -9.671  1.00 51.00 ? 147 LYS X CG  1 
ATOM   1103 C  CD  . LYS A 1 147 ? -8.489  -8.586  -10.630 1.00 52.33 ? 147 LYS X CD  1 
ATOM   1104 C  CE  . LYS A 1 147 ? -9.548  -8.023  -11.567 1.00 55.32 ? 147 LYS X CE  1 
ATOM   1105 N  NZ  . LYS A 1 147 ? -8.959  -6.959  -12.414 1.00 52.99 ? 147 LYS X NZ  1 
ATOM   1106 N  N   . ALA A 1 148 ? -11.753 -8.044  -6.396  1.00 33.67 ? 148 ALA X N   1 
ATOM   1107 C  CA  . ALA A 1 148 ? -12.995 -7.720  -5.722  1.00 35.03 ? 148 ALA X CA  1 
ATOM   1108 C  C   . ALA A 1 148 ? -12.984 -6.270  -5.147  1.00 42.03 ? 148 ALA X C   1 
ATOM   1109 O  O   . ALA A 1 148 ? -13.988 -5.537  -5.231  1.00 38.73 ? 148 ALA X O   1 
ATOM   1110 C  CB  . ALA A 1 148 ? -13.254 -8.744  -4.631  1.00 34.80 ? 148 ALA X CB  1 
ATOM   1111 N  N   . MET A 1 149 ? -11.848 -5.848  -4.574  1.00 39.34 ? 149 MET X N   1 
ATOM   1112 C  CA  . MET A 1 149 ? -11.686 -4.463  -4.091  1.00 36.92 ? 149 MET X CA  1 
ATOM   1113 C  C   . MET A 1 149 ? -11.872 -3.500  -5.263  1.00 35.14 ? 149 MET X C   1 
ATOM   1114 O  O   . MET A 1 149 ? -12.516 -2.452  -5.177  1.00 32.80 ? 149 MET X O   1 
ATOM   1115 C  CB  . MET A 1 149 ? -10.280 -4.303  -3.453  1.00 38.77 ? 149 MET X CB  1 
ATOM   1116 C  CG  . MET A 1 149 ? -10.053 -5.155  -2.196  1.00 38.85 ? 149 MET X CG  1 
ATOM   1117 S  SD  . MET A 1 149 ? -8.314  -5.423  -1.750  1.00 41.87 ? 149 MET X SD  1 
ATOM   1118 C  CE  . MET A 1 149 ? -7.802  -3.704  -1.751  1.00 37.73 ? 149 MET X CE  1 
ATOM   1119 N  N   . GLU A 1 150 ? -11.289 -3.888  -6.375  1.00 35.66 ? 150 GLU X N   1 
ATOM   1120 C  CA  . GLU A 1 150 ? -11.204 -3.020  -7.521  1.00 41.93 ? 150 GLU X CA  1 
ATOM   1121 C  C   . GLU A 1 150 ? -12.616 -2.738  -8.092  1.00 46.34 ? 150 GLU X C   1 
ATOM   1122 O  O   . GLU A 1 150 ? -12.902 -1.655  -8.612  1.00 42.79 ? 150 GLU X O   1 
ATOM   1123 C  CB  . GLU A 1 150 ? -10.222 -3.663  -8.528  1.00 39.98 ? 150 GLU X CB  1 
ATOM   1124 C  CG  . GLU A 1 150 ? -9.980  -2.869  -9.779  1.00 42.11 ? 150 GLU X CG  1 
ATOM   1125 C  CD  . GLU A 1 150 ? -9.164  -3.619  -10.805 1.00 40.76 ? 150 GLU X CD  1 
ATOM   1126 O  OE1 . GLU A 1 150 ? -9.199  -4.870  -10.836 1.00 41.78 ? 150 GLU X OE1 1 
ATOM   1127 O  OE2 . GLU A 1 150 ? -8.480  -2.918  -11.590 1.00 39.96 ? 150 GLU X OE2 1 
ATOM   1128 N  N   . LYS A 1 151 ? -13.522 -3.700  -7.927  1.00 52.27 ? 151 LYS X N   1 
ATOM   1129 C  CA  . LYS A 1 151 ? -14.886 -3.516  -8.403  1.00 57.16 ? 151 LYS X CA  1 
ATOM   1130 C  C   . LYS A 1 151 ? -15.670 -2.474  -7.566  1.00 51.43 ? 151 LYS X C   1 
ATOM   1131 O  O   . LYS A 1 151 ? -16.559 -1.850  -8.067  1.00 50.36 ? 151 LYS X O   1 
ATOM   1132 C  CB  . LYS A 1 151 ? -15.599 -4.884  -8.551  1.00 61.59 ? 151 LYS X CB  1 
ATOM   1133 C  CG  . LYS A 1 151 ? -16.347 -5.370  -7.327  1.00 72.53 ? 151 LYS X CG  1 
ATOM   1134 C  CD  . LYS A 1 151 ? -16.494 -6.898  -7.292  1.00 80.26 ? 151 LYS X CD  1 
ATOM   1135 C  CE  . LYS A 1 151 ? -17.194 -7.391  -6.010  1.00 79.82 ? 151 LYS X CE  1 
ATOM   1136 N  NZ  . LYS A 1 151 ? -16.543 -7.012  -4.708  1.00 74.94 ? 151 LYS X NZ  1 
ATOM   1137 N  N   . VAL A 1 152 ? -15.261 -2.234  -6.327  1.00 50.47 ? 152 VAL X N   1 
ATOM   1138 C  CA  . VAL A 1 152 ? -15.897 -1.267  -5.401  1.00 40.16 ? 152 VAL X CA  1 
ATOM   1139 C  C   . VAL A 1 152 ? -15.391 0.183   -5.562  1.00 41.63 ? 152 VAL X C   1 
ATOM   1140 O  O   . VAL A 1 152 ? -15.856 1.080   -4.881  1.00 39.13 ? 152 VAL X O   1 
ATOM   1141 C  CB  . VAL A 1 152 ? -15.761 -1.883  -3.961  1.00 46.18 ? 152 VAL X CB  1 
ATOM   1142 C  CG1 . VAL A 1 152 ? -15.195 -0.964  -2.882  1.00 46.46 ? 152 VAL X CG1 1 
ATOM   1143 C  CG2 . VAL A 1 152 ? -17.078 -2.535  -3.560  1.00 42.96 ? 152 VAL X CG2 1 
ATOM   1144 N  N   . GLY A 1 153 ? -14.444 0.416   -6.476  1.00 40.53 ? 153 GLY X N   1 
ATOM   1145 C  CA  . GLY A 1 153 ? -13.779 1.710   -6.615  1.00 40.24 ? 153 GLY X CA  1 
ATOM   1146 C  C   . GLY A 1 153 ? -14.418 2.483   -7.738  1.00 48.98 ? 153 GLY X C   1 
ATOM   1147 O  O   . GLY A 1 153 ? -15.441 2.088   -8.270  1.00 48.16 ? 153 GLY X O   1 
ATOM   1148 N  N   . SER A 1 154 ? -13.850 3.613   -8.089  1.00 45.97 ? 154 SER X N   1 
ATOM   1149 C  CA  . SER A 1 154 ? -14.501 4.485   -9.049  1.00 47.00 ? 154 SER X CA  1 
ATOM   1150 C  C   . SER A 1 154 ? -13.435 5.179   -9.814  1.00 47.75 ? 154 SER X C   1 
ATOM   1151 O  O   . SER A 1 154 ? -12.281 5.129   -9.430  1.00 45.50 ? 154 SER X O   1 
ATOM   1152 C  CB  . SER A 1 154 ? -15.461 5.471   -8.353  1.00 43.18 ? 154 SER X CB  1 
ATOM   1153 O  OG  . SER A 1 154 ? -14.842 6.542   -7.675  1.00 43.94 ? 154 SER X OG  1 
ATOM   1154 N  N   . GLU A 1 155 ? -13.807 5.826   -10.899 1.00 49.98 ? 155 GLU X N   1 
ATOM   1155 C  CA  . GLU A 1 155 ? -12.812 6.461   -11.729 1.00 50.62 ? 155 GLU X CA  1 
ATOM   1156 C  C   . GLU A 1 155 ? -12.013 7.537   -10.990 1.00 48.12 ? 155 GLU X C   1 
ATOM   1157 O  O   . GLU A 1 155 ? -10.812 7.640   -11.148 1.00 49.89 ? 155 GLU X O   1 
ATOM   1158 C  CB  . GLU A 1 155 ? -13.454 7.059   -12.945 1.00 58.02 ? 155 GLU X CB  1 
ATOM   1159 C  CG  . GLU A 1 155 ? -12.499 7.241   -14.087 1.00 61.78 ? 155 GLU X CG  1 
ATOM   1160 C  CD  . GLU A 1 155 ? -13.126 8.133   -15.115 1.00 72.32 ? 155 GLU X CD  1 
ATOM   1161 O  OE1 . GLU A 1 155 ? -14.220 7.790   -15.633 1.00 67.14 ? 155 GLU X OE1 1 
ATOM   1162 O  OE2 . GLU A 1 155 ? -12.546 9.203   -15.361 1.00 80.00 ? 155 GLU X OE2 1 
ATOM   1163 N  N   . ARG A 1 156 ? -12.658 8.318   -10.158 1.00 50.46 ? 156 ARG X N   1 
ATOM   1164 C  CA  . ARG A 1 156 ? -11.941 9.360   -9.453  1.00 50.75 ? 156 ARG X CA  1 
ATOM   1165 C  C   . ARG A 1 156 ? -11.399 8.794   -8.132  1.00 51.80 ? 156 ARG X C   1 
ATOM   1166 O  O   . ARG A 1 156 ? -10.641 9.445   -7.468  1.00 53.24 ? 156 ARG X O   1 
ATOM   1167 C  CB  . ARG A 1 156 ? -12.838 10.574  -9.242  1.00 56.66 ? 156 ARG X CB  1 
ATOM   1168 C  CG  . ARG A 1 156 ? -13.839 10.425  -8.100  1.00 62.77 ? 156 ARG X CG  1 
ATOM   1169 C  CD  . ARG A 1 156 ? -15.090 11.263  -8.350  1.00 71.25 ? 156 ARG X CD  1 
ATOM   1170 N  NE  . ARG A 1 156 ? -16.221 10.758  -7.581  1.00 76.06 ? 156 ARG X NE  1 
ATOM   1171 C  CZ  . ARG A 1 156 ? -16.848 9.602   -7.822  1.00 78.62 ? 156 ARG X CZ  1 
ATOM   1172 N  NH1 . ARG A 1 156 ? -16.461 8.798   -8.818  1.00 83.15 ? 156 ARG X NH1 1 
ATOM   1173 N  NH2 . ARG A 1 156 ? -17.864 9.231   -7.053  1.00 70.81 ? 156 ARG X NH2 1 
ATOM   1174 N  N   . GLY A 1 157 ? -11.808 7.602   -7.737  1.00 44.22 ? 157 GLY X N   1 
ATOM   1175 C  CA  . GLY A 1 157 ? -11.118 6.906   -6.701  1.00 41.72 ? 157 GLY X CA  1 
ATOM   1176 C  C   . GLY A 1 157 ? -11.928 6.671   -5.474  1.00 42.38 ? 157 GLY X C   1 
ATOM   1177 O  O   . GLY A 1 157 ? -11.509 5.895   -4.617  1.00 40.90 ? 157 GLY X O   1 
ATOM   1178 N  N   . VAL A 1 158 ? -13.090 7.304   -5.363  1.00 44.82 ? 158 VAL X N   1 
ATOM   1179 C  CA  . VAL A 1 158 ? -13.983 7.047   -4.222  1.00 43.76 ? 158 VAL X CA  1 
ATOM   1180 C  C   . VAL A 1 158 ? -14.547 5.625   -4.291  1.00 41.34 ? 158 VAL X C   1 
ATOM   1181 O  O   . VAL A 1 158 ? -14.919 5.136   -5.346  1.00 44.46 ? 158 VAL X O   1 
ATOM   1182 C  CB  . VAL A 1 158 ? -15.160 8.076   -4.120  1.00 49.57 ? 158 VAL X CB  1 
ATOM   1183 C  CG1 . VAL A 1 158 ? -15.972 7.872   -2.833  1.00 52.73 ? 158 VAL X CG1 1 
ATOM   1184 C  CG2 . VAL A 1 158 ? -14.625 9.479   -4.137  1.00 47.99 ? 158 VAL X CG2 1 
ATOM   1185 N  N   . THR A 1 159 ? -14.587 4.971   -3.143  1.00 39.99 ? 159 THR X N   1 
ATOM   1186 C  CA  . THR A 1 159 ? -15.065 3.634   -3.033  1.00 41.06 ? 159 THR X CA  1 
ATOM   1187 C  C   . THR A 1 159 ? -16.521 3.654   -2.557  1.00 43.71 ? 159 THR X C   1 
ATOM   1188 O  O   . THR A 1 159 ? -16.879 4.362   -1.616  1.00 44.07 ? 159 THR X O   1 
ATOM   1189 C  CB  . THR A 1 159 ? -14.224 2.810   -2.022  1.00 42.48 ? 159 THR X CB  1 
ATOM   1190 O  OG1 . THR A 1 159 ? -14.377 3.344   -0.701  1.00 36.75 ? 159 THR X OG1 1 
ATOM   1191 C  CG2 . THR A 1 159 ? -12.753 2.821   -2.416  1.00 44.37 ? 159 THR X CG2 1 
ATOM   1192 N  N   . SER A 1 160 ? -17.341 2.837   -3.194  1.00 48.12 ? 160 SER X N   1 
ATOM   1193 C  CA  . SER A 1 160 ? -18.759 2.758   -2.883  1.00 48.65 ? 160 SER X CA  1 
ATOM   1194 C  C   . SER A 1 160 ? -18.968 1.822   -1.727  1.00 48.54 ? 160 SER X C   1 
ATOM   1195 O  O   . SER A 1 160 ? -20.066 1.635   -1.310  1.00 53.37 ? 160 SER X O   1 
ATOM   1196 C  CB  . SER A 1 160 ? -19.526 2.266   -4.108  1.00 45.80 ? 160 SER X CB  1 
ATOM   1197 O  OG  . SER A 1 160 ? -19.014 1.030   -4.543  1.00 42.52 ? 160 SER X OG  1 
ATOM   1198 N  N   . GLU A 1 161 ? -17.909 1.213   -1.221  1.00 56.37 ? 161 GLU X N   1 
ATOM   1199 C  CA  . GLU A 1 161 ? -17.958 0.422   0.005   1.00 52.74 ? 161 GLU X CA  1 
ATOM   1200 C  C   . GLU A 1 161 ? -16.646 0.668   0.735   1.00 50.56 ? 161 GLU X C   1 
ATOM   1201 O  O   . GLU A 1 161 ? -15.608 0.820   0.081   1.00 49.94 ? 161 GLU X O   1 
ATOM   1202 C  CB  . GLU A 1 161 ? -18.050 -1.067  -0.343  1.00 58.97 ? 161 GLU X CB  1 
ATOM   1203 C  CG  . GLU A 1 161 ? -18.975 -1.841  0.554   1.00 64.82 ? 161 GLU X CG  1 
ATOM   1204 C  CD  . GLU A 1 161 ? -20.401 -1.366  0.390   1.00 63.46 ? 161 GLU X CD  1 
ATOM   1205 O  OE1 . GLU A 1 161 ? -20.941 -1.609  -0.687  1.00 67.73 ? 161 GLU X OE1 1 
ATOM   1206 O  OE2 . GLU A 1 161 ? -20.961 -0.713  1.299   1.00 57.79 ? 161 GLU X OE2 1 
ATOM   1207 N  N   . PRO A 1 162 ? -16.673 0.669   2.079   1.00 46.07 ? 162 PRO X N   1 
ATOM   1208 C  CA  . PRO A 1 162 ? -15.402 0.750   2.807   1.00 44.06 ? 162 PRO X CA  1 
ATOM   1209 C  C   . PRO A 1 162 ? -14.549 -0.514  2.613   1.00 45.93 ? 162 PRO X C   1 
ATOM   1210 O  O   . PRO A 1 162 ? -15.025 -1.620  2.933   1.00 42.63 ? 162 PRO X O   1 
ATOM   1211 C  CB  . PRO A 1 162 ? -15.823 0.897   4.284   1.00 39.98 ? 162 PRO X CB  1 
ATOM   1212 C  CG  . PRO A 1 162 ? -17.225 0.398   4.350   1.00 42.73 ? 162 PRO X CG  1 
ATOM   1213 C  CD  . PRO A 1 162 ? -17.837 0.604   2.986   1.00 42.23 ? 162 PRO X CD  1 
ATOM   1214 N  N   . VAL A 1 163 ? -13.318 -0.347  2.088   1.00 39.41 ? 163 VAL X N   1 
ATOM   1215 C  CA  . VAL A 1 163 ? -12.395 -1.457  1.920   1.00 36.86 ? 163 VAL X CA  1 
ATOM   1216 C  C   . VAL A 1 163 ? -11.375 -1.391  3.039   1.00 36.26 ? 163 VAL X C   1 
ATOM   1217 O  O   . VAL A 1 163 ? -10.519 -0.527  3.047   1.00 38.11 ? 163 VAL X O   1 
ATOM   1218 C  CB  . VAL A 1 163 ? -11.703 -1.418  0.558   1.00 36.86 ? 163 VAL X CB  1 
ATOM   1219 C  CG1 . VAL A 1 163 ? -10.810 -2.649  0.407   1.00 36.74 ? 163 VAL X CG1 1 
ATOM   1220 C  CG2 . VAL A 1 163 ? -12.719 -1.323  -0.583  1.00 37.43 ? 163 VAL X CG2 1 
ATOM   1221 N  N   . VAL A 1 164 ? -11.477 -2.280  4.001   1.00 38.51 ? 164 VAL X N   1 
ATOM   1222 C  CA  . VAL A 1 164 ? -10.612 -2.217  5.180   1.00 35.76 ? 164 VAL X CA  1 
ATOM   1223 C  C   . VAL A 1 164 ? -9.827  -3.475  5.452   1.00 34.29 ? 164 VAL X C   1 
ATOM   1224 O  O   . VAL A 1 164 ? -10.223 -4.585  5.109   1.00 35.92 ? 164 VAL X O   1 
ATOM   1225 C  CB  . VAL A 1 164 ? -11.334 -1.633  6.460   1.00 39.75 ? 164 VAL X CB  1 
ATOM   1226 C  CG1 . VAL A 1 164 ? -12.714 -1.131  6.132   1.00 41.11 ? 164 VAL X CG1 1 
ATOM   1227 C  CG2 . VAL A 1 164 ? -11.317 -2.515  7.713   1.00 38.61 ? 164 VAL X CG2 1 
ATOM   1228 N  N   . ILE A 1 165 ? -8.667  -3.241  6.053   1.00 30.13 ? 165 ILE X N   1 
ATOM   1229 C  CA  . ILE A 1 165 ? -7.740  -4.244  6.451   1.00 32.06 ? 165 ILE X CA  1 
ATOM   1230 C  C   . ILE A 1 165 ? -8.145  -4.579  7.880   1.00 32.89 ? 165 ILE X C   1 
ATOM   1231 O  O   . ILE A 1 165 ? -7.729  -3.932  8.838   1.00 32.36 ? 165 ILE X O   1 
ATOM   1232 C  CB  . ILE A 1 165 ? -6.267  -3.729  6.390   1.00 30.92 ? 165 ILE X CB  1 
ATOM   1233 C  CG1 . ILE A 1 165 ? -5.917  -3.245  4.981   1.00 29.45 ? 165 ILE X CG1 1 
ATOM   1234 C  CG2 . ILE A 1 165 ? -5.327  -4.797  6.881   1.00 30.61 ? 165 ILE X CG2 1 
ATOM   1235 C  CD1 . ILE A 1 165 ? -4.551  -2.571  4.877   1.00 32.28 ? 165 ILE X CD1 1 
ATOM   1236 N  N   . GLU A 1 166 ? -8.996  -5.590  7.985   1.00 33.82 ? 166 GLU X N   1 
ATOM   1237 C  CA  . GLU A 1 166 ? -9.546  -6.043  9.254   1.00 35.13 ? 166 GLU X CA  1 
ATOM   1238 C  C   . GLU A 1 166 ? -8.483  -6.730  10.095  1.00 33.26 ? 166 GLU X C   1 
ATOM   1239 O  O   . GLU A 1 166 ? -8.506  -6.631  11.290  1.00 33.59 ? 166 GLU X O   1 
ATOM   1240 C  CB  . GLU A 1 166 ? -10.700 -6.981  8.975   1.00 40.05 ? 166 GLU X CB  1 
ATOM   1241 C  CG  . GLU A 1 166 ? -11.178 -7.810  10.142  1.00 50.29 ? 166 GLU X CG  1 
ATOM   1242 C  CD  . GLU A 1 166 ? -12.477 -8.507  9.817   1.00 59.04 ? 166 GLU X CD  1 
ATOM   1243 O  OE1 . GLU A 1 166 ? -12.740 -8.763  8.632   1.00 71.08 ? 166 GLU X OE1 1 
ATOM   1244 O  OE2 . GLU A 1 166 ? -13.259 -8.795  10.735  1.00 76.01 ? 166 GLU X OE2 1 
ATOM   1245 N  N   . ASP A 1 167 ? -7.553  -7.437  9.466   1.00 32.59 ? 167 ASP X N   1 
ATOM   1246 C  CA  . ASP A 1 167 ? -6.393  -7.977  10.197  1.00 33.54 ? 167 ASP X CA  1 
ATOM   1247 C  C   . ASP A 1 167 ? -5.228  -8.004  9.228   1.00 31.51 ? 167 ASP X C   1 
ATOM   1248 O  O   . ASP A 1 167 ? -5.420  -7.816  7.986   1.00 31.09 ? 167 ASP X O   1 
ATOM   1249 C  CB  . ASP A 1 167 ? -6.718  -9.367  10.761  1.00 35.79 ? 167 ASP X CB  1 
ATOM   1250 C  CG  . ASP A 1 167 ? -5.792  -9.786  11.914  1.00 39.76 ? 167 ASP X CG  1 
ATOM   1251 O  OD1 . ASP A 1 167 ? -4.960  -8.988  12.431  1.00 37.87 ? 167 ASP X OD1 1 
ATOM   1252 O  OD2 . ASP A 1 167 ? -5.887  -10.957 12.299  1.00 41.80 ? 167 ASP X OD2 1 
ATOM   1253 N  N   . CYS A 1 168 ? -4.032  -8.208  9.777   1.00 27.38 ? 168 CYS X N   1 
ATOM   1254 C  CA  . CYS A 1 168 ? -2.800  -8.209  8.970   1.00 28.05 ? 168 CYS X CA  1 
ATOM   1255 C  C   . CYS A 1 168 ? -1.652  -8.742  9.755   1.00 28.46 ? 168 CYS X C   1 
ATOM   1256 O  O   . CYS A 1 168 ? -1.782  -8.989  10.915  1.00 30.01 ? 168 CYS X O   1 
ATOM   1257 C  CB  . CYS A 1 168 ? -2.467  -6.807  8.411   1.00 29.83 ? 168 CYS X CB  1 
ATOM   1258 S  SG  . CYS A 1 168 ? -2.332  -5.484  9.652   1.00 30.75 ? 168 CYS X SG  1 
ATOM   1259 N  N   . GLY A 1 169 ? -0.514  -8.968  9.118   1.00 30.70 ? 169 GLY X N   1 
ATOM   1260 C  CA  . GLY A 1 169 ? 0.600   -9.550  9.798   1.00 27.56 ? 169 GLY X CA  1 
ATOM   1261 C  C   . GLY A 1 169 ? 1.604   -10.230 8.925   1.00 27.91 ? 169 GLY X C   1 
ATOM   1262 O  O   . GLY A 1 169 ? 1.580   -10.106 7.693   1.00 29.80 ? 169 GLY X O   1 
ATOM   1263 N  N   . GLU A 1 170 ? 2.497   -10.969 9.571   1.00 27.70 ? 170 GLU X N   1 
ATOM   1264 C  CA  . GLU A 1 170 ? 3.525   -11.695 8.859   1.00 32.92 ? 170 GLU X CA  1 
ATOM   1265 C  C   . GLU A 1 170 ? 3.172   -13.209 8.834   1.00 35.57 ? 170 GLU X C   1 
ATOM   1266 O  O   . GLU A 1 170 ? 2.517   -13.695 9.675   1.00 31.72 ? 170 GLU X O   1 
ATOM   1267 C  CB  . GLU A 1 170 ? 4.874   -11.392 9.501   1.00 32.71 ? 170 GLU X CB  1 
ATOM   1268 C  CG  . GLU A 1 170 ? 6.026   -11.752 8.602   1.00 33.76 ? 170 GLU X CG  1 
ATOM   1269 C  CD  . GLU A 1 170 ? 7.370   -11.407 9.185   1.00 34.85 ? 170 GLU X CD  1 
ATOM   1270 O  OE1 . GLU A 1 170 ? 7.428   -10.706 10.217  1.00 31.63 ? 170 GLU X OE1 1 
ATOM   1271 O  OE2 . GLU A 1 170 ? 8.378   -11.830 8.567   1.00 33.52 ? 170 GLU X OE2 1 
ATOM   1272 N  N   . ILE A 1 171 ? 3.580   -13.947 7.834   1.00 39.87 ? 171 ILE X N   1 
ATOM   1273 C  CA  . ILE A 1 171 ? 3.368   -15.415 7.829   1.00 39.49 ? 171 ILE X CA  1 
ATOM   1274 C  C   . ILE A 1 171 ? 4.664   -16.115 8.238   1.00 37.89 ? 171 ILE X C   1 
ATOM   1275 O  O   . ILE A 1 171 ? 5.650   -15.829 7.580   1.00 36.83 ? 171 ILE X O   1 
ATOM   1276 C  CB  . ILE A 1 171 ? 2.934   -15.774 6.412   1.00 40.79 ? 171 ILE X CB  1 
ATOM   1277 C  CG1 . ILE A 1 171 ? 1.434   -15.474 6.298   1.00 43.67 ? 171 ILE X CG1 1 
ATOM   1278 C  CG2 . ILE A 1 171 ? 3.281   -17.213 6.048   1.00 45.45 ? 171 ILE X CG2 1 
ATOM   1279 C  CD1 . ILE A 1 171 ? 1.040   -14.937 4.948   1.00 44.72 ? 171 ILE X CD1 1 
HETATM 1280 N  N   . BMT B 2 1   ? -0.291  9.824   -5.356  1.00 28.06 ? 1   BMT A N   1 
HETATM 1281 C  CN  . BMT B 2 1   ? -1.620  10.200  -5.958  1.00 29.28 ? 1   BMT A CN  1 
HETATM 1282 C  CA  . BMT B 2 1   ? 0.273   10.786  -4.378  1.00 26.83 ? 1   BMT A CA  1 
HETATM 1283 C  C   . BMT B 2 1   ? -0.459  10.755  -3.059  1.00 26.64 ? 1   BMT A C   1 
HETATM 1284 O  O   . BMT B 2 1   ? -1.461  10.046  -2.949  1.00 23.02 ? 1   BMT A O   1 
HETATM 1285 C  CB  . BMT B 2 1   ? 0.454   12.197  -4.962  1.00 29.71 ? 1   BMT A CB  1 
HETATM 1286 O  OG1 . BMT B 2 1   ? -0.861  12.825  -5.036  1.00 25.56 ? 1   BMT A OG1 1 
HETATM 1287 C  CG2 . BMT B 2 1   ? 1.167   12.144  -6.321  1.00 29.27 ? 1   BMT A CG2 1 
HETATM 1288 C  CD1 . BMT B 2 1   ? 2.486   11.361  -6.335  1.00 26.20 ? 1   BMT A CD1 1 
HETATM 1289 C  CD2 . BMT B 2 1   ? 1.320   13.541  -6.972  1.00 31.95 ? 1   BMT A CD2 1 
HETATM 1290 C  CE  . BMT B 2 1   ? 2.493   14.331  -6.470  1.00 34.88 ? 1   BMT A CE  1 
HETATM 1291 C  CZ  . BMT B 2 1   ? 2.321   15.260  -5.549  1.00 40.40 ? 1   BMT A CZ  1 
HETATM 1292 C  CH  . BMT B 2 1   ? 3.534   16.044  -5.079  1.00 43.84 ? 1   BMT A CH  1 
HETATM 1293 N  N   . ABA B 2 2   ? 0.155   11.472  -2.091  1.00 24.99 ? 2   ABA A N   1 
HETATM 1294 C  CA  . ABA B 2 2   ? -0.202  11.418  -0.718  1.00 26.24 ? 2   ABA A CA  1 
HETATM 1295 C  C   . ABA B 2 2   ? -0.477  12.814  -0.192  1.00 31.45 ? 2   ABA A C   1 
HETATM 1296 O  O   . ABA B 2 2   ? 0.319   13.309  0.608   1.00 34.14 ? 2   ABA A O   1 
HETATM 1297 C  CB  . ABA B 2 2   ? 0.879   10.710  0.073   1.00 27.19 ? 2   ABA A CB  1 
HETATM 1298 C  CG  . ABA B 2 2   ? 1.125   9.283   -0.354  1.00 29.11 ? 2   ABA A CG  1 
HETATM 1299 N  N   . SAR B 2 3   ? -1.576  13.482  -0.566  1.00 31.51 ? 3   SAR A N   1 
HETATM 1300 C  CA  . SAR B 2 3   ? -1.870  14.875  -0.108  1.00 31.33 ? 3   SAR A CA  1 
HETATM 1301 C  C   . SAR B 2 3   ? -2.404  15.656  -1.288  1.00 31.24 ? 3   SAR A C   1 
HETATM 1302 O  O   . SAR B 2 3   ? -3.598  15.839  -1.282  1.00 34.68 ? 3   SAR A O   1 
HETATM 1303 C  CN  . SAR B 2 3   ? -2.608  12.877  -1.460  1.00 35.19 ? 3   SAR A CN  1 
HETATM 1304 N  N   . MLE B 2 4   ? -1.662  15.940  -2.335  1.00 32.65 ? 4   MLE A N   1 
HETATM 1305 C  CN  . MLE B 2 4   ? -0.227  15.586  -2.440  1.00 37.32 ? 4   MLE A CN  1 
HETATM 1306 C  CA  . MLE B 2 4   ? -2.358  16.518  -3.506  1.00 36.25 ? 4   MLE A CA  1 
HETATM 1307 C  CB  . MLE B 2 4   ? -1.661  17.737  -4.124  1.00 37.34 ? 4   MLE A CB  1 
HETATM 1308 C  CG  . MLE B 2 4   ? -1.581  19.003  -3.351  1.00 41.83 ? 4   MLE A CG  1 
HETATM 1309 C  CD1 . MLE B 2 4   ? -0.897  20.002  -4.280  1.00 43.48 ? 4   MLE A CD1 1 
HETATM 1310 C  CD2 . MLE B 2 4   ? -2.980  19.472  -3.006  1.00 43.35 ? 4   MLE A CD2 1 
HETATM 1311 C  C   . MLE B 2 4   ? -2.465  15.532  -4.680  1.00 33.93 ? 4   MLE A C   1 
HETATM 1312 O  O   . MLE B 2 4   ? -1.518  15.385  -5.453  1.00 33.93 ? 4   MLE A O   1 
ATOM   1313 N  N   . VAL B 2 5   ? -3.622  14.943  -4.875  1.00 30.24 ? 5   VAL A N   1 
ATOM   1314 C  CA  . VAL B 2 5   ? -3.929  14.064  -5.991  1.00 35.38 ? 5   VAL A CA  1 
ATOM   1315 C  C   . VAL B 2 5   ? -3.863  14.871  -7.264  1.00 37.22 ? 5   VAL A C   1 
ATOM   1316 O  O   . VAL B 2 5   ? -4.376  15.947  -7.244  1.00 38.98 ? 5   VAL A O   1 
ATOM   1317 C  CB  . VAL B 2 5   ? -5.272  13.412  -5.677  1.00 33.26 ? 5   VAL A CB  1 
ATOM   1318 C  CG1 . VAL B 2 5   ? -5.696  12.483  -6.783  1.00 38.08 ? 5   VAL A CG1 1 
ATOM   1319 C  CG2 . VAL B 2 5   ? -5.287  12.587  -4.399  1.00 33.95 ? 5   VAL A CG2 1 
HETATM 1320 N  N   . MLE B 2 6   ? -3.186  14.489  -8.366  1.00 38.59 ? 6   MLE A N   1 
HETATM 1321 C  CN  . MLE B 2 6   ? -2.550  13.178  -8.521  1.00 36.79 ? 6   MLE A CN  1 
HETATM 1322 C  CA  . MLE B 2 6   ? -3.048  15.449  -9.515  1.00 37.99 ? 6   MLE A CA  1 
HETATM 1323 C  CB  . MLE B 2 6   ? -1.571  15.940  -9.718  1.00 35.87 ? 6   MLE A CB  1 
HETATM 1324 C  CG  . MLE B 2 6   ? -0.955  16.553  -8.490  1.00 34.65 ? 6   MLE A CG  1 
HETATM 1325 C  CD1 . MLE B 2 6   ? 0.539   16.746  -8.668  1.00 36.34 ? 6   MLE A CD1 1 
HETATM 1326 C  CD2 . MLE B 2 6   ? -1.634  17.889  -8.156  1.00 32.16 ? 6   MLE A CD2 1 
HETATM 1327 C  C   . MLE B 2 6   ? -3.634  14.855  -10.781 1.00 35.38 ? 6   MLE A C   1 
HETATM 1328 O  O   . MLE B 2 6   ? -4.483  14.018  -10.659 1.00 36.03 ? 6   MLE A O   1 
ATOM   1329 N  N   . ALA B 2 7   ? -3.267  15.264  -11.984 1.00 38.04 ? 7   ALA A N   1 
ATOM   1330 C  CA  . ALA B 2 7   ? -3.917  14.781  -13.186 1.00 38.04 ? 7   ALA A CA  1 
ATOM   1331 C  C   . ALA B 2 7   ? -3.371  13.413  -13.588 1.00 39.64 ? 7   ALA A C   1 
ATOM   1332 O  O   . ALA B 2 7   ? -2.345  12.961  -13.051 1.00 33.72 ? 7   ALA A O   1 
ATOM   1333 C  CB  . ALA B 2 7   ? -3.705  15.805  -14.299 1.00 38.99 ? 7   ALA A CB  1 
HETATM 1334 N  N   . DAL B 2 8   ? -4.055  12.769  -14.556 1.00 35.25 ? 8   DAL A N   1 
HETATM 1335 C  CA  . DAL B 2 8   ? -3.595  11.522  -15.145 1.00 35.58 ? 8   DAL A CA  1 
HETATM 1336 C  CB  . DAL B 2 8   ? -4.286  11.266  -16.468 1.00 35.22 ? 8   DAL A CB  1 
HETATM 1337 C  C   . DAL B 2 8   ? -3.780  10.315  -14.228 1.00 36.01 ? 8   DAL A C   1 
HETATM 1338 O  O   . DAL B 2 8   ? -4.789  10.190  -13.538 1.00 31.41 ? 8   DAL A O   1 
HETATM 1339 N  N   . MLE B 2 9   ? -2.810  9.402   -14.175 1.00 30.96 ? 9   MLE A N   1 
HETATM 1340 C  CN  . MLE B 2 9   ? -1.655  9.429   -15.062 1.00 32.23 ? 9   MLE A CN  1 
HETATM 1341 C  CA  . MLE B 2 9   ? -2.945  8.312   -13.166 1.00 30.39 ? 9   MLE A CA  1 
HETATM 1342 C  CB  . MLE B 2 9   ? -3.087  6.966   -13.897 1.00 29.54 ? 9   MLE A CB  1 
HETATM 1343 C  CG  . MLE B 2 9   ? -4.270  6.810   -14.812 1.00 25.18 ? 9   MLE A CG  1 
HETATM 1344 C  CD1 . MLE B 2 9   ? -4.115  5.489   -15.547 1.00 27.77 ? 9   MLE A CD1 1 
HETATM 1345 C  CD2 . MLE B 2 9   ? -5.542  6.796   -14.002 1.00 25.63 ? 9   MLE A CD2 1 
HETATM 1346 C  C   . MLE B 2 9   ? -1.794  8.293   -12.177 1.00 30.41 ? 9   MLE A C   1 
HETATM 1347 O  O   . MLE B 2 9   ? -0.821  7.566   -12.413 1.00 26.68 ? 9   MLE A O   1 
HETATM 1348 N  N   . MLE B 2 10  ? -1.858  9.111   -11.103 1.00 30.47 ? 10  MLE A N   1 
HETATM 1349 C  CN  . MLE B 2 10  ? -2.969  10.011  -10.813 1.00 32.19 ? 10  MLE A CN  1 
HETATM 1350 C  CA  . MLE B 2 10  ? -0.686  9.102   -10.204 1.00 27.30 ? 10  MLE A CA  1 
HETATM 1351 C  CB  . MLE B 2 10  ? -0.095  10.526  -10.074 1.00 29.98 ? 10  MLE A CB  1 
HETATM 1352 C  CG  . MLE B 2 10  ? 0.216   11.209  -11.411 1.00 30.69 ? 10  MLE A CG  1 
HETATM 1353 C  CD1 . MLE B 2 10  ? 0.843   12.592  -11.160 1.00 32.57 ? 10  MLE A CD1 1 
HETATM 1354 C  CD2 . MLE B 2 10  ? 1.147   10.420  -12.321 1.00 31.91 ? 10  MLE A CD2 1 
HETATM 1355 C  C   . MLE B 2 10  ? -1.027  8.473   -8.921  1.00 26.18 ? 10  MLE A C   1 
HETATM 1356 O  O   . MLE B 2 10  ? -2.209  8.254   -8.657  1.00 24.71 ? 10  MLE A O   1 
HETATM 1357 N  N   . MVA B 2 11  ? 0.003   8.168   -8.081  1.00 26.57 ? 11  MVA A N   1 
HETATM 1358 C  CN  . MVA B 2 11  ? 1.408   8.199   -8.400  1.00 26.40 ? 11  MVA A CN  1 
HETATM 1359 C  CA  . MVA B 2 11  ? -0.305  7.773   -6.672  1.00 25.72 ? 11  MVA A CA  1 
HETATM 1360 C  CB  . MVA B 2 11  ? -0.479  6.220   -6.476  1.00 26.54 ? 11  MVA A CB  1 
HETATM 1361 C  CG1 . MVA B 2 11  ? 0.010   5.334   -7.605  1.00 28.17 ? 11  MVA A CG1 1 
HETATM 1362 C  CG2 . MVA B 2 11  ? -0.497  5.645   -5.059  1.00 24.32 ? 11  MVA A CG2 1 
HETATM 1363 C  C   . MVA B 2 11  ? 0.392   8.659   -5.631  1.00 25.22 ? 11  MVA A C   1 
HETATM 1364 O  O   . MVA B 2 11  ? 1.444   8.316   -5.105  1.00 26.56 ? 11  MVA A O   1 
HETATM 1365 MG MG  . MG  C 3 .   ? 5.045   -1.271  13.598  1.00 33.73 ? 201 MG  X MG  1 
HETATM 1366 C  C1  . MLI D 4 .   ? 7.294   7.568   19.227  1.00 49.97 ? 202 MLI X C1  1 
HETATM 1367 C  C2  . MLI D 4 .   ? 8.445   8.314   19.793  1.00 50.03 ? 202 MLI X C2  1 
HETATM 1368 C  C3  . MLI D 4 .   ? 6.515   7.453   20.499  1.00 49.20 ? 202 MLI X C3  1 
HETATM 1369 O  O6  . MLI D 4 .   ? 9.554   7.837   19.661  1.00 55.80 ? 202 MLI X O6  1 
HETATM 1370 O  O7  . MLI D 4 .   ? 8.228   9.369   20.416  1.00 59.46 ? 202 MLI X O7  1 
HETATM 1371 O  O8  . MLI D 4 .   ? 7.087   6.946   21.458  1.00 57.75 ? 202 MLI X O8  1 
HETATM 1372 O  O9  . MLI D 4 .   ? 5.371   7.874   20.606  1.00 48.24 ? 202 MLI X O9  1 
HETATM 1373 O  O   . HOH E 5 .   ? 12.346  10.811  8.347   0.50 19.11 ? 301 HOH X O   1 
HETATM 1374 O  O   . HOH E 5 .   ? -6.118  -15.956 -6.165  1.00 39.55 ? 302 HOH X O   1 
HETATM 1375 O  O   . HOH E 5 .   ? -5.442  4.866   3.325   1.00 27.19 ? 303 HOH X O   1 
HETATM 1376 O  O   . HOH E 5 .   ? 7.611   7.600   12.814  1.00 34.95 ? 304 HOH X O   1 
HETATM 1377 O  O   . HOH E 5 .   ? 1.606   7.698   14.831  1.00 37.80 ? 305 HOH X O   1 
HETATM 1378 O  O   . HOH E 5 .   ? 8.180   7.510   -15.137 1.00 27.57 ? 306 HOH X O   1 
HETATM 1379 O  O   . HOH E 5 .   ? 14.011  -1.462  8.782   1.00 40.26 ? 307 HOH X O   1 
HETATM 1380 O  O   . HOH E 5 .   ? 1.735   -0.851  16.824  1.00 34.92 ? 308 HOH X O   1 
HETATM 1381 O  O   . HOH E 5 .   ? 5.232   -8.163  -12.940 1.00 32.79 ? 309 HOH X O   1 
HETATM 1382 O  O   . HOH E 5 .   ? 12.721  -4.370  11.977  1.00 37.16 ? 310 HOH X O   1 
HETATM 1383 O  O   . HOH E 5 .   ? 8.935   -5.507  -11.497 1.00 30.71 ? 311 HOH X O   1 
HETATM 1384 O  O   . HOH E 5 .   ? 4.139   6.686   1.453   1.00 19.61 ? 312 HOH X O   1 
HETATM 1385 O  O   . HOH E 5 .   ? -15.471 -2.706  5.301   1.00 37.86 ? 313 HOH X O   1 
HETATM 1386 O  O   . HOH E 5 .   ? 4.092   9.650   1.861   1.00 30.20 ? 314 HOH X O   1 
HETATM 1387 O  O   . HOH E 5 .   ? -1.124  -7.346  13.093  1.00 32.81 ? 315 HOH X O   1 
HETATM 1388 O  O   . HOH E 5 .   ? 18.992  -0.651  -0.236  0.50 31.26 ? 316 HOH X O   1 
HETATM 1389 O  O   . HOH E 5 .   ? 6.274   11.019  11.949  1.00 28.57 ? 317 HOH X O   1 
HETATM 1390 O  O   . HOH E 5 .   ? 9.694   13.648  12.483  1.00 32.66 ? 318 HOH X O   1 
HETATM 1391 O  O   . HOH E 5 .   ? 8.678   6.083   -3.653  1.00 19.51 ? 319 HOH X O   1 
HETATM 1392 O  O   . HOH E 5 .   ? 15.295  4.418   2.272   1.00 28.38 ? 320 HOH X O   1 
HETATM 1393 O  O   . HOH E 5 .   ? 9.402   9.432   -2.321  1.00 20.58 ? 321 HOH X O   1 
HETATM 1394 O  O   . HOH E 5 .   ? 11.596  0.861   -7.776  1.00 21.72 ? 322 HOH X O   1 
HETATM 1395 O  O   . HOH E 5 .   ? -4.739  0.878   4.333   1.00 31.36 ? 323 HOH X O   1 
HETATM 1396 O  O   . HOH E 5 .   ? 15.618  7.878   8.130   1.00 33.33 ? 324 HOH X O   1 
HETATM 1397 O  O   . HOH E 5 .   ? 13.176  -1.196  -6.451  1.00 19.42 ? 325 HOH X O   1 
HETATM 1398 O  O   . HOH E 5 .   ? 18.025  2.944   -8.474  1.00 29.51 ? 326 HOH X O   1 
HETATM 1399 O  O   . HOH E 5 .   ? -9.436  -12.901 4.981   1.00 51.82 ? 327 HOH X O   1 
HETATM 1400 O  O   . HOH E 5 .   ? 4.713   11.234  8.054   1.00 26.81 ? 328 HOH X O   1 
HETATM 1401 O  O   . HOH E 5 .   ? 13.760  -6.152  4.812   1.00 36.99 ? 329 HOH X O   1 
HETATM 1402 O  O   . HOH E 5 .   ? 12.102  3.823   -0.662  1.00 16.43 ? 330 HOH X O   1 
HETATM 1403 O  O   . HOH E 5 .   ? 2.075   12.898  6.354   1.00 23.38 ? 331 HOH X O   1 
HETATM 1404 O  O   . HOH E 5 .   ? 7.396   0.725   2.824   1.00 20.41 ? 332 HOH X O   1 
HETATM 1405 O  O   . HOH E 5 .   ? 11.236  -4.803  -12.603 1.00 22.37 ? 333 HOH X O   1 
HETATM 1406 O  O   . HOH E 5 .   ? 11.807  -7.066  6.298   1.00 33.77 ? 334 HOH X O   1 
HETATM 1407 O  O   . HOH E 5 .   ? 2.449   0.686   -18.313 1.00 35.32 ? 335 HOH X O   1 
HETATM 1408 O  O   . HOH E 5 .   ? 7.539   -1.200  -16.191 1.00 33.56 ? 336 HOH X O   1 
HETATM 1409 O  O   . HOH E 5 .   ? 7.548   -13.694 6.526   1.00 36.94 ? 337 HOH X O   1 
HETATM 1410 O  O   . HOH E 5 .   ? -0.834  12.554  10.209  1.00 35.36 ? 338 HOH X O   1 
HETATM 1411 O  O   . HOH E 5 .   ? 10.150  2.279   -10.173 1.00 23.73 ? 339 HOH X O   1 
HETATM 1412 O  O   . HOH E 5 .   ? -11.107 3.747   -13.510 1.00 42.33 ? 340 HOH X O   1 
HETATM 1413 O  O   . HOH E 5 .   ? -16.470 5.561   -12.206 1.00 37.06 ? 341 HOH X O   1 
HETATM 1414 O  O   . HOH E 5 .   ? -4.377  9.760   -1.880  1.00 33.96 ? 342 HOH X O   1 
HETATM 1415 O  O   . HOH E 5 .   ? 4.144   10.341  -9.720  1.00 21.34 ? 343 HOH X O   1 
HETATM 1416 O  O   . HOH E 5 .   ? 2.690   8.270   3.975   1.00 23.08 ? 344 HOH X O   1 
HETATM 1417 O  O   . HOH E 5 .   ? 2.720   -2.352  -12.381 1.00 26.87 ? 345 HOH X O   1 
HETATM 1418 O  O   . HOH E 5 .   ? 19.587  0.594   -2.183  0.50 30.20 ? 346 HOH X O   1 
HETATM 1419 O  O   . HOH E 5 .   ? -7.463  3.232   -15.279 1.00 39.29 ? 347 HOH X O   1 
HETATM 1420 O  O   . HOH E 5 .   ? -0.781  -11.200 -9.191  1.00 40.86 ? 348 HOH X O   1 
HETATM 1421 O  O   . HOH E 5 .   ? -6.858  2.871   11.573  1.00 45.80 ? 349 HOH X O   1 
HETATM 1422 O  O   . HOH E 5 .   ? 16.270  11.835  1.763   1.00 37.72 ? 350 HOH X O   1 
# 
